data_8YZP
#
_entry.id   8YZP
#
_cell.length_a   1.00
_cell.length_b   1.00
_cell.length_c   1.00
_cell.angle_alpha   90.00
_cell.angle_beta   90.00
_cell.angle_gamma   90.00
#
_symmetry.space_group_name_H-M   'P 1'
#
loop_
_entity.id
_entity.type
_entity.pdbx_description
1 polymer 'ABC transporter G family member 23-like Protein'
2 non-polymer '[(2~{R})-1-[2-azanylethoxy(oxidanyl)phosphoryl]oxy-3-[(5~{Z},8~{Z},11~{E},14~{E},17~{Z})-icosa-5,8,11,14,17-pentaenoxy]propan-2-yl] octadecanoate'
3 non-polymer (~{E})-~{N}-[(2~{S},3~{R})-1,3-bis(oxidanyl)octadecan-2-yl]octadec-9-enamide
#
_entity_poly.entity_id   1
_entity_poly.type   'polypeptide(L)'
_entity_poly.pdbx_seq_one_letter_code
;MGEDDKLKRMFSWSSNALSEGSAMGERVEPVVPGPDLVGVNVERPPAPLVHQQSTVWSKRQHAVCVRHAFKQYGSKKNPN
HVLSDLNMTVAKGTIYGLLGASGCGKTTLLSCIVGRRRLNTGEIWVLGGKPGTKGSGVPGKRVGYMPQEIALYGEFSIKE
TMMYFGWIFGMESSEINERLQFLLNFLDLPSQNRLVKNLSGGQQRRVSFAVALMHDPELLILDEPTVGVDPLLRQSIWNH
LVQITKDGNKTVIITTHYIEEARQAHTIGLMRSGKLLAEESPHVLLSMYGCQSLEEVFLKLSRKQGQANQNDINISNNIS
LATLNWGKKDSISVTEESGVVGLNFHQSKEILIADSTNGHIDLNGLGKPSSSKSSMADACDDCSCSDMTSWGKIKALLQK
NFLRMWRNVGVMLFIFALPVMQVILFCLAIGRDPTGLKLAIVNHEKNYTNQSYQECSFDYGCKFSYLSCRYLNNLRNSTI
LKEYYPDPESAVDAVKQGHAWGALYFTENFTDALVARMALGKDADPETLDQSEVRVWLDMSNQQIGIILQRDLQLSYQDF
AKDLLGACEQNPDLAEIPISFKEPIYGSNKPSFTDFVAPGVILTIVFFLAVALTSSALIIERMEGLLDRSWVAGVTPGEI
LFSHVVTQFVVMCGQTALVLIFMILVFGVQCKGDIGWVIVLTILQGLCGMCFGFVISAICELERNAIQLALGSFYPTLLL
SGVIWPIEGMPTVLRYVSTFLPLTLATTSLRAMLTRGWSIAEPAVYYGFLATIIWIVAFLTISMLVLRFKR
;
_entity_poly.pdbx_strand_id   A,B
#
# COMPACT_ATOMS: atom_id res chain seq x y z
N HIS A 62 -7.71 -47.19 -25.89
CA HIS A 62 -6.63 -46.87 -24.97
C HIS A 62 -6.50 -45.35 -24.81
N ALA A 63 -7.04 -44.82 -23.71
CA ALA A 63 -7.09 -43.37 -23.53
C ALA A 63 -5.75 -42.83 -23.02
N VAL A 64 -5.31 -43.28 -21.85
CA VAL A 64 -4.10 -42.77 -21.22
C VAL A 64 -3.16 -43.92 -20.95
N CYS A 65 -1.90 -43.77 -21.37
CA CYS A 65 -0.86 -44.77 -21.12
C CYS A 65 0.34 -44.08 -20.49
N VAL A 66 0.81 -44.64 -19.37
CA VAL A 66 1.94 -44.09 -18.62
C VAL A 66 2.93 -45.24 -18.38
N ARG A 67 4.21 -44.99 -18.66
CA ARG A 67 5.25 -46.00 -18.49
C ARG A 67 6.45 -45.39 -17.81
N HIS A 68 6.82 -45.93 -16.65
CA HIS A 68 8.06 -45.57 -15.94
C HIS A 68 8.15 -44.06 -15.69
N ALA A 69 7.05 -43.48 -15.22
CA ALA A 69 6.96 -42.04 -15.00
C ALA A 69 7.73 -41.68 -13.74
N PHE A 70 8.96 -41.21 -13.91
CA PHE A 70 9.80 -40.78 -12.79
C PHE A 70 9.71 -39.27 -12.65
N LYS A 71 9.30 -38.80 -11.47
CA LYS A 71 9.21 -37.38 -11.18
C LYS A 71 9.61 -37.16 -9.73
N GLN A 72 10.39 -36.10 -9.48
CA GLN A 72 10.89 -35.80 -8.15
C GLN A 72 10.96 -34.30 -7.96
N TYR A 73 10.96 -33.88 -6.69
CA TYR A 73 11.05 -32.49 -6.32
C TYR A 73 12.19 -32.30 -5.32
N GLY A 74 12.84 -31.14 -5.40
CA GLY A 74 13.93 -30.80 -4.50
C GLY A 74 15.07 -30.19 -5.28
N SER A 75 16.22 -30.08 -4.61
CA SER A 75 17.42 -29.52 -5.19
C SER A 75 18.65 -30.37 -4.87
N LYS A 76 18.47 -31.70 -4.87
CA LYS A 76 19.55 -32.65 -4.57
C LYS A 76 20.15 -32.44 -3.19
N LYS A 77 19.37 -31.85 -2.27
CA LYS A 77 19.75 -31.73 -0.87
C LYS A 77 18.84 -32.54 0.03
N ASN A 78 17.54 -32.30 -0.03
CA ASN A 78 16.52 -33.13 0.62
C ASN A 78 15.45 -33.45 -0.41
N PRO A 79 15.78 -34.23 -1.44
CA PRO A 79 14.83 -34.46 -2.53
C PRO A 79 13.64 -35.30 -2.08
N ASN A 80 12.50 -35.04 -2.71
CA ASN A 80 11.27 -35.77 -2.44
C ASN A 80 10.88 -36.54 -3.69
N HIS A 81 10.71 -37.86 -3.54
CA HIS A 81 10.32 -38.72 -4.67
C HIS A 81 8.79 -38.78 -4.71
N VAL A 82 8.20 -37.76 -5.32
CA VAL A 82 6.75 -37.71 -5.47
C VAL A 82 6.24 -38.84 -6.34
N LEU A 83 6.98 -39.21 -7.38
CA LEU A 83 6.59 -40.30 -8.26
C LEU A 83 7.73 -41.31 -8.34
N SER A 84 7.36 -42.53 -8.69
CA SER A 84 8.31 -43.64 -8.81
C SER A 84 7.91 -44.42 -10.05
N ASP A 85 8.40 -45.66 -10.15
CA ASP A 85 8.07 -46.49 -11.31
C ASP A 85 6.57 -46.71 -11.38
N LEU A 86 5.91 -46.05 -12.33
CA LEU A 86 4.46 -46.02 -12.42
C LEU A 86 4.03 -46.47 -13.81
N ASN A 87 3.29 -47.58 -13.86
CA ASN A 87 2.63 -48.04 -15.07
C ASN A 87 1.13 -47.97 -14.85
N MET A 88 0.44 -47.23 -15.72
CA MET A 88 -1.00 -47.06 -15.58
C MET A 88 -1.61 -46.95 -16.97
N THR A 89 -2.66 -47.74 -17.20
CA THR A 89 -3.38 -47.75 -18.47
C THR A 89 -4.86 -47.50 -18.20
N VAL A 90 -5.45 -46.57 -18.95
CA VAL A 90 -6.86 -46.24 -18.82
C VAL A 90 -7.54 -46.73 -20.10
N ALA A 91 -8.25 -47.84 -19.99
CA ALA A 91 -8.96 -48.39 -21.15
C ALA A 91 -10.08 -47.43 -21.58
N LYS A 92 -10.30 -47.36 -22.89
CA LYS A 92 -11.29 -46.45 -23.44
C LYS A 92 -12.70 -46.95 -23.18
N GLY A 93 -13.60 -46.00 -22.90
CA GLY A 93 -14.99 -46.34 -22.68
C GLY A 93 -15.34 -46.89 -21.32
N THR A 94 -14.47 -46.69 -20.32
CA THR A 94 -14.69 -47.19 -18.97
C THR A 94 -14.64 -46.04 -17.98
N ILE A 95 -14.89 -46.36 -16.71
CA ILE A 95 -14.74 -45.41 -15.60
C ILE A 95 -13.56 -45.86 -14.77
N TYR A 96 -12.58 -44.99 -14.61
CA TYR A 96 -11.34 -45.29 -13.90
C TYR A 96 -11.30 -44.51 -12.60
N GLY A 97 -11.08 -45.22 -11.49
CA GLY A 97 -11.03 -44.62 -10.18
C GLY A 97 -9.61 -44.66 -9.62
N LEU A 98 -9.14 -43.52 -9.14
CA LEU A 98 -7.85 -43.41 -8.48
C LEU A 98 -8.10 -43.16 -7.00
N LEU A 99 -7.52 -43.99 -6.14
CA LEU A 99 -7.85 -44.04 -4.72
C LEU A 99 -6.60 -43.89 -3.87
N GLY A 100 -5.80 -42.86 -4.18
CA GLY A 100 -4.59 -42.62 -3.41
C GLY A 100 -4.90 -42.18 -1.98
N ALA A 101 -3.91 -42.39 -1.11
CA ALA A 101 -4.07 -42.07 0.31
C ALA A 101 -4.05 -40.57 0.53
N SER A 102 -2.94 -39.92 0.20
CA SER A 102 -2.82 -38.48 0.34
C SER A 102 -3.45 -37.80 -0.87
N GLY A 103 -3.27 -36.48 -0.99
CA GLY A 103 -3.84 -35.76 -2.11
C GLY A 103 -2.79 -35.09 -2.98
N CYS A 104 -1.55 -35.57 -2.90
CA CYS A 104 -0.44 -34.99 -3.65
C CYS A 104 -0.05 -35.82 -4.86
N GLY A 105 0.07 -37.14 -4.70
CA GLY A 105 0.46 -37.98 -5.82
C GLY A 105 -0.56 -37.98 -6.94
N LYS A 106 -1.85 -38.09 -6.58
CA LYS A 106 -2.90 -38.04 -7.59
C LYS A 106 -2.92 -36.70 -8.30
N THR A 107 -2.75 -35.60 -7.55
CA THR A 107 -2.73 -34.28 -8.16
C THR A 107 -1.56 -34.13 -9.11
N THR A 108 -0.38 -34.60 -8.71
CA THR A 108 0.79 -34.52 -9.60
C THR A 108 0.58 -35.35 -10.85
N LEU A 109 0.03 -36.56 -10.71
CA LEU A 109 -0.23 -37.39 -11.88
C LEU A 109 -1.24 -36.75 -12.82
N LEU A 110 -2.30 -36.15 -12.26
CA LEU A 110 -3.30 -35.50 -13.09
C LEU A 110 -2.70 -34.29 -13.81
N SER A 111 -1.87 -33.51 -13.13
CA SER A 111 -1.22 -32.38 -13.77
C SER A 111 -0.30 -32.83 -14.90
N CYS A 112 0.45 -33.91 -14.67
CA CYS A 112 1.32 -34.45 -15.73
C CYS A 112 0.49 -34.95 -16.91
N ILE A 113 -0.66 -35.58 -16.63
CA ILE A 113 -1.50 -36.10 -17.69
C ILE A 113 -2.06 -34.95 -18.54
N VAL A 114 -2.55 -33.90 -17.88
CA VAL A 114 -3.13 -32.78 -18.59
C VAL A 114 -2.09 -32.06 -19.45
N GLY A 115 -0.92 -31.80 -18.87
CA GLY A 115 0.15 -31.14 -19.61
C GLY A 115 0.74 -29.96 -18.87
N ARG A 116 0.15 -29.59 -17.73
CA ARG A 116 0.65 -28.45 -16.97
C ARG A 116 1.99 -28.74 -16.31
N ARG A 117 2.38 -30.02 -16.21
CA ARG A 117 3.65 -30.42 -15.64
C ARG A 117 4.35 -31.38 -16.59
N ARG A 118 5.62 -31.64 -16.32
CA ARG A 118 6.43 -32.52 -17.16
C ARG A 118 7.18 -33.51 -16.29
N LEU A 119 7.45 -34.68 -16.87
CA LEU A 119 8.16 -35.74 -16.18
C LEU A 119 9.68 -35.53 -16.26
N ASN A 120 10.41 -36.31 -15.47
CA ASN A 120 11.86 -36.37 -15.56
C ASN A 120 12.34 -37.57 -16.37
N THR A 121 11.66 -38.70 -16.24
CA THR A 121 11.95 -39.89 -17.04
C THR A 121 10.65 -40.65 -17.28
N GLY A 122 10.52 -41.23 -18.45
CA GLY A 122 9.32 -41.98 -18.81
C GLY A 122 8.56 -41.31 -19.94
N GLU A 123 7.40 -41.90 -20.25
CA GLU A 123 6.55 -41.42 -21.33
C GLU A 123 5.11 -41.37 -20.88
N ILE A 124 4.35 -40.48 -21.52
CA ILE A 124 2.92 -40.34 -21.31
C ILE A 124 2.24 -40.25 -22.67
N TRP A 125 1.20 -41.04 -22.87
CA TRP A 125 0.48 -41.12 -24.14
C TRP A 125 -1.01 -40.99 -23.84
N VAL A 126 -1.54 -39.77 -23.99
CA VAL A 126 -2.92 -39.47 -23.63
C VAL A 126 -3.70 -39.10 -24.89
N LEU A 127 -4.80 -39.82 -25.12
CA LEU A 127 -5.75 -39.53 -26.20
C LEU A 127 -5.10 -39.50 -27.58
N GLY A 128 -3.89 -40.02 -27.72
CA GLY A 128 -3.27 -40.10 -29.03
C GLY A 128 -1.83 -39.62 -29.11
N GLY A 129 -1.48 -38.60 -28.34
CA GLY A 129 -0.15 -38.03 -28.44
C GLY A 129 0.37 -37.51 -27.12
N LYS A 130 1.62 -37.07 -27.15
CA LYS A 130 2.25 -36.52 -25.96
C LYS A 130 1.54 -35.24 -25.53
N PRO A 131 1.26 -35.08 -24.23
CA PRO A 131 0.41 -33.97 -23.79
C PRO A 131 1.05 -32.61 -24.04
N GLY A 132 0.23 -31.64 -24.41
CA GLY A 132 0.67 -30.27 -24.56
C GLY A 132 1.37 -29.95 -25.87
N THR A 133 1.55 -30.94 -26.74
CA THR A 133 2.28 -30.76 -27.99
C THR A 133 1.39 -31.18 -29.16
N LYS A 134 1.98 -31.24 -30.34
CA LYS A 134 1.26 -31.63 -31.55
C LYS A 134 0.91 -33.11 -31.50
N GLY A 135 0.01 -33.51 -32.39
CA GLY A 135 -0.47 -34.87 -32.46
C GLY A 135 -1.64 -35.20 -31.55
N SER A 136 -2.07 -34.25 -30.72
CA SER A 136 -3.21 -34.47 -29.84
C SER A 136 -3.83 -33.13 -29.50
N GLY A 137 -5.07 -33.18 -29.03
CA GLY A 137 -5.76 -31.99 -28.58
C GLY A 137 -6.15 -32.07 -27.12
N VAL A 138 -5.27 -32.68 -26.31
CA VAL A 138 -5.57 -32.84 -24.88
C VAL A 138 -5.76 -31.50 -24.19
N PRO A 139 -4.87 -30.50 -24.34
CA PRO A 139 -5.23 -29.16 -23.87
C PRO A 139 -6.12 -28.47 -24.90
N GLY A 140 -7.41 -28.40 -24.61
CA GLY A 140 -8.36 -27.85 -25.57
C GLY A 140 -9.75 -28.41 -25.29
N LYS A 141 -10.53 -28.51 -26.36
CA LYS A 141 -11.93 -28.90 -26.26
C LYS A 141 -12.14 -30.40 -26.27
N ARG A 142 -11.08 -31.19 -26.26
CA ARG A 142 -11.17 -32.64 -26.25
C ARG A 142 -11.13 -33.23 -24.85
N VAL A 143 -11.01 -32.40 -23.82
CA VAL A 143 -10.86 -32.88 -22.44
C VAL A 143 -11.79 -32.08 -21.54
N GLY A 144 -12.13 -32.68 -20.40
CA GLY A 144 -12.91 -32.02 -19.38
C GLY A 144 -12.23 -32.10 -18.03
N TYR A 145 -11.83 -30.95 -17.47
CA TYR A 145 -11.00 -30.91 -16.28
C TYR A 145 -11.73 -30.16 -15.18
N MET A 146 -12.02 -30.85 -14.07
CA MET A 146 -12.59 -30.23 -12.89
C MET A 146 -11.53 -30.17 -11.81
N PRO A 147 -11.06 -29.00 -11.40
CA PRO A 147 -9.96 -28.93 -10.44
C PRO A 147 -10.39 -29.30 -9.04
N GLN A 148 -9.39 -29.62 -8.22
CA GLN A 148 -9.65 -29.96 -6.82
C GLN A 148 -10.27 -28.80 -6.06
N GLU A 149 -9.77 -27.59 -6.28
CA GLU A 149 -10.33 -26.40 -5.66
C GLU A 149 -11.30 -25.73 -6.61
N ILE A 150 -12.21 -24.94 -6.03
CA ILE A 150 -13.19 -24.20 -6.83
C ILE A 150 -12.45 -23.10 -7.58
N ALA A 151 -12.28 -23.27 -8.89
CA ALA A 151 -11.57 -22.33 -9.73
C ALA A 151 -12.54 -21.48 -10.55
N LEU A 152 -13.66 -21.11 -9.95
CA LEU A 152 -14.66 -20.29 -10.62
C LEU A 152 -14.36 -18.81 -10.41
N TYR A 153 -14.92 -17.99 -11.30
CA TYR A 153 -14.77 -16.54 -11.23
C TYR A 153 -15.88 -15.96 -10.37
N GLY A 154 -15.52 -15.07 -9.44
CA GLY A 154 -16.51 -14.37 -8.67
C GLY A 154 -17.21 -13.31 -9.50
N GLU A 155 -18.13 -12.58 -8.84
CA GLU A 155 -18.94 -11.52 -9.44
C GLU A 155 -19.47 -11.91 -10.82
N PHE A 156 -19.75 -13.19 -11.03
CA PHE A 156 -20.24 -13.72 -12.29
C PHE A 156 -21.53 -14.49 -12.04
N SER A 157 -22.51 -14.30 -12.92
CA SER A 157 -23.68 -15.15 -12.87
C SER A 157 -23.35 -16.53 -13.44
N ILE A 158 -24.23 -17.49 -13.17
CA ILE A 158 -24.04 -18.83 -13.73
C ILE A 158 -24.08 -18.78 -15.25
N LYS A 159 -25.05 -18.05 -15.81
CA LYS A 159 -25.16 -17.93 -17.26
C LYS A 159 -23.91 -17.29 -17.86
N GLU A 160 -23.39 -16.25 -17.21
CA GLU A 160 -22.19 -15.59 -17.72
C GLU A 160 -20.99 -16.53 -17.72
N THR A 161 -20.81 -17.31 -16.65
CA THR A 161 -19.71 -18.26 -16.58
C THR A 161 -19.84 -19.33 -17.66
N MET A 162 -21.04 -19.87 -17.84
CA MET A 162 -21.25 -20.88 -18.87
C MET A 162 -21.00 -20.33 -20.25
N MET A 163 -21.48 -19.10 -20.52
CA MET A 163 -21.25 -18.49 -21.83
C MET A 163 -19.78 -18.22 -22.08
N TYR A 164 -19.06 -17.75 -21.05
CA TYR A 164 -17.63 -17.49 -21.20
C TYR A 164 -16.88 -18.76 -21.52
N PHE A 165 -17.15 -19.83 -20.76
CA PHE A 165 -16.46 -21.10 -21.02
C PHE A 165 -16.84 -21.69 -22.37
N GLY A 166 -18.08 -21.49 -22.81
CA GLY A 166 -18.47 -21.94 -24.13
C GLY A 166 -17.75 -21.18 -25.23
N TRP A 167 -17.59 -19.86 -25.05
CA TRP A 167 -16.85 -19.07 -26.03
C TRP A 167 -15.40 -19.50 -26.09
N ILE A 168 -14.80 -19.82 -24.94
CA ILE A 168 -13.40 -20.27 -24.92
C ILE A 168 -13.25 -21.55 -25.73
N PHE A 169 -14.23 -22.44 -25.67
CA PHE A 169 -14.17 -23.71 -26.38
C PHE A 169 -14.64 -23.60 -27.82
N GLY A 170 -15.04 -22.43 -28.28
CA GLY A 170 -15.47 -22.26 -29.66
C GLY A 170 -16.88 -22.71 -29.95
N MET A 171 -17.70 -22.91 -28.93
CA MET A 171 -19.09 -23.31 -29.14
C MET A 171 -19.93 -22.14 -29.59
N GLU A 172 -21.07 -22.45 -30.21
CA GLU A 172 -22.02 -21.45 -30.66
C GLU A 172 -22.90 -21.03 -29.50
N SER A 173 -23.24 -19.74 -29.45
CA SER A 173 -24.06 -19.23 -28.36
C SER A 173 -25.50 -19.74 -28.42
N SER A 174 -25.93 -20.27 -29.56
CA SER A 174 -27.29 -20.77 -29.67
C SER A 174 -27.46 -22.09 -28.93
N GLU A 175 -26.46 -22.97 -28.99
CA GLU A 175 -26.54 -24.27 -28.34
C GLU A 175 -26.07 -24.24 -26.89
N ILE A 176 -25.51 -23.12 -26.42
CA ILE A 176 -25.12 -23.02 -25.03
C ILE A 176 -26.35 -23.03 -24.13
N ASN A 177 -27.45 -22.43 -24.58
CA ASN A 177 -28.65 -22.36 -23.76
C ASN A 177 -29.21 -23.74 -23.47
N GLU A 178 -29.17 -24.65 -24.45
CA GLU A 178 -29.68 -26.00 -24.23
C GLU A 178 -28.89 -26.72 -23.15
N ARG A 179 -27.56 -26.64 -23.22
CA ARG A 179 -26.72 -27.27 -22.20
C ARG A 179 -26.94 -26.63 -20.83
N LEU A 180 -27.09 -25.30 -20.80
CA LEU A 180 -27.33 -24.61 -19.54
C LEU A 180 -28.63 -25.07 -18.91
N GLN A 181 -29.70 -25.15 -19.69
CA GLN A 181 -30.98 -25.60 -19.16
C GLN A 181 -30.90 -27.05 -18.69
N PHE A 182 -30.26 -27.91 -19.47
CA PHE A 182 -30.14 -29.31 -19.07
C PHE A 182 -29.38 -29.45 -17.76
N LEU A 183 -28.29 -28.70 -17.60
CA LEU A 183 -27.48 -28.82 -16.39
C LEU A 183 -28.17 -28.17 -15.19
N LEU A 184 -28.91 -27.09 -15.40
CA LEU A 184 -29.68 -26.50 -14.31
C LEU A 184 -30.76 -27.46 -13.82
N ASN A 185 -31.44 -28.13 -14.74
CA ASN A 185 -32.47 -29.09 -14.34
C ASN A 185 -31.83 -30.30 -13.66
N PHE A 186 -30.75 -30.83 -14.24
CA PHE A 186 -30.19 -32.09 -13.77
C PHE A 186 -29.47 -31.94 -12.42
N LEU A 187 -28.70 -30.87 -12.26
CA LEU A 187 -27.87 -30.71 -11.06
C LEU A 187 -28.58 -30.01 -9.93
N ASP A 188 -29.85 -29.62 -10.11
CA ASP A 188 -30.65 -28.98 -9.06
C ASP A 188 -29.97 -27.71 -8.55
N LEU A 189 -29.87 -26.75 -9.46
CA LEU A 189 -29.22 -25.47 -9.20
C LEU A 189 -30.25 -24.33 -9.19
N PRO A 190 -29.94 -23.23 -8.51
CA PRO A 190 -30.88 -22.09 -8.47
C PRO A 190 -30.93 -21.34 -9.79
N SER A 191 -31.64 -20.21 -9.80
CA SER A 191 -31.83 -19.44 -11.02
C SER A 191 -30.50 -19.00 -11.60
N GLN A 192 -30.45 -18.94 -12.93
CA GLN A 192 -29.21 -18.64 -13.64
C GLN A 192 -28.71 -17.22 -13.40
N ASN A 193 -29.57 -16.32 -12.94
CA ASN A 193 -29.19 -14.93 -12.73
C ASN A 193 -28.51 -14.69 -11.39
N ARG A 194 -28.49 -15.68 -10.50
CA ARG A 194 -27.85 -15.51 -9.20
C ARG A 194 -26.33 -15.58 -9.37
N LEU A 195 -25.63 -14.63 -8.74
CA LEU A 195 -24.19 -14.57 -8.85
C LEU A 195 -23.53 -15.76 -8.17
N VAL A 196 -22.35 -16.12 -8.66
CA VAL A 196 -21.63 -17.27 -8.11
C VAL A 196 -21.19 -17.00 -6.67
N LYS A 197 -20.73 -15.78 -6.39
CA LYS A 197 -20.27 -15.44 -5.05
C LYS A 197 -21.40 -15.48 -4.03
N ASN A 198 -22.65 -15.42 -4.46
CA ASN A 198 -23.78 -15.50 -3.54
C ASN A 198 -24.18 -16.93 -3.22
N LEU A 199 -23.65 -17.91 -3.94
CA LEU A 199 -23.99 -19.30 -3.68
C LEU A 199 -23.23 -19.83 -2.46
N SER A 200 -23.66 -20.99 -1.98
CA SER A 200 -23.02 -21.61 -0.83
C SER A 200 -21.77 -22.37 -1.28
N GLY A 201 -21.09 -23.00 -0.33
CA GLY A 201 -19.89 -23.74 -0.63
C GLY A 201 -20.11 -25.07 -1.32
N GLY A 202 -21.33 -25.58 -1.31
CA GLY A 202 -21.64 -26.85 -1.94
C GLY A 202 -22.19 -26.68 -3.35
N GLN A 203 -22.87 -25.57 -3.60
CA GLN A 203 -23.40 -25.31 -4.93
C GLN A 203 -22.31 -24.87 -5.90
N GLN A 204 -21.24 -24.26 -5.39
CA GLN A 204 -20.12 -23.87 -6.26
C GLN A 204 -19.46 -25.08 -6.87
N ARG A 205 -19.35 -26.18 -6.11
CA ARG A 205 -18.83 -27.42 -6.67
C ARG A 205 -19.71 -27.95 -7.78
N ARG A 206 -21.04 -27.84 -7.61
CA ARG A 206 -21.96 -28.26 -8.66
C ARG A 206 -21.80 -27.40 -9.90
N VAL A 207 -21.60 -26.08 -9.72
CA VAL A 207 -21.37 -25.21 -10.86
C VAL A 207 -20.08 -25.59 -11.58
N SER A 208 -19.04 -25.91 -10.81
CA SER A 208 -17.78 -26.35 -11.43
C SER A 208 -17.97 -27.66 -12.21
N PHE A 209 -18.73 -28.58 -11.65
CA PHE A 209 -19.03 -29.83 -12.36
C PHE A 209 -19.79 -29.57 -13.65
N ALA A 210 -20.78 -28.67 -13.60
CA ALA A 210 -21.53 -28.31 -14.80
C ALA A 210 -20.62 -27.68 -15.85
N VAL A 211 -19.69 -26.83 -15.42
CA VAL A 211 -18.75 -26.22 -16.35
C VAL A 211 -17.88 -27.29 -17.00
N ALA A 212 -17.39 -28.24 -16.21
CA ALA A 212 -16.57 -29.31 -16.77
C ALA A 212 -17.38 -30.26 -17.66
N LEU A 213 -18.70 -30.30 -17.50
CA LEU A 213 -19.54 -31.22 -18.24
C LEU A 213 -20.26 -30.58 -19.43
N MET A 214 -19.86 -29.36 -19.82
CA MET A 214 -20.63 -28.62 -20.82
C MET A 214 -20.42 -29.15 -22.22
N HIS A 215 -19.20 -29.08 -22.72
CA HIS A 215 -18.93 -29.28 -24.14
C HIS A 215 -18.91 -30.74 -24.56
N ASP A 216 -19.24 -31.67 -23.66
CA ASP A 216 -19.25 -33.11 -23.93
C ASP A 216 -17.89 -33.57 -24.44
N PRO A 217 -16.86 -33.56 -23.60
CA PRO A 217 -15.55 -34.03 -24.04
C PRO A 217 -15.48 -35.55 -24.06
N GLU A 218 -14.44 -36.06 -24.71
CA GLU A 218 -14.22 -37.50 -24.81
C GLU A 218 -13.31 -38.03 -23.71
N LEU A 219 -12.91 -37.19 -22.75
CA LEU A 219 -12.12 -37.63 -21.61
C LEU A 219 -12.40 -36.69 -20.46
N LEU A 220 -13.04 -37.21 -19.41
CA LEU A 220 -13.39 -36.41 -18.24
C LEU A 220 -12.44 -36.73 -17.10
N ILE A 221 -11.80 -35.70 -16.55
CA ILE A 221 -10.90 -35.83 -15.42
C ILE A 221 -11.53 -35.07 -14.27
N LEU A 222 -12.19 -35.79 -13.36
CA LEU A 222 -12.91 -35.19 -12.24
C LEU A 222 -12.11 -35.41 -10.95
N ASP A 223 -11.93 -34.34 -10.19
CA ASP A 223 -11.16 -34.37 -8.95
C ASP A 223 -12.15 -34.22 -7.79
N GLU A 224 -12.59 -35.36 -7.25
CA GLU A 224 -13.57 -35.44 -6.16
C GLU A 224 -14.81 -34.62 -6.48
N PRO A 225 -15.61 -35.02 -7.48
CA PRO A 225 -16.80 -34.23 -7.82
C PRO A 225 -17.90 -34.31 -6.78
N THR A 226 -17.88 -35.32 -5.91
CA THR A 226 -18.92 -35.51 -4.89
C THR A 226 -18.24 -35.50 -3.52
N VAL A 227 -18.12 -34.30 -2.95
CA VAL A 227 -17.53 -34.15 -1.61
C VAL A 227 -18.65 -34.09 -0.59
N GLY A 228 -19.57 -33.14 -0.76
CA GLY A 228 -20.68 -32.99 0.15
C GLY A 228 -22.02 -32.94 -0.56
N VAL A 229 -22.14 -33.69 -1.65
CA VAL A 229 -23.37 -33.71 -2.43
C VAL A 229 -24.38 -34.61 -1.75
N ASP A 230 -25.64 -34.19 -1.76
CA ASP A 230 -26.71 -34.98 -1.17
C ASP A 230 -26.81 -36.32 -1.86
N PRO A 231 -27.03 -37.42 -1.11
CA PRO A 231 -27.05 -38.75 -1.74
C PRO A 231 -28.08 -38.90 -2.85
N LEU A 232 -29.25 -38.26 -2.71
CA LEU A 232 -30.24 -38.28 -3.77
C LEU A 232 -29.71 -37.65 -5.05
N LEU A 233 -28.73 -36.76 -4.94
CA LEU A 233 -28.06 -36.20 -6.11
C LEU A 233 -26.81 -36.95 -6.49
N ARG A 234 -26.12 -37.57 -5.51
CA ARG A 234 -24.95 -38.38 -5.84
C ARG A 234 -25.34 -39.59 -6.68
N GLN A 235 -26.47 -40.23 -6.35
CA GLN A 235 -26.93 -41.37 -7.15
C GLN A 235 -27.25 -40.94 -8.58
N SER A 236 -27.88 -39.77 -8.74
CA SER A 236 -28.18 -39.28 -10.09
C SER A 236 -26.91 -38.95 -10.85
N ILE A 237 -25.93 -38.36 -10.18
CA ILE A 237 -24.66 -38.04 -10.83
C ILE A 237 -23.97 -39.31 -11.29
N TRP A 238 -23.94 -40.33 -10.45
CA TRP A 238 -23.30 -41.59 -10.84
C TRP A 238 -24.07 -42.27 -11.96
N ASN A 239 -25.40 -42.19 -11.94
CA ASN A 239 -26.18 -42.76 -13.04
C ASN A 239 -25.87 -42.05 -14.35
N HIS A 240 -25.76 -40.72 -14.31
CA HIS A 240 -25.40 -39.97 -15.52
C HIS A 240 -24.00 -40.35 -16.01
N LEU A 241 -23.05 -40.49 -15.07
CA LEU A 241 -21.68 -40.84 -15.46
C LEU A 241 -21.62 -42.23 -16.09
N VAL A 242 -22.36 -43.19 -15.54
CA VAL A 242 -22.35 -44.52 -16.14
C VAL A 242 -23.21 -44.59 -17.39
N GLN A 243 -24.10 -43.61 -17.60
CA GLN A 243 -24.90 -43.60 -18.82
C GLN A 243 -24.14 -43.00 -19.99
N ILE A 244 -23.38 -41.93 -19.77
CA ILE A 244 -22.67 -41.29 -20.87
C ILE A 244 -21.59 -42.19 -21.41
N THR A 245 -20.94 -42.97 -20.55
CA THR A 245 -19.87 -43.89 -20.98
C THR A 245 -20.43 -45.29 -21.23
N LYS A 246 -21.41 -45.35 -22.12
CA LYS A 246 -22.08 -46.59 -22.47
C LYS A 246 -21.80 -46.90 -23.94
N ASP A 247 -20.86 -47.81 -24.18
CA ASP A 247 -20.48 -48.24 -25.53
C ASP A 247 -20.10 -47.05 -26.41
N GLY A 248 -19.34 -46.12 -25.83
CA GLY A 248 -18.91 -44.93 -26.53
C GLY A 248 -17.44 -44.66 -26.29
N ASN A 249 -16.98 -43.52 -26.79
CA ASN A 249 -15.60 -43.11 -26.61
C ASN A 249 -15.38 -42.33 -25.32
N LYS A 250 -16.43 -42.02 -24.58
CA LYS A 250 -16.28 -41.22 -23.37
C LYS A 250 -15.60 -42.03 -22.27
N THR A 251 -14.63 -41.39 -21.61
CA THR A 251 -13.88 -41.99 -20.53
C THR A 251 -13.85 -41.05 -19.34
N VAL A 252 -13.86 -41.63 -18.14
CA VAL A 252 -13.83 -40.88 -16.89
C VAL A 252 -12.64 -41.34 -16.07
N ILE A 253 -11.86 -40.39 -15.57
CA ILE A 253 -10.76 -40.66 -14.65
C ILE A 253 -11.06 -39.86 -13.38
N ILE A 254 -11.66 -40.50 -12.39
CA ILE A 254 -12.14 -39.85 -11.18
C ILE A 254 -11.20 -40.19 -10.04
N THR A 255 -10.70 -39.17 -9.36
CA THR A 255 -9.84 -39.33 -8.19
C THR A 255 -10.60 -38.93 -6.94
N THR A 256 -10.45 -39.73 -5.89
CA THR A 256 -11.22 -39.51 -4.67
C THR A 256 -10.43 -39.97 -3.46
N HIS A 257 -10.79 -39.42 -2.31
CA HIS A 257 -10.24 -39.86 -1.04
C HIS A 257 -11.12 -40.89 -0.35
N TYR A 258 -12.42 -40.86 -0.61
CA TYR A 258 -13.37 -41.78 0.01
C TYR A 258 -13.32 -43.10 -0.73
N ILE A 259 -12.88 -44.15 -0.04
CA ILE A 259 -12.66 -45.44 -0.70
C ILE A 259 -14.00 -46.06 -1.11
N GLU A 260 -15.01 -45.97 -0.26
CA GLU A 260 -16.27 -46.65 -0.49
C GLU A 260 -17.14 -46.00 -1.56
N GLU A 261 -16.78 -44.82 -2.05
CA GLU A 261 -17.61 -44.14 -3.03
C GLU A 261 -17.22 -44.46 -4.47
N ALA A 262 -16.16 -45.22 -4.70
CA ALA A 262 -15.66 -45.54 -6.03
C ALA A 262 -15.88 -47.00 -6.40
N ARG A 263 -16.92 -47.63 -5.85
CA ARG A 263 -17.18 -49.03 -6.14
C ARG A 263 -17.75 -49.24 -7.55
N GLN A 264 -18.43 -48.23 -8.09
CA GLN A 264 -19.06 -48.37 -9.40
C GLN A 264 -18.07 -48.22 -10.56
N ALA A 265 -16.82 -47.85 -10.28
CA ALA A 265 -15.83 -47.72 -11.34
C ALA A 265 -15.51 -49.09 -11.93
N HIS A 266 -15.34 -49.13 -13.26
CA HIS A 266 -15.01 -50.38 -13.91
C HIS A 266 -13.62 -50.88 -13.51
N THR A 267 -12.67 -49.97 -13.35
CA THR A 267 -11.31 -50.32 -12.96
C THR A 267 -10.86 -49.41 -11.83
N ILE A 268 -10.21 -50.00 -10.83
CA ILE A 268 -9.77 -49.29 -9.64
C ILE A 268 -8.25 -49.42 -9.53
N GLY A 269 -7.57 -48.30 -9.35
CA GLY A 269 -6.14 -48.30 -9.14
C GLY A 269 -5.73 -47.70 -7.80
N LEU A 270 -5.23 -48.53 -6.90
CA LEU A 270 -4.84 -48.06 -5.58
C LEU A 270 -3.41 -47.51 -5.61
N MET A 271 -3.24 -46.30 -5.12
CA MET A 271 -1.97 -45.61 -5.17
C MET A 271 -1.41 -45.43 -3.76
N ARG A 272 -0.12 -45.72 -3.60
CA ARG A 272 0.55 -45.55 -2.32
C ARG A 272 2.05 -45.50 -2.55
N SER A 273 2.72 -44.57 -1.86
CA SER A 273 4.18 -44.40 -1.94
C SER A 273 4.63 -44.16 -3.38
N GLY A 274 3.83 -43.40 -4.14
CA GLY A 274 4.21 -43.04 -5.48
C GLY A 274 4.16 -44.15 -6.50
N LYS A 275 3.40 -45.21 -6.23
CA LYS A 275 3.24 -46.28 -7.21
C LYS A 275 1.91 -46.97 -6.96
N LEU A 276 1.43 -47.66 -8.00
CA LEU A 276 0.13 -48.31 -7.96
C LEU A 276 0.27 -49.70 -7.35
N LEU A 277 -0.42 -49.94 -6.24
CA LEU A 277 -0.36 -51.25 -5.60
C LEU A 277 -1.08 -52.30 -6.44
N ALA A 278 -2.26 -51.98 -6.94
CA ALA A 278 -3.03 -52.90 -7.76
C ALA A 278 -3.90 -52.12 -8.73
N GLU A 279 -4.29 -52.77 -9.82
CA GLU A 279 -5.14 -52.16 -10.83
C GLU A 279 -5.97 -53.27 -11.46
N GLU A 280 -7.20 -53.44 -10.99
CA GLU A 280 -8.10 -54.45 -11.51
C GLU A 280 -9.53 -53.99 -11.24
N SER A 281 -10.49 -54.78 -11.71
CA SER A 281 -11.89 -54.49 -11.45
C SER A 281 -12.18 -54.67 -9.96
N PRO A 282 -13.10 -53.87 -9.40
CA PRO A 282 -13.43 -54.03 -7.97
C PRO A 282 -13.92 -55.42 -7.61
N HIS A 283 -14.70 -56.06 -8.49
CA HIS A 283 -15.18 -57.41 -8.21
C HIS A 283 -14.02 -58.40 -8.15
N VAL A 284 -13.08 -58.29 -9.09
CA VAL A 284 -11.91 -59.16 -9.06
C VAL A 284 -11.02 -58.83 -7.87
N LEU A 285 -10.90 -57.54 -7.54
CA LEU A 285 -10.09 -57.14 -6.39
C LEU A 285 -10.63 -57.74 -5.10
N LEU A 286 -11.95 -57.74 -4.93
CA LEU A 286 -12.53 -58.31 -3.72
C LEU A 286 -12.46 -59.83 -3.73
N SER A 287 -12.74 -60.44 -4.88
CA SER A 287 -12.83 -61.90 -4.95
C SER A 287 -11.46 -62.56 -4.74
N MET A 288 -10.43 -62.01 -5.38
CA MET A 288 -9.12 -62.64 -5.31
C MET A 288 -8.41 -62.43 -3.97
N TYR A 289 -8.94 -61.56 -3.11
CA TYR A 289 -8.38 -61.34 -1.79
C TYR A 289 -9.29 -61.80 -0.65
N GLY A 290 -10.59 -61.99 -0.91
CA GLY A 290 -11.50 -62.50 0.08
C GLY A 290 -12.05 -61.47 1.04
N CYS A 291 -11.67 -60.20 0.90
CA CYS A 291 -12.16 -59.17 1.80
C CYS A 291 -13.63 -58.85 1.51
N GLN A 292 -14.31 -58.33 2.53
CA GLN A 292 -15.72 -58.00 2.39
C GLN A 292 -15.93 -56.67 1.67
N SER A 293 -15.22 -55.64 2.09
CA SER A 293 -15.32 -54.32 1.50
C SER A 293 -13.98 -53.89 0.92
N LEU A 294 -13.98 -52.75 0.23
CA LEU A 294 -12.76 -52.23 -0.37
C LEU A 294 -11.83 -51.59 0.66
N GLU A 295 -12.34 -51.25 1.85
CA GLU A 295 -11.48 -50.72 2.90
C GLU A 295 -10.47 -51.75 3.36
N GLU A 296 -10.89 -53.01 3.50
CA GLU A 296 -9.97 -54.05 3.95
C GLU A 296 -8.94 -54.38 2.88
N VAL A 297 -9.29 -54.25 1.60
CA VAL A 297 -8.35 -54.55 0.53
C VAL A 297 -7.18 -53.57 0.55
N PHE A 298 -7.47 -52.29 0.78
CA PHE A 298 -6.43 -51.27 0.83
C PHE A 298 -5.49 -51.45 2.02
N LEU A 299 -5.87 -52.26 3.01
CA LEU A 299 -4.99 -52.54 4.15
C LEU A 299 -3.91 -53.52 3.70
N LYS A 300 -2.92 -52.97 3.01
CA LYS A 300 -1.79 -53.73 2.49
C LYS A 300 -0.56 -53.38 3.31
N LEU A 301 -0.30 -54.18 4.35
CA LEU A 301 0.85 -53.95 5.21
C LEU A 301 2.16 -54.10 4.45
N SER A 302 2.24 -55.12 3.58
CA SER A 302 3.45 -55.36 2.80
C SER A 302 3.64 -54.31 1.72
N SER A 390 -7.42 -17.76 -32.67
CA SER A 390 -7.07 -16.82 -31.60
C SER A 390 -8.11 -15.74 -31.42
N TRP A 391 -8.82 -15.38 -32.49
CA TRP A 391 -9.91 -14.42 -32.42
C TRP A 391 -11.18 -15.15 -32.00
N GLY A 392 -11.73 -14.77 -30.86
CA GLY A 392 -12.85 -15.49 -30.27
C GLY A 392 -12.52 -15.90 -28.85
N LYS A 393 -11.25 -16.24 -28.61
CA LYS A 393 -10.75 -16.44 -27.26
C LYS A 393 -10.27 -15.14 -26.63
N ILE A 394 -9.73 -14.23 -27.44
CA ILE A 394 -9.35 -12.91 -26.94
C ILE A 394 -10.58 -12.11 -26.55
N LYS A 395 -11.63 -12.15 -27.39
CA LYS A 395 -12.87 -11.47 -27.07
C LYS A 395 -13.56 -12.07 -25.85
N ALA A 396 -13.29 -13.33 -25.53
CA ALA A 396 -13.83 -13.92 -24.31
C ALA A 396 -13.09 -13.41 -23.08
N LEU A 397 -11.76 -13.24 -23.18
CA LEU A 397 -10.97 -12.72 -22.07
C LEU A 397 -11.12 -11.22 -21.90
N LEU A 398 -11.41 -10.48 -22.97
CA LEU A 398 -11.60 -9.04 -22.85
C LEU A 398 -12.88 -8.71 -22.11
N GLN A 399 -13.96 -9.44 -22.37
CA GLN A 399 -15.21 -9.22 -21.65
C GLN A 399 -15.06 -9.55 -20.18
N LYS A 400 -14.35 -10.63 -19.86
CA LYS A 400 -14.13 -10.99 -18.46
C LYS A 400 -13.31 -9.93 -17.74
N ASN A 401 -12.27 -9.42 -18.38
CA ASN A 401 -11.43 -8.39 -17.75
C ASN A 401 -12.20 -7.10 -17.51
N PHE A 402 -13.03 -6.69 -18.47
CA PHE A 402 -13.80 -5.46 -18.33
C PHE A 402 -15.03 -5.62 -17.45
N LEU A 403 -15.35 -6.85 -17.03
CA LEU A 403 -16.47 -7.10 -16.14
C LEU A 403 -16.04 -7.45 -14.72
N ARG A 404 -14.81 -7.95 -14.54
CA ARG A 404 -14.32 -8.23 -13.20
C ARG A 404 -14.15 -6.96 -12.39
N MET A 405 -13.70 -5.88 -13.02
CA MET A 405 -13.52 -4.62 -12.33
C MET A 405 -14.77 -3.75 -12.34
N TRP A 406 -15.71 -3.99 -13.25
CA TRP A 406 -16.93 -3.20 -13.28
C TRP A 406 -17.84 -3.53 -12.10
N ARG A 407 -17.87 -4.79 -11.69
CA ARG A 407 -18.72 -5.23 -10.59
C ARG A 407 -18.07 -5.04 -9.23
N ASN A 408 -16.84 -4.55 -9.18
CA ASN A 408 -16.14 -4.23 -7.94
C ASN A 408 -16.16 -2.73 -7.76
N VAL A 409 -17.02 -2.24 -6.87
CA VAL A 409 -17.13 -0.80 -6.65
C VAL A 409 -15.86 -0.24 -6.03
N GLY A 410 -15.22 -1.00 -5.14
CA GLY A 410 -13.99 -0.53 -4.52
C GLY A 410 -12.87 -0.36 -5.52
N VAL A 411 -12.75 -1.29 -6.48
CA VAL A 411 -11.70 -1.20 -7.48
C VAL A 411 -11.90 0.02 -8.37
N MET A 412 -13.15 0.28 -8.78
CA MET A 412 -13.43 1.43 -9.64
C MET A 412 -13.11 2.73 -8.93
N LEU A 413 -13.47 2.84 -7.65
CA LEU A 413 -13.19 4.07 -6.90
C LEU A 413 -11.69 4.26 -6.70
N PHE A 414 -10.95 3.17 -6.52
CA PHE A 414 -9.52 3.28 -6.20
C PHE A 414 -8.70 3.69 -7.41
N ILE A 415 -9.09 3.27 -8.62
CA ILE A 415 -8.28 3.51 -9.81
C ILE A 415 -8.86 4.56 -10.72
N PHE A 416 -10.05 5.09 -10.42
CA PHE A 416 -10.66 6.08 -11.30
C PHE A 416 -11.08 7.33 -10.53
N ALA A 417 -11.46 7.16 -9.27
CA ALA A 417 -11.91 8.28 -8.46
C ALA A 417 -10.83 8.83 -7.53
N LEU A 418 -9.77 8.05 -7.27
CA LEU A 418 -8.71 8.51 -6.38
C LEU A 418 -7.75 9.46 -7.11
N PRO A 419 -7.31 9.16 -8.35
CA PRO A 419 -6.49 10.15 -9.06
C PRO A 419 -7.18 11.49 -9.25
N VAL A 420 -8.49 11.49 -9.49
CA VAL A 420 -9.19 12.75 -9.70
C VAL A 420 -9.22 13.57 -8.43
N MET A 421 -9.50 12.95 -7.29
CA MET A 421 -9.55 13.68 -6.03
C MET A 421 -8.16 14.10 -5.58
N GLN A 422 -7.14 13.28 -5.83
CA GLN A 422 -5.77 13.65 -5.47
C GLN A 422 -5.31 14.86 -6.27
N VAL A 423 -5.66 14.92 -7.55
CA VAL A 423 -5.28 16.07 -8.39
C VAL A 423 -5.98 17.33 -7.89
N ILE A 424 -7.25 17.24 -7.51
CA ILE A 424 -7.98 18.41 -7.04
C ILE A 424 -7.36 18.94 -5.75
N LEU A 425 -7.05 18.04 -4.81
CA LEU A 425 -6.48 18.46 -3.54
C LEU A 425 -5.10 19.08 -3.72
N PHE A 426 -4.28 18.50 -4.61
CA PHE A 426 -2.94 19.03 -4.83
C PHE A 426 -2.99 20.45 -5.40
N CYS A 427 -3.89 20.69 -6.35
CA CYS A 427 -3.99 22.01 -6.98
C CYS A 427 -4.63 23.05 -6.09
N LEU A 428 -5.22 22.65 -4.96
CA LEU A 428 -5.89 23.58 -4.06
C LEU A 428 -5.13 23.84 -2.77
N ALA A 429 -4.09 23.08 -2.48
CA ALA A 429 -3.39 23.22 -1.21
C ALA A 429 -1.88 23.42 -1.36
N ILE A 430 -1.26 22.78 -2.34
CA ILE A 430 0.19 22.78 -2.48
C ILE A 430 0.59 23.80 -3.55
N GLY A 431 1.57 24.64 -3.24
CA GLY A 431 2.14 25.57 -4.19
C GLY A 431 1.59 26.98 -4.12
N ARG A 432 0.48 27.19 -3.42
CA ARG A 432 -0.12 28.51 -3.36
C ARG A 432 0.59 29.39 -2.32
N ASP A 433 0.61 30.69 -2.59
CA ASP A 433 1.28 31.65 -1.72
C ASP A 433 0.45 31.88 -0.46
N PRO A 434 1.11 32.12 0.67
CA PRO A 434 0.37 32.43 1.90
C PRO A 434 -0.40 33.74 1.77
N THR A 435 -1.53 33.81 2.47
CA THR A 435 -2.43 34.94 2.28
C THR A 435 -2.79 35.66 3.57
N GLY A 436 -2.94 34.95 4.68
CA GLY A 436 -3.43 35.57 5.89
C GLY A 436 -2.36 35.97 6.89
N LEU A 437 -1.20 36.40 6.39
CA LEU A 437 -0.12 36.81 7.29
C LEU A 437 -0.47 38.12 7.98
N LYS A 438 -0.09 38.23 9.25
CA LYS A 438 -0.40 39.38 10.08
C LYS A 438 0.89 40.08 10.51
N LEU A 439 0.81 41.40 10.65
CA LEU A 439 1.94 42.23 11.06
C LEU A 439 1.51 43.14 12.20
N ALA A 440 2.46 43.46 13.05
CA ALA A 440 2.24 44.35 14.20
C ALA A 440 2.89 45.68 13.90
N ILE A 441 2.10 46.65 13.47
CA ILE A 441 2.60 47.95 13.06
C ILE A 441 2.59 48.89 14.27
N VAL A 442 3.72 49.53 14.52
CA VAL A 442 3.85 50.57 15.54
C VAL A 442 4.17 51.86 14.81
N ASN A 443 3.23 52.81 14.85
CA ASN A 443 3.38 54.10 14.17
C ASN A 443 3.30 55.19 15.23
N HIS A 444 4.46 55.73 15.62
CA HIS A 444 4.50 56.74 16.67
C HIS A 444 4.22 58.14 16.15
N GLU A 445 4.07 58.32 14.84
CA GLU A 445 3.71 59.62 14.29
C GLU A 445 2.21 59.89 14.38
N LYS A 446 1.41 58.90 14.79
CA LYS A 446 -0.03 59.04 14.88
C LYS A 446 -0.51 58.48 16.21
N ASN A 447 -1.66 58.97 16.67
CA ASN A 447 -2.21 58.51 17.94
C ASN A 447 -2.72 57.08 17.81
N TYR A 448 -2.80 56.41 18.96
CA TYR A 448 -3.22 55.02 19.04
C TYR A 448 -4.67 54.96 19.48
N THR A 449 -5.51 54.32 18.67
CA THR A 449 -6.94 54.23 18.94
C THR A 449 -7.40 52.81 19.23
N ASN A 450 -7.18 51.88 18.31
CA ASN A 450 -7.64 50.51 18.45
C ASN A 450 -6.54 49.58 17.98
N GLN A 451 -6.81 48.28 18.05
CA GLN A 451 -5.94 47.28 17.45
C GLN A 451 -6.26 47.00 16.00
N SER A 452 -7.28 47.69 15.45
CA SER A 452 -7.67 47.49 14.07
C SER A 452 -7.87 48.80 13.31
N TYR A 453 -7.70 49.95 13.95
CA TYR A 453 -7.87 51.24 13.32
C TYR A 453 -6.72 52.15 13.70
N GLN A 454 -6.25 52.95 12.75
CA GLN A 454 -5.15 53.87 12.98
C GLN A 454 -5.40 55.28 12.48
N GLU A 455 -6.30 55.48 11.50
CA GLU A 455 -6.54 56.79 10.89
C GLU A 455 -5.26 57.32 10.23
N CYS A 456 -4.82 56.58 9.23
CA CYS A 456 -3.61 56.91 8.47
C CYS A 456 -4.01 57.72 7.26
N SER A 457 -3.87 59.05 7.37
CA SER A 457 -4.22 59.96 6.29
C SER A 457 -3.07 60.93 6.05
N PHE A 458 -2.92 61.34 4.80
CA PHE A 458 -1.85 62.24 4.39
C PHE A 458 -2.27 62.90 3.08
N ASP A 459 -1.32 63.57 2.42
CA ASP A 459 -1.55 64.22 1.14
C ASP A 459 -0.78 63.49 0.05
N TYR A 460 -1.40 63.39 -1.13
CA TYR A 460 -0.85 62.58 -2.21
C TYR A 460 0.07 63.36 -3.14
N GLY A 461 -0.09 64.68 -3.22
CA GLY A 461 0.67 65.46 -4.18
C GLY A 461 2.14 65.59 -3.86
N CYS A 462 2.46 66.34 -2.82
CA CYS A 462 3.85 66.64 -2.48
C CYS A 462 3.91 67.07 -1.01
N LYS A 463 5.03 67.69 -0.64
CA LYS A 463 5.35 68.26 0.67
C LYS A 463 5.71 67.21 1.72
N PHE A 464 5.54 65.92 1.42
CA PHE A 464 6.04 64.83 2.27
C PHE A 464 5.52 64.99 3.71
N SER A 465 4.21 64.86 3.85
CA SER A 465 3.56 65.11 5.14
C SER A 465 3.99 64.09 6.18
N TYR A 466 3.73 62.81 5.94
CA TYR A 466 3.98 61.77 6.93
C TYR A 466 4.99 60.73 6.47
N LEU A 467 4.86 60.23 5.24
CA LEU A 467 5.84 59.32 4.66
C LEU A 467 5.93 57.99 5.41
N SER A 468 5.11 57.81 6.44
CA SER A 468 4.98 56.53 7.13
C SER A 468 3.65 55.85 6.85
N CYS A 469 2.56 56.62 6.80
CA CYS A 469 1.30 56.09 6.30
C CYS A 469 1.33 55.93 4.79
N ARG A 470 2.13 56.76 4.10
CA ARG A 470 2.26 56.64 2.65
C ARG A 470 2.93 55.32 2.27
N TYR A 471 3.95 54.92 3.01
CA TYR A 471 4.60 53.65 2.72
C TYR A 471 3.66 52.48 2.96
N LEU A 472 2.84 52.55 4.03
CA LEU A 472 1.93 51.46 4.34
C LEU A 472 0.88 51.27 3.25
N ASN A 473 0.52 52.34 2.54
CA ASN A 473 -0.42 52.22 1.44
C ASN A 473 0.16 51.44 0.27
N ASN A 474 1.49 51.37 0.15
CA ASN A 474 2.14 50.62 -0.90
C ASN A 474 2.37 49.17 -0.53
N LEU A 475 2.04 48.77 0.70
CA LEU A 475 2.16 47.37 1.10
C LEU A 475 1.13 46.53 0.37
N ARG A 476 1.51 45.30 0.04
CA ARG A 476 0.62 44.40 -0.68
C ARG A 476 -0.56 44.02 0.21
N ASN A 477 -1.77 44.30 -0.26
CA ASN A 477 -2.95 44.08 0.57
C ASN A 477 -3.30 42.60 0.70
N SER A 478 -2.89 41.78 -0.27
CA SER A 478 -3.35 40.40 -0.31
C SER A 478 -2.73 39.56 0.80
N THR A 479 -1.43 39.69 1.02
CA THR A 479 -0.72 38.77 1.90
C THR A 479 -0.58 39.28 3.33
N ILE A 480 -0.47 40.60 3.53
CA ILE A 480 -0.14 41.16 4.83
C ILE A 480 -1.37 41.87 5.39
N LEU A 481 -1.74 41.50 6.61
CA LEU A 481 -2.80 42.17 7.35
C LEU A 481 -2.19 42.98 8.48
N LYS A 482 -2.68 44.21 8.66
CA LYS A 482 -2.05 45.18 9.56
C LYS A 482 -2.73 45.18 10.91
N GLU A 483 -1.93 45.11 11.97
CA GLU A 483 -2.40 45.25 13.35
C GLU A 483 -1.57 46.32 14.02
N TYR A 484 -2.20 47.10 14.88
CA TYR A 484 -1.59 48.29 15.48
C TYR A 484 -1.40 48.10 16.97
N TYR A 485 -0.20 48.41 17.45
CA TYR A 485 0.19 48.28 18.84
C TYR A 485 0.76 49.59 19.33
N PRO A 486 0.62 49.90 20.63
CA PRO A 486 1.01 51.23 21.12
C PRO A 486 2.51 51.42 21.33
N ASP A 487 3.21 50.37 21.76
CA ASP A 487 4.61 50.51 22.12
C ASP A 487 5.46 49.49 21.38
N PRO A 488 6.71 49.82 21.08
CA PRO A 488 7.59 48.86 20.38
C PRO A 488 7.83 47.59 21.17
N GLU A 489 7.87 47.66 22.50
CA GLU A 489 8.08 46.47 23.32
C GLU A 489 6.84 45.61 23.43
N SER A 490 5.68 46.09 22.98
CA SER A 490 4.46 45.29 23.00
C SER A 490 4.23 44.54 21.69
N ALA A 491 4.67 45.10 20.56
CA ALA A 491 4.54 44.39 19.29
C ALA A 491 5.47 43.18 19.24
N VAL A 492 6.68 43.31 19.80
CA VAL A 492 7.61 42.19 19.84
C VAL A 492 7.07 41.07 20.71
N ASP A 493 6.36 41.41 21.80
CA ASP A 493 5.74 40.38 22.62
C ASP A 493 4.65 39.64 21.86
N ALA A 494 4.00 40.30 20.90
CA ALA A 494 3.01 39.63 20.07
C ALA A 494 3.67 38.68 19.08
N VAL A 495 4.83 39.08 18.54
CA VAL A 495 5.57 38.20 17.63
C VAL A 495 6.12 37.00 18.38
N LYS A 496 6.51 37.17 19.65
CA LYS A 496 7.01 36.05 20.44
C LYS A 496 5.94 34.97 20.59
N GLN A 497 4.70 35.38 20.81
CA GLN A 497 3.57 34.46 20.78
C GLN A 497 3.07 34.33 19.34
N GLY A 498 1.90 33.74 19.15
CA GLY A 498 1.43 33.47 17.81
C GLY A 498 0.51 34.53 17.23
N HIS A 499 0.53 35.74 17.78
CA HIS A 499 -0.40 36.78 17.38
C HIS A 499 0.06 37.60 16.20
N ALA A 500 1.28 37.40 15.71
CA ALA A 500 1.79 38.17 14.58
C ALA A 500 3.01 37.46 14.02
N TRP A 501 3.50 37.98 12.89
CA TRP A 501 4.72 37.47 12.26
C TRP A 501 5.86 38.49 12.25
N GLY A 502 5.60 39.75 12.56
CA GLY A 502 6.65 40.74 12.54
C GLY A 502 6.20 42.05 13.19
N ALA A 503 7.16 42.96 13.30
CA ALA A 503 6.93 44.29 13.84
C ALA A 503 7.58 45.32 12.94
N LEU A 504 7.03 46.54 12.92
CA LEU A 504 7.49 47.58 12.00
C LEU A 504 8.14 48.75 12.73
N TYR A 505 7.44 49.38 13.66
CA TYR A 505 8.00 50.42 14.53
C TYR A 505 8.59 51.58 13.72
N PHE A 506 7.70 52.35 13.11
CA PHE A 506 8.10 53.64 12.57
C PHE A 506 8.29 54.64 13.71
N THR A 507 9.42 55.33 13.71
CA THR A 507 9.70 56.31 14.75
C THR A 507 8.94 57.61 14.49
N GLU A 508 8.79 58.41 15.54
CA GLU A 508 8.08 59.68 15.41
C GLU A 508 8.87 60.71 14.62
N ASN A 509 10.18 60.50 14.44
CA ASN A 509 11.02 61.40 13.65
C ASN A 509 11.25 60.86 12.24
N PHE A 510 10.47 59.88 11.81
CA PHE A 510 10.72 59.23 10.52
C PHE A 510 10.58 60.20 9.36
N THR A 511 9.54 61.03 9.38
CA THR A 511 9.28 61.91 8.25
C THR A 511 10.36 62.97 8.09
N ASP A 512 10.74 63.62 9.18
CA ASP A 512 11.76 64.67 9.08
C ASP A 512 13.13 64.09 8.79
N ALA A 513 13.44 62.91 9.33
CA ALA A 513 14.75 62.31 9.10
C ALA A 513 14.87 61.73 7.69
N LEU A 514 13.78 61.18 7.15
CA LEU A 514 13.85 60.60 5.81
C LEU A 514 14.06 61.68 4.75
N VAL A 515 13.30 62.77 4.82
CA VAL A 515 13.44 63.83 3.83
C VAL A 515 14.80 64.50 3.92
N ALA A 516 15.44 64.43 5.08
CA ALA A 516 16.78 64.99 5.26
C ALA A 516 17.89 64.00 4.93
N ARG A 517 17.54 62.77 4.53
CA ARG A 517 18.52 61.77 4.14
C ARG A 517 18.64 61.64 2.63
N MET A 518 17.52 61.63 1.90
CA MET A 518 17.59 61.60 0.45
C MET A 518 17.97 62.95 -0.15
N ALA A 519 17.81 64.04 0.61
CA ALA A 519 18.14 65.38 0.13
C ALA A 519 19.53 65.82 0.55
N LEU A 520 20.28 64.98 1.27
CA LEU A 520 21.64 65.31 1.67
C LEU A 520 22.69 64.57 0.85
N GLY A 521 22.54 63.25 0.69
CA GLY A 521 23.48 62.49 -0.11
C GLY A 521 24.41 61.62 0.70
N LYS A 522 25.70 61.70 0.40
CA LYS A 522 26.71 60.87 1.05
C LYS A 522 27.33 61.53 2.27
N ASP A 523 26.90 62.74 2.63
CA ASP A 523 27.43 63.45 3.79
C ASP A 523 26.48 63.39 4.98
N ALA A 524 25.56 62.44 4.99
CA ALA A 524 24.57 62.33 6.06
C ALA A 524 25.22 61.84 7.34
N ASP A 525 24.92 62.52 8.45
CA ASP A 525 25.45 62.13 9.74
C ASP A 525 24.82 60.82 10.21
N PRO A 526 25.51 60.08 11.07
CA PRO A 526 24.94 58.80 11.55
C PRO A 526 23.62 58.93 12.26
N GLU A 527 23.34 60.09 12.88
CA GLU A 527 22.09 60.26 13.60
C GLU A 527 20.89 60.19 12.66
N THR A 528 20.99 60.82 11.49
CA THR A 528 19.89 60.80 10.53
C THR A 528 19.79 59.47 9.79
N LEU A 529 20.83 58.65 9.84
CA LEU A 529 20.78 57.32 9.24
C LEU A 529 20.07 56.31 10.13
N ASP A 530 19.82 56.66 11.40
CA ASP A 530 19.15 55.78 12.36
C ASP A 530 17.69 56.14 12.53
N GLN A 531 17.37 57.42 12.59
CA GLN A 531 15.97 57.82 12.84
C GLN A 531 15.16 57.65 11.55
N SER A 532 15.80 57.57 10.38
CA SER A 532 15.11 57.46 9.11
C SER A 532 15.08 56.04 8.57
N GLU A 533 14.99 55.05 9.45
CA GLU A 533 14.96 53.66 9.03
C GLU A 533 13.84 52.93 9.77
N VAL A 534 13.37 51.85 9.15
CA VAL A 534 12.32 51.01 9.71
C VAL A 534 12.96 49.78 10.32
N ARG A 535 12.55 49.44 11.55
CA ARG A 535 13.13 48.33 12.29
C ARG A 535 12.17 47.15 12.25
N VAL A 536 12.53 46.11 11.52
CA VAL A 536 11.67 44.95 11.30
C VAL A 536 12.23 43.78 12.08
N TRP A 537 11.44 43.27 13.04
CA TRP A 537 11.75 42.04 13.76
C TRP A 537 10.86 40.95 13.19
N LEU A 538 11.46 39.97 12.52
CA LEU A 538 10.72 38.96 11.80
C LEU A 538 10.87 37.59 12.46
N ASP A 539 9.81 36.79 12.36
CA ASP A 539 9.81 35.40 12.81
C ASP A 539 10.23 34.54 11.63
N MET A 540 11.52 34.23 11.56
CA MET A 540 12.09 33.48 10.43
C MET A 540 12.16 31.99 10.69
N SER A 541 11.27 31.45 11.53
CA SER A 541 11.25 30.02 11.76
C SER A 541 10.74 29.26 10.55
N ASN A 542 9.87 29.88 9.76
CA ASN A 542 9.33 29.28 8.55
C ASN A 542 10.06 29.84 7.34
N GLN A 543 10.59 28.95 6.50
CA GLN A 543 11.39 29.40 5.36
C GLN A 543 10.53 30.07 4.31
N GLN A 544 9.39 29.45 3.96
CA GLN A 544 8.58 29.98 2.88
C GLN A 544 7.85 31.26 3.30
N ILE A 545 7.33 31.29 4.52
CA ILE A 545 6.63 32.49 4.98
C ILE A 545 7.61 33.65 5.14
N GLY A 546 8.83 33.37 5.59
CA GLY A 546 9.82 34.42 5.74
C GLY A 546 10.21 35.04 4.42
N ILE A 547 10.25 34.23 3.35
CA ILE A 547 10.63 34.74 2.04
C ILE A 547 9.60 35.74 1.53
N ILE A 548 8.31 35.42 1.65
CA ILE A 548 7.27 36.33 1.20
C ILE A 548 7.28 37.62 2.02
N LEU A 549 7.44 37.50 3.34
CA LEU A 549 7.43 38.69 4.19
C LEU A 549 8.61 39.61 3.87
N GLN A 550 9.79 39.05 3.64
CA GLN A 550 10.94 39.87 3.28
C GLN A 550 10.79 40.47 1.90
N ARG A 551 10.24 39.70 0.95
CA ARG A 551 10.09 40.20 -0.41
C ARG A 551 9.02 41.27 -0.50
N ASP A 552 7.91 41.11 0.22
CA ASP A 552 6.83 42.08 0.16
C ASP A 552 7.22 43.42 0.78
N LEU A 553 8.02 43.39 1.85
CA LEU A 553 8.42 44.63 2.51
C LEU A 553 9.41 45.42 1.67
N GLN A 554 10.34 44.72 1.00
CA GLN A 554 11.32 45.41 0.16
C GLN A 554 10.71 45.87 -1.15
N LEU A 555 9.81 45.06 -1.73
CA LEU A 555 9.17 45.46 -2.99
C LEU A 555 8.29 46.68 -2.79
N SER A 556 7.58 46.76 -1.67
CA SER A 556 6.74 47.93 -1.39
C SER A 556 7.55 49.19 -1.19
N TYR A 557 8.83 49.08 -0.85
CA TYR A 557 9.67 50.27 -0.75
C TYR A 557 10.07 50.78 -2.12
N GLN A 558 10.30 49.87 -3.08
CA GLN A 558 10.64 50.29 -4.44
C GLN A 558 9.52 51.09 -5.06
N ASP A 559 8.28 50.64 -4.90
CA ASP A 559 7.14 51.42 -5.37
C ASP A 559 7.01 52.74 -4.61
N PHE A 560 7.25 52.70 -3.29
CA PHE A 560 7.20 53.91 -2.50
C PHE A 560 8.27 54.91 -2.93
N ALA A 561 9.48 54.41 -3.19
CA ALA A 561 10.54 55.29 -3.67
C ALA A 561 10.23 55.82 -5.07
N LYS A 562 9.70 54.97 -5.94
CA LYS A 562 9.34 55.40 -7.29
C LYS A 562 8.09 56.28 -7.31
N ASP A 563 7.37 56.39 -6.20
CA ASP A 563 6.23 57.28 -6.11
C ASP A 563 6.60 58.65 -5.57
N LEU A 564 7.57 58.70 -4.66
CA LEU A 564 8.04 59.98 -4.14
C LEU A 564 8.66 60.82 -5.25
N LEU A 565 9.61 60.24 -5.98
CA LEU A 565 10.18 60.89 -7.15
C LEU A 565 9.44 60.43 -8.39
N GLY A 566 8.96 61.38 -9.17
CA GLY A 566 8.01 61.09 -10.22
C GLY A 566 6.74 61.89 -9.98
N ALA A 567 6.36 62.01 -8.71
CA ALA A 567 5.32 62.95 -8.32
C ALA A 567 5.87 64.36 -8.15
N CYS A 568 7.19 64.50 -8.10
CA CYS A 568 7.85 65.80 -8.07
C CYS A 568 8.64 66.05 -9.36
N GLU A 569 8.20 65.43 -10.45
CA GLU A 569 8.81 65.58 -11.77
C GLU A 569 10.30 65.19 -11.75
N GLN A 570 10.54 63.91 -11.46
CA GLN A 570 11.88 63.35 -11.43
C GLN A 570 11.92 62.07 -12.28
N ASN A 571 13.11 61.49 -12.40
CA ASN A 571 13.30 60.29 -13.20
C ASN A 571 13.07 59.07 -12.31
N PRO A 572 12.06 58.24 -12.57
CA PRO A 572 11.84 57.06 -11.72
C PRO A 572 12.97 56.05 -11.76
N ASP A 573 13.83 56.10 -12.78
CA ASP A 573 14.94 55.15 -12.87
C ASP A 573 16.05 55.44 -11.86
N LEU A 574 15.99 56.58 -11.15
CA LEU A 574 17.03 56.90 -10.18
C LEU A 574 16.94 56.04 -8.93
N ALA A 575 15.79 55.40 -8.69
CA ALA A 575 15.60 54.57 -7.51
C ALA A 575 15.78 53.08 -7.81
N GLU A 576 16.68 52.74 -8.72
CA GLU A 576 16.90 51.36 -9.13
C GLU A 576 18.34 50.96 -8.86
N ILE A 577 18.51 49.74 -8.34
CA ILE A 577 19.82 49.16 -8.12
C ILE A 577 20.46 48.91 -9.47
N PRO A 578 21.79 49.02 -9.61
CA PRO A 578 22.40 48.75 -10.91
C PRO A 578 22.14 47.36 -11.46
N ILE A 579 21.90 46.37 -10.59
CA ILE A 579 21.56 45.03 -11.06
C ILE A 579 20.12 45.08 -11.54
N SER A 580 19.92 45.21 -12.85
CA SER A 580 18.59 45.32 -13.44
C SER A 580 18.22 44.00 -14.11
N PHE A 581 17.06 43.48 -13.76
CA PHE A 581 16.58 42.21 -14.30
C PHE A 581 15.67 42.49 -15.49
N LYS A 582 16.08 42.03 -16.67
CA LYS A 582 15.31 42.24 -17.89
C LYS A 582 14.17 41.23 -17.95
N GLU A 583 13.49 41.16 -19.09
CA GLU A 583 12.40 40.22 -19.26
C GLU A 583 12.93 38.78 -19.21
N PRO A 584 12.33 37.91 -18.41
CA PRO A 584 12.85 36.53 -18.32
C PRO A 584 12.77 35.82 -19.66
N ILE A 585 13.78 35.00 -19.92
CA ILE A 585 13.81 34.22 -21.16
C ILE A 585 12.72 33.14 -21.12
N TYR A 586 12.58 32.46 -19.99
CA TYR A 586 11.54 31.46 -19.79
C TYR A 586 10.76 31.78 -18.53
N GLY A 587 9.47 31.47 -18.56
CA GLY A 587 8.62 31.72 -17.41
C GLY A 587 8.26 33.19 -17.27
N SER A 588 7.87 33.55 -16.06
CA SER A 588 7.46 34.91 -15.72
C SER A 588 8.23 35.36 -14.48
N ASN A 589 8.00 36.61 -14.09
CA ASN A 589 8.68 37.19 -12.93
C ASN A 589 8.10 36.72 -11.60
N LYS A 590 6.95 36.04 -11.61
CA LYS A 590 6.31 35.52 -10.40
C LYS A 590 6.00 34.05 -10.62
N PRO A 591 6.99 33.17 -10.48
CA PRO A 591 6.73 31.74 -10.68
C PRO A 591 5.97 31.15 -9.50
N SER A 592 5.40 29.97 -9.74
CA SER A 592 4.61 29.26 -8.74
C SER A 592 5.20 27.88 -8.51
N PHE A 593 5.20 27.45 -7.24
CA PHE A 593 5.73 26.13 -6.90
C PHE A 593 4.81 25.01 -7.35
N THR A 594 3.51 25.28 -7.52
CA THR A 594 2.59 24.24 -7.96
C THR A 594 2.86 23.84 -9.41
N ASP A 595 3.39 24.76 -10.22
CA ASP A 595 3.75 24.42 -11.59
C ASP A 595 5.01 23.58 -11.67
N PHE A 596 5.88 23.68 -10.67
CA PHE A 596 7.10 22.87 -10.64
C PHE A 596 6.79 21.42 -10.26
N VAL A 597 5.83 21.21 -9.37
CA VAL A 597 5.52 19.87 -8.88
C VAL A 597 4.50 19.14 -9.75
N ALA A 598 3.68 19.88 -10.51
CA ALA A 598 2.64 19.24 -11.31
C ALA A 598 3.17 18.21 -12.30
N PRO A 599 4.26 18.45 -13.04
CA PRO A 599 4.79 17.36 -13.89
C PRO A 599 5.18 16.11 -13.11
N GLY A 600 5.65 16.27 -11.87
CA GLY A 600 6.00 15.11 -11.06
C GLY A 600 4.83 14.38 -10.45
N VAL A 601 3.66 14.99 -10.45
CA VAL A 601 2.46 14.34 -9.92
C VAL A 601 1.76 13.52 -11.00
N ILE A 602 1.75 14.02 -12.24
CA ILE A 602 1.10 13.31 -13.34
C ILE A 602 1.79 11.97 -13.59
N LEU A 603 3.12 11.96 -13.62
CA LEU A 603 3.84 10.73 -13.93
C LEU A 603 3.83 9.76 -12.76
N THR A 604 3.76 10.27 -11.53
CA THR A 604 3.77 9.39 -10.37
C THR A 604 2.45 8.65 -10.23
N ILE A 605 1.33 9.33 -10.47
CA ILE A 605 0.01 8.69 -10.34
C ILE A 605 -0.14 7.57 -11.38
N VAL A 606 0.24 7.85 -12.62
CA VAL A 606 0.06 6.87 -13.69
C VAL A 606 1.00 5.68 -13.50
N PHE A 607 2.24 5.93 -13.06
CA PHE A 607 3.20 4.86 -12.89
C PHE A 607 2.77 3.89 -11.79
N PHE A 608 2.41 4.43 -10.62
CA PHE A 608 2.15 3.58 -9.46
C PHE A 608 0.73 3.07 -9.37
N LEU A 609 -0.19 3.56 -10.21
CA LEU A 609 -1.52 2.97 -10.29
C LEU A 609 -1.57 1.78 -11.24
N ALA A 610 -0.52 1.57 -12.04
CA ALA A 610 -0.42 0.39 -12.89
C ALA A 610 0.34 -0.74 -12.23
N VAL A 611 1.27 -0.44 -11.33
CA VAL A 611 1.94 -1.48 -10.55
C VAL A 611 0.94 -2.18 -9.64
N ALA A 612 0.09 -1.41 -8.97
CA ALA A 612 -0.89 -2.00 -8.05
C ALA A 612 -1.93 -2.82 -8.80
N LEU A 613 -2.41 -2.31 -9.94
CA LEU A 613 -3.46 -3.02 -10.67
C LEU A 613 -2.93 -4.29 -11.32
N THR A 614 -1.73 -4.23 -11.91
CA THR A 614 -1.20 -5.40 -12.60
C THR A 614 -0.77 -6.49 -11.63
N SER A 615 -0.08 -6.12 -10.54
CA SER A 615 0.40 -7.12 -9.60
C SER A 615 -0.75 -7.82 -8.90
N SER A 616 -1.78 -7.07 -8.49
CA SER A 616 -2.92 -7.68 -7.81
C SER A 616 -3.69 -8.61 -8.73
N ALA A 617 -3.88 -8.21 -9.99
CA ALA A 617 -4.67 -9.01 -10.92
C ALA A 617 -3.99 -10.33 -11.23
N LEU A 618 -2.68 -10.31 -11.46
CA LEU A 618 -1.95 -11.52 -11.85
C LEU A 618 -1.61 -12.42 -10.67
N ILE A 619 -1.74 -11.93 -9.44
CA ILE A 619 -1.47 -12.76 -8.27
C ILE A 619 -2.73 -13.45 -7.76
N ILE A 620 -3.85 -12.72 -7.71
CA ILE A 620 -5.11 -13.32 -7.27
C ILE A 620 -5.54 -14.41 -8.23
N GLU A 621 -5.45 -14.15 -9.54
CA GLU A 621 -5.89 -15.14 -10.52
C GLU A 621 -5.03 -16.40 -10.47
N ARG A 622 -3.71 -16.24 -10.31
CA ARG A 622 -2.83 -17.39 -10.31
C ARG A 622 -2.97 -18.21 -9.03
N MET A 623 -3.07 -17.53 -7.89
CA MET A 623 -3.14 -18.24 -6.61
C MET A 623 -4.49 -18.92 -6.39
N GLU A 624 -5.52 -18.51 -7.12
CA GLU A 624 -6.84 -19.13 -7.00
C GLU A 624 -7.07 -20.25 -8.00
N GLY A 625 -6.07 -20.60 -8.81
CA GLY A 625 -6.20 -21.68 -9.75
C GLY A 625 -6.95 -21.35 -11.02
N LEU A 626 -7.26 -20.08 -11.25
CA LEU A 626 -8.00 -19.71 -12.45
C LEU A 626 -7.11 -19.75 -13.70
N LEU A 627 -5.86 -19.32 -13.57
CA LEU A 627 -4.96 -19.33 -14.73
C LEU A 627 -4.69 -20.75 -15.21
N ASP A 628 -4.51 -21.68 -14.28
CA ASP A 628 -4.26 -23.07 -14.66
C ASP A 628 -5.49 -23.70 -15.33
N ARG A 629 -6.70 -23.35 -14.89
CA ARG A 629 -7.93 -23.97 -15.45
C ARG A 629 -8.22 -23.41 -16.83
N SER A 630 -7.91 -22.14 -17.07
CA SER A 630 -8.21 -21.48 -18.37
C SER A 630 -7.11 -21.77 -19.37
N TRP A 631 -6.14 -22.61 -19.01
CA TRP A 631 -5.08 -23.03 -19.95
C TRP A 631 -5.50 -24.39 -20.45
N VAL A 632 -5.96 -25.23 -19.54
CA VAL A 632 -6.44 -26.53 -20.01
C VAL A 632 -7.47 -26.34 -21.12
N ALA A 633 -8.29 -25.30 -21.02
CA ALA A 633 -9.30 -25.01 -22.03
C ALA A 633 -8.70 -24.58 -23.36
N GLY A 634 -7.38 -24.48 -23.47
CA GLY A 634 -6.73 -24.16 -24.72
C GLY A 634 -6.23 -22.73 -24.87
N VAL A 635 -6.34 -21.92 -23.82
CA VAL A 635 -5.91 -20.52 -23.89
C VAL A 635 -4.40 -20.48 -23.66
N THR A 636 -3.66 -20.18 -24.73
CA THR A 636 -2.21 -20.15 -24.63
C THR A 636 -1.76 -18.94 -23.79
N PRO A 637 -0.57 -19.02 -23.19
CA PRO A 637 -0.08 -17.87 -22.41
C PRO A 637 0.13 -16.62 -23.24
N GLY A 638 0.26 -16.75 -24.57
CA GLY A 638 0.42 -15.57 -25.40
C GLY A 638 -0.79 -14.67 -25.39
N GLU A 639 -1.98 -15.25 -25.50
CA GLU A 639 -3.20 -14.45 -25.50
C GLU A 639 -3.70 -14.10 -24.11
N ILE A 640 -3.17 -14.74 -23.06
CA ILE A 640 -3.46 -14.29 -21.71
C ILE A 640 -2.75 -12.97 -21.45
N LEU A 641 -1.50 -12.85 -21.88
CA LEU A 641 -0.76 -11.59 -21.70
C LEU A 641 -1.28 -10.51 -22.64
N PHE A 642 -1.62 -10.87 -23.88
CA PHE A 642 -2.08 -9.87 -24.84
C PHE A 642 -3.39 -9.24 -24.38
N SER A 643 -4.32 -10.04 -23.86
CA SER A 643 -5.58 -9.49 -23.38
C SER A 643 -5.40 -8.63 -22.15
N HIS A 644 -4.37 -8.91 -21.34
CA HIS A 644 -4.12 -8.08 -20.16
C HIS A 644 -3.49 -6.74 -20.54
N VAL A 645 -2.63 -6.73 -21.55
CA VAL A 645 -2.01 -5.48 -22.00
C VAL A 645 -3.08 -4.54 -22.56
N VAL A 646 -3.99 -5.08 -23.37
CA VAL A 646 -5.04 -4.25 -23.95
C VAL A 646 -5.95 -3.69 -22.86
N THR A 647 -6.32 -4.52 -21.89
CA THR A 647 -7.18 -4.07 -20.80
C THR A 647 -6.49 -2.99 -19.97
N GLN A 648 -5.21 -3.18 -19.67
CA GLN A 648 -4.48 -2.18 -18.89
C GLN A 648 -4.22 -0.92 -19.70
N PHE A 649 -4.05 -1.04 -21.01
CA PHE A 649 -3.84 0.13 -21.85
C PHE A 649 -5.06 1.04 -21.86
N VAL A 650 -6.26 0.45 -21.85
CA VAL A 650 -7.48 1.25 -21.88
C VAL A 650 -7.66 2.02 -20.57
N VAL A 651 -7.42 1.36 -19.44
CA VAL A 651 -7.62 2.04 -18.16
C VAL A 651 -6.55 3.11 -17.93
N MET A 652 -5.34 2.91 -18.45
CA MET A 652 -4.31 3.93 -18.33
C MET A 652 -4.51 5.08 -19.31
N CYS A 653 -5.38 4.92 -20.31
CA CYS A 653 -5.78 6.01 -21.18
C CYS A 653 -6.91 6.82 -20.56
N GLY A 654 -7.84 6.16 -19.88
CA GLY A 654 -8.88 6.89 -19.17
C GLY A 654 -8.33 7.69 -18.01
N GLN A 655 -7.36 7.13 -17.28
CA GLN A 655 -6.73 7.87 -16.19
C GLN A 655 -5.96 9.06 -16.72
N THR A 656 -5.24 8.89 -17.83
CA THR A 656 -4.47 9.98 -18.40
C THR A 656 -5.38 11.13 -18.85
N ALA A 657 -6.51 10.81 -19.47
CA ALA A 657 -7.44 11.85 -19.90
C ALA A 657 -8.02 12.61 -18.72
N LEU A 658 -8.40 11.89 -17.65
CA LEU A 658 -8.98 12.55 -16.49
C LEU A 658 -7.96 13.43 -15.77
N VAL A 659 -6.74 12.93 -15.61
CA VAL A 659 -5.71 13.71 -14.93
C VAL A 659 -5.33 14.94 -15.73
N LEU A 660 -5.16 14.79 -17.04
CA LEU A 660 -4.75 15.92 -17.87
C LEU A 660 -5.85 16.96 -18.01
N ILE A 661 -7.12 16.53 -18.06
CA ILE A 661 -8.22 17.48 -18.19
C ILE A 661 -8.37 18.30 -16.92
N PHE A 662 -8.34 17.63 -15.77
CA PHE A 662 -8.54 18.32 -14.50
C PHE A 662 -7.34 19.17 -14.08
N MET A 663 -6.20 19.01 -14.74
CA MET A 663 -5.01 19.77 -14.38
C MET A 663 -4.75 20.95 -15.29
N ILE A 664 -5.11 20.86 -16.56
CA ILE A 664 -4.82 21.92 -17.53
C ILE A 664 -6.06 22.78 -17.76
N LEU A 665 -7.16 22.13 -18.14
CA LEU A 665 -8.40 22.88 -18.38
C LEU A 665 -8.90 23.53 -17.10
N VAL A 666 -8.83 22.82 -15.98
CA VAL A 666 -9.19 23.34 -14.67
C VAL A 666 -7.91 23.57 -13.89
N PHE A 667 -7.91 24.63 -13.07
CA PHE A 667 -6.77 25.04 -12.24
C PHE A 667 -5.66 25.66 -13.07
N GLY A 668 -5.81 25.63 -14.40
CA GLY A 668 -4.97 26.40 -15.30
C GLY A 668 -3.47 26.18 -15.22
N VAL A 669 -3.03 24.93 -15.20
CA VAL A 669 -1.60 24.64 -15.26
C VAL A 669 -1.14 24.83 -16.70
N GLN A 670 -0.10 25.64 -16.88
CA GLN A 670 0.35 26.00 -18.22
C GLN A 670 0.92 24.80 -18.96
N CYS A 671 0.65 24.75 -20.27
CA CYS A 671 1.20 23.73 -21.17
C CYS A 671 1.72 24.47 -22.40
N LYS A 672 2.99 24.88 -22.35
CA LYS A 672 3.55 25.67 -23.44
C LYS A 672 3.89 24.80 -24.65
N GLY A 673 4.35 23.57 -24.42
CA GLY A 673 4.79 22.71 -25.49
C GLY A 673 3.65 21.94 -26.15
N ASP A 674 4.03 21.00 -27.00
CA ASP A 674 3.05 20.21 -27.73
C ASP A 674 2.32 19.27 -26.79
N ILE A 675 0.99 19.23 -26.88
CA ILE A 675 0.20 18.36 -26.04
C ILE A 675 0.21 16.92 -26.55
N GLY A 676 0.53 16.70 -27.82
CA GLY A 676 0.58 15.35 -28.34
C GLY A 676 1.68 14.51 -27.70
N TRP A 677 2.86 15.09 -27.53
CA TRP A 677 3.97 14.37 -26.91
C TRP A 677 3.81 14.24 -25.40
N VAL A 678 3.03 15.09 -24.76
CA VAL A 678 2.75 14.93 -23.34
C VAL A 678 1.93 13.67 -23.10
N ILE A 679 0.94 13.42 -23.95
CA ILE A 679 0.10 12.24 -23.82
C ILE A 679 0.92 10.98 -24.06
N VAL A 680 1.79 11.00 -25.08
CA VAL A 680 2.60 9.82 -25.40
C VAL A 680 3.54 9.49 -24.25
N LEU A 681 4.19 10.51 -23.68
CA LEU A 681 5.11 10.26 -22.57
C LEU A 681 4.37 9.73 -21.34
N THR A 682 3.18 10.27 -21.07
CA THR A 682 2.41 9.80 -19.92
C THR A 682 1.97 8.35 -20.10
N ILE A 683 1.56 7.98 -21.32
CA ILE A 683 1.19 6.59 -21.59
C ILE A 683 2.41 5.68 -21.48
N LEU A 684 3.56 6.12 -22.00
CA LEU A 684 4.76 5.31 -21.95
C LEU A 684 5.18 5.01 -20.52
N GLN A 685 4.96 5.95 -19.60
CA GLN A 685 5.27 5.69 -18.19
C GLN A 685 4.29 4.70 -17.59
N GLY A 686 3.06 4.64 -18.10
CA GLY A 686 2.11 3.64 -17.63
C GLY A 686 2.54 2.23 -17.98
N LEU A 687 3.04 2.04 -19.20
CA LEU A 687 3.53 0.71 -19.60
C LEU A 687 4.80 0.34 -18.84
N CYS A 688 5.65 1.30 -18.52
CA CYS A 688 6.80 1.02 -17.69
C CYS A 688 6.39 0.59 -16.29
N GLY A 689 5.39 1.25 -15.72
CA GLY A 689 4.88 0.82 -14.43
C GLY A 689 4.20 -0.53 -14.50
N MET A 690 3.47 -0.78 -15.59
CA MET A 690 2.83 -2.08 -15.77
C MET A 690 3.86 -3.20 -15.86
N CYS A 691 4.97 -2.95 -16.57
CA CYS A 691 6.02 -3.96 -16.67
C CYS A 691 6.67 -4.24 -15.32
N PHE A 692 6.65 -3.25 -14.40
CA PHE A 692 7.12 -3.50 -13.05
C PHE A 692 6.18 -4.42 -12.29
N GLY A 693 4.89 -4.41 -12.63
CA GLY A 693 3.97 -5.36 -12.04
C GLY A 693 4.27 -6.79 -12.41
N PHE A 694 4.79 -7.01 -13.63
CA PHE A 694 5.17 -8.36 -14.04
C PHE A 694 6.30 -8.90 -13.17
N VAL A 695 7.28 -8.07 -12.87
CA VAL A 695 8.41 -8.50 -12.04
C VAL A 695 7.94 -8.84 -10.63
N ILE A 696 7.10 -7.98 -10.05
CA ILE A 696 6.62 -8.21 -8.69
C ILE A 696 5.75 -9.46 -8.63
N SER A 697 4.83 -9.61 -9.59
CA SER A 697 3.93 -10.76 -9.58
C SER A 697 4.66 -12.08 -9.86
N ALA A 698 5.80 -12.03 -10.52
CA ALA A 698 6.58 -13.24 -10.80
C ALA A 698 7.54 -13.59 -9.67
N ILE A 699 7.68 -12.74 -8.67
CA ILE A 699 8.57 -12.98 -7.54
C ILE A 699 7.80 -13.37 -6.29
N CYS A 700 6.75 -12.62 -5.96
CA CYS A 700 5.97 -12.86 -4.76
C CYS A 700 4.77 -13.75 -5.06
N GLU A 701 4.58 -14.77 -4.23
CA GLU A 701 3.44 -15.66 -4.36
C GLU A 701 2.27 -15.26 -3.48
N LEU A 702 2.52 -14.57 -2.37
CA LEU A 702 1.49 -14.09 -1.47
C LEU A 702 1.18 -12.63 -1.77
N GLU A 703 -0.09 -12.26 -1.60
CA GLU A 703 -0.49 -10.89 -1.88
C GLU A 703 0.22 -9.90 -0.97
N ARG A 704 0.26 -10.20 0.34
CA ARG A 704 0.82 -9.26 1.31
C ARG A 704 2.31 -9.03 1.09
N ASN A 705 3.03 -10.02 0.57
CA ASN A 705 4.46 -9.84 0.30
C ASN A 705 4.68 -8.86 -0.85
N ALA A 706 3.82 -8.90 -1.87
CA ALA A 706 3.99 -8.04 -3.03
C ALA A 706 3.82 -6.57 -2.69
N ILE A 707 2.87 -6.25 -1.80
CA ILE A 707 2.59 -4.86 -1.47
C ILE A 707 3.76 -4.24 -0.73
N GLN A 708 4.40 -5.01 0.16
CA GLN A 708 5.59 -4.50 0.84
C GLN A 708 6.71 -4.23 -0.15
N LEU A 709 6.89 -5.11 -1.14
CA LEU A 709 7.89 -4.88 -2.17
C LEU A 709 7.51 -3.69 -3.05
N ALA A 710 6.23 -3.51 -3.34
CA ALA A 710 5.80 -2.36 -4.13
C ALA A 710 5.93 -1.06 -3.33
N LEU A 711 5.54 -1.09 -2.06
CA LEU A 711 5.66 0.09 -1.21
C LEU A 711 7.09 0.34 -0.76
N GLY A 712 7.94 -0.68 -0.78
CA GLY A 712 9.34 -0.50 -0.41
C GLY A 712 10.17 0.22 -1.44
N SER A 713 9.66 0.38 -2.66
CA SER A 713 10.34 1.13 -3.70
C SER A 713 9.59 2.38 -4.13
N PHE A 714 8.34 2.55 -3.69
CA PHE A 714 7.58 3.75 -4.02
C PHE A 714 8.13 4.95 -3.26
N TYR A 715 8.36 4.79 -1.95
CA TYR A 715 8.89 5.90 -1.17
C TYR A 715 10.30 6.31 -1.59
N PRO A 716 11.28 5.41 -1.72
CA PRO A 716 12.62 5.85 -2.12
C PRO A 716 12.67 6.53 -3.49
N THR A 717 11.84 6.09 -4.44
CA THR A 717 11.87 6.69 -5.77
C THR A 717 11.30 8.11 -5.76
N LEU A 718 10.33 8.38 -4.90
CA LEU A 718 9.76 9.72 -4.82
C LEU A 718 10.78 10.73 -4.31
N LEU A 719 11.63 10.31 -3.36
CA LEU A 719 12.60 11.21 -2.74
C LEU A 719 13.89 11.34 -3.54
N LEU A 720 14.04 10.60 -4.64
CA LEU A 720 15.24 10.65 -5.45
C LEU A 720 15.01 11.08 -6.90
N SER A 721 13.75 11.24 -7.32
CA SER A 721 13.44 11.59 -8.70
C SER A 721 13.20 13.08 -8.88
N GLY A 722 13.41 13.89 -7.85
CA GLY A 722 13.24 15.32 -7.96
C GLY A 722 11.82 15.76 -8.27
N VAL A 723 10.85 15.20 -7.55
CA VAL A 723 9.45 15.56 -7.75
C VAL A 723 9.07 16.77 -6.90
N ILE A 724 9.44 16.77 -5.63
CA ILE A 724 9.06 17.84 -4.71
C ILE A 724 10.16 18.85 -4.48
N TRP A 725 11.40 18.56 -4.88
CA TRP A 725 12.51 19.49 -4.75
C TRP A 725 13.37 19.43 -6.00
N PRO A 726 14.02 20.53 -6.36
CA PRO A 726 14.95 20.49 -7.50
C PRO A 726 16.05 19.46 -7.28
N ILE A 727 16.43 18.80 -8.38
CA ILE A 727 17.46 17.76 -8.31
C ILE A 727 18.85 18.30 -8.02
N GLU A 728 19.01 19.64 -8.04
CA GLU A 728 20.32 20.23 -7.81
C GLU A 728 20.71 20.30 -6.33
N GLY A 729 19.79 19.98 -5.42
CA GLY A 729 20.11 20.08 -4.01
C GLY A 729 20.89 18.91 -3.47
N MET A 730 20.80 17.75 -4.12
CA MET A 730 21.46 16.55 -3.63
C MET A 730 22.97 16.63 -3.87
N PRO A 731 23.75 15.85 -3.11
CA PRO A 731 25.19 15.81 -3.36
C PRO A 731 25.51 15.27 -4.75
N THR A 732 26.73 15.54 -5.20
CA THR A 732 27.14 15.18 -6.56
C THR A 732 27.08 13.66 -6.77
N VAL A 733 27.58 12.89 -5.80
CA VAL A 733 27.56 11.44 -5.93
C VAL A 733 26.13 10.92 -6.00
N LEU A 734 25.26 11.44 -5.12
CA LEU A 734 23.85 11.05 -5.15
C LEU A 734 23.12 11.56 -6.38
N ARG A 735 23.64 12.59 -7.05
CA ARG A 735 23.00 13.10 -8.25
C ARG A 735 23.19 12.15 -9.42
N TYR A 736 24.38 11.56 -9.55
CA TYR A 736 24.63 10.64 -10.66
C TYR A 736 23.75 9.39 -10.56
N VAL A 737 23.61 8.84 -9.35
CA VAL A 737 22.86 7.61 -9.18
C VAL A 737 21.38 7.82 -9.50
N SER A 738 20.83 8.98 -9.10
CA SER A 738 19.40 9.21 -9.26
C SER A 738 18.98 9.34 -10.72
N THR A 739 19.89 9.76 -11.61
CA THR A 739 19.52 9.93 -13.01
C THR A 739 19.19 8.61 -13.69
N PHE A 740 19.59 7.49 -13.10
CA PHE A 740 19.31 6.18 -13.65
C PHE A 740 18.00 5.58 -13.13
N LEU A 741 17.29 6.29 -12.27
CA LEU A 741 16.01 5.83 -11.77
C LEU A 741 14.94 5.94 -12.85
N PRO A 742 13.89 5.11 -12.77
CA PRO A 742 12.89 5.11 -13.85
C PRO A 742 12.17 6.43 -14.05
N LEU A 743 11.93 7.20 -12.99
CA LEU A 743 11.08 8.38 -13.06
C LEU A 743 11.85 9.69 -13.06
N THR A 744 13.18 9.65 -12.97
CA THR A 744 13.94 10.89 -12.85
C THR A 744 14.01 11.63 -14.18
N LEU A 745 14.56 10.97 -15.22
CA LEU A 745 14.72 11.63 -16.51
C LEU A 745 13.38 11.89 -17.20
N ALA A 746 12.35 11.10 -16.88
CA ALA A 746 11.04 11.33 -17.47
C ALA A 746 10.37 12.57 -16.88
N THR A 747 10.53 12.78 -15.56
CA THR A 747 9.96 13.97 -14.94
C THR A 747 10.61 15.25 -15.47
N THR A 748 11.93 15.24 -15.65
CA THR A 748 12.62 16.40 -16.19
C THR A 748 12.19 16.68 -17.63
N SER A 749 12.00 15.62 -18.42
CA SER A 749 11.55 15.80 -19.81
C SER A 749 10.16 16.40 -19.85
N LEU A 750 9.25 15.91 -19.01
CA LEU A 750 7.89 16.46 -18.98
C LEU A 750 7.86 17.88 -18.46
N ARG A 751 8.73 18.20 -17.50
CA ARG A 751 8.79 19.55 -16.96
C ARG A 751 9.26 20.56 -18.00
N ALA A 752 10.10 20.13 -18.94
CA ALA A 752 10.57 21.04 -19.98
C ALA A 752 9.51 21.29 -21.04
N MET A 753 8.68 20.30 -21.35
CA MET A 753 7.61 20.48 -22.33
C MET A 753 6.46 21.33 -21.80
N LEU A 754 6.32 21.42 -20.47
CA LEU A 754 5.23 22.17 -19.88
C LEU A 754 5.62 23.60 -19.51
N THR A 755 6.81 23.78 -18.96
CA THR A 755 7.24 25.09 -18.47
C THR A 755 8.03 25.89 -19.48
N ARG A 756 8.69 25.24 -20.45
CA ARG A 756 9.50 25.93 -21.44
C ARG A 756 9.01 25.77 -22.87
N GLY A 757 8.17 24.78 -23.16
CA GLY A 757 7.71 24.58 -24.51
C GLY A 757 8.72 23.95 -25.45
N TRP A 758 9.71 23.24 -24.91
CA TRP A 758 10.72 22.61 -25.74
C TRP A 758 10.12 21.49 -26.57
N SER A 759 10.70 21.26 -27.74
CA SER A 759 10.22 20.25 -28.66
C SER A 759 10.96 18.93 -28.44
N ILE A 760 10.62 17.93 -29.26
CA ILE A 760 11.22 16.61 -29.12
C ILE A 760 12.71 16.62 -29.50
N ALA A 761 13.15 17.58 -30.32
CA ALA A 761 14.52 17.57 -30.81
C ALA A 761 15.53 17.96 -29.75
N GLU A 762 15.11 18.62 -28.67
CA GLU A 762 16.05 19.05 -27.65
C GLU A 762 16.60 17.84 -26.88
N PRO A 763 17.89 17.82 -26.57
CA PRO A 763 18.46 16.67 -25.85
C PRO A 763 17.83 16.43 -24.50
N ALA A 764 17.39 17.47 -23.80
CA ALA A 764 16.79 17.30 -22.48
C ALA A 764 15.38 16.72 -22.54
N VAL A 765 14.78 16.63 -23.72
CA VAL A 765 13.41 16.15 -23.86
C VAL A 765 13.37 14.67 -24.24
N TYR A 766 14.11 14.27 -25.26
CA TYR A 766 14.06 12.88 -25.70
C TYR A 766 14.87 11.95 -24.82
N TYR A 767 15.65 12.48 -23.87
CA TYR A 767 16.31 11.60 -22.90
C TYR A 767 15.29 10.94 -21.98
N GLY A 768 14.15 11.60 -21.74
CA GLY A 768 13.08 10.96 -20.99
C GLY A 768 12.33 9.90 -21.74
N PHE A 769 12.37 9.94 -23.08
CA PHE A 769 11.74 8.90 -23.87
C PHE A 769 12.63 7.67 -23.98
N LEU A 770 13.93 7.87 -24.14
CA LEU A 770 14.85 6.73 -24.24
C LEU A 770 15.05 6.06 -22.89
N ALA A 771 14.98 6.81 -21.79
CA ALA A 771 15.13 6.21 -20.48
C ALA A 771 13.98 5.26 -20.15
N THR A 772 12.77 5.61 -20.58
CA THR A 772 11.62 4.74 -20.32
C THR A 772 11.69 3.46 -21.15
N ILE A 773 12.11 3.57 -22.40
CA ILE A 773 12.18 2.39 -23.27
C ILE A 773 13.20 1.39 -22.74
N ILE A 774 14.35 1.89 -22.28
CA ILE A 774 15.37 1.00 -21.72
C ILE A 774 14.85 0.31 -20.47
N TRP A 775 14.17 1.06 -19.60
CA TRP A 775 13.62 0.45 -18.38
C TRP A 775 12.49 -0.52 -18.69
N ILE A 776 11.73 -0.27 -19.76
CA ILE A 776 10.69 -1.23 -20.17
C ILE A 776 11.33 -2.54 -20.60
N VAL A 777 12.40 -2.45 -21.39
CA VAL A 777 13.11 -3.66 -21.82
C VAL A 777 13.77 -4.35 -20.63
N ALA A 778 14.39 -3.56 -19.75
CA ALA A 778 15.07 -4.15 -18.59
C ALA A 778 14.08 -4.85 -17.67
N PHE A 779 12.91 -4.25 -17.46
CA PHE A 779 11.90 -4.88 -16.61
C PHE A 779 11.41 -6.19 -17.21
N LEU A 780 11.23 -6.24 -18.54
CA LEU A 780 10.76 -7.46 -19.18
C LEU A 780 11.81 -8.56 -19.09
N THR A 781 13.09 -8.22 -19.27
CA THR A 781 14.14 -9.22 -19.20
C THR A 781 14.26 -9.80 -17.79
N ILE A 782 14.11 -8.97 -16.77
CA ILE A 782 14.22 -9.46 -15.39
C ILE A 782 13.10 -10.47 -15.10
N SER A 783 11.88 -10.17 -15.54
CA SER A 783 10.77 -11.08 -15.29
C SER A 783 10.99 -12.43 -15.98
N MET A 784 11.50 -12.42 -17.20
CA MET A 784 11.78 -13.68 -17.89
C MET A 784 12.87 -14.46 -17.18
N LEU A 785 13.92 -13.78 -16.71
CA LEU A 785 14.98 -14.46 -15.98
C LEU A 785 14.47 -15.02 -14.66
N VAL A 786 13.60 -14.28 -13.98
CA VAL A 786 13.04 -14.77 -12.72
C VAL A 786 12.23 -16.04 -12.95
N LEU A 787 11.41 -16.05 -14.00
CA LEU A 787 10.59 -17.22 -14.31
C LEU A 787 11.41 -18.39 -14.84
N ARG A 788 12.69 -18.19 -15.18
CA ARG A 788 13.49 -19.28 -15.71
C ARG A 788 13.71 -20.37 -14.67
N PHE A 789 14.01 -19.99 -13.43
CA PHE A 789 14.27 -20.92 -12.35
C PHE A 789 13.21 -20.83 -11.26
N LYS A 790 11.97 -20.61 -11.66
CA LYS A 790 10.87 -20.54 -10.70
C LYS A 790 9.56 -21.01 -11.34
N HIS B 62 -24.92 -37.00 30.59
CA HIS B 62 -25.23 -36.28 29.36
C HIS B 62 -24.15 -35.25 29.03
N ALA B 63 -23.29 -35.59 28.07
CA ALA B 63 -22.24 -34.67 27.66
C ALA B 63 -22.81 -33.41 27.03
N VAL B 64 -23.80 -33.57 26.16
CA VAL B 64 -24.46 -32.39 25.50
C VAL B 64 -25.96 -32.67 25.39
N CYS B 65 -26.79 -31.65 25.60
CA CYS B 65 -28.23 -31.76 25.51
C CYS B 65 -28.77 -30.55 24.75
N VAL B 66 -29.22 -30.77 23.52
CA VAL B 66 -29.78 -29.71 22.67
C VAL B 66 -31.25 -30.03 22.45
N ARG B 67 -32.11 -29.08 22.79
CA ARG B 67 -33.55 -29.26 22.69
C ARG B 67 -34.19 -28.04 22.03
N HIS B 68 -35.03 -28.29 21.02
CA HIS B 68 -35.80 -27.24 20.35
C HIS B 68 -34.90 -26.13 19.81
N ALA B 69 -33.78 -26.51 19.21
CA ALA B 69 -32.82 -25.54 18.70
C ALA B 69 -33.35 -24.91 17.41
N PHE B 70 -33.32 -23.58 17.36
CA PHE B 70 -33.69 -22.83 16.16
C PHE B 70 -32.63 -21.77 15.89
N LYS B 71 -32.28 -21.59 14.63
CA LYS B 71 -31.28 -20.61 14.24
C LYS B 71 -31.56 -20.15 12.82
N GLN B 72 -31.43 -18.84 12.59
CA GLN B 72 -31.72 -18.24 11.30
C GLN B 72 -30.53 -17.43 10.83
N TYR B 73 -30.33 -17.39 9.52
CA TYR B 73 -29.26 -16.63 8.90
C TYR B 73 -29.80 -15.92 7.67
N GLY B 74 -29.11 -14.83 7.29
CA GLY B 74 -29.53 -14.06 6.14
C GLY B 74 -30.61 -13.05 6.47
N SER B 75 -31.17 -12.48 5.41
CA SER B 75 -32.22 -11.48 5.53
C SER B 75 -33.59 -12.12 5.39
N LYS B 76 -34.64 -11.30 5.50
CA LYS B 76 -36.00 -11.80 5.37
C LYS B 76 -36.29 -12.28 3.96
N LYS B 77 -35.72 -11.61 2.94
CA LYS B 77 -35.99 -11.99 1.56
C LYS B 77 -35.48 -13.40 1.27
N ASN B 78 -34.30 -13.74 1.77
CA ASN B 78 -33.70 -15.06 1.57
C ASN B 78 -33.27 -15.61 2.93
N PRO B 79 -34.22 -16.11 3.71
CA PRO B 79 -33.87 -16.69 5.01
C PRO B 79 -33.14 -18.02 4.84
N ASN B 80 -32.33 -18.35 5.84
CA ASN B 80 -31.56 -19.59 5.86
C ASN B 80 -31.78 -20.27 7.20
N HIS B 81 -32.58 -21.34 7.20
CA HIS B 81 -32.88 -22.09 8.41
C HIS B 81 -31.83 -23.19 8.57
N VAL B 82 -30.72 -22.84 9.21
CA VAL B 82 -29.65 -23.81 9.42
C VAL B 82 -30.09 -24.91 10.38
N LEU B 83 -30.79 -24.54 11.45
CA LEU B 83 -31.32 -25.49 12.42
C LEU B 83 -32.80 -25.21 12.63
N SER B 84 -33.58 -26.28 12.84
CA SER B 84 -35.01 -26.15 13.05
C SER B 84 -35.49 -27.36 13.85
N ASP B 85 -35.79 -27.13 15.13
CA ASP B 85 -36.27 -28.18 16.03
C ASP B 85 -35.30 -29.36 16.08
N LEU B 86 -34.09 -29.07 16.54
CA LEU B 86 -33.02 -30.07 16.63
C LEU B 86 -33.00 -30.64 18.04
N ASN B 87 -33.18 -31.96 18.14
CA ASN B 87 -33.09 -32.68 19.40
C ASN B 87 -31.91 -33.63 19.31
N MET B 88 -30.98 -33.52 20.26
CA MET B 88 -29.75 -34.30 20.23
C MET B 88 -29.22 -34.46 21.64
N THR B 89 -28.80 -35.67 21.98
CA THR B 89 -28.26 -35.97 23.30
C THR B 89 -27.02 -36.85 23.13
N VAL B 90 -25.97 -36.52 23.87
CA VAL B 90 -24.71 -37.27 23.83
C VAL B 90 -24.45 -37.79 25.23
N ALA B 91 -24.25 -39.12 25.34
CA ALA B 91 -23.92 -39.72 26.61
C ALA B 91 -22.43 -39.57 26.91
N LYS B 92 -22.05 -39.94 28.13
CA LYS B 92 -20.66 -39.83 28.56
C LYS B 92 -19.96 -41.17 28.36
N GLY B 93 -18.77 -41.13 27.76
CA GLY B 93 -18.01 -42.33 27.49
C GLY B 93 -18.34 -43.02 26.19
N THR B 94 -19.04 -42.36 25.28
CA THR B 94 -19.40 -42.94 24.00
C THR B 94 -18.90 -42.05 22.87
N ILE B 95 -18.50 -42.68 21.76
CA ILE B 95 -18.11 -41.95 20.57
C ILE B 95 -19.36 -41.61 19.77
N TYR B 96 -19.50 -40.34 19.41
CA TYR B 96 -20.68 -39.83 18.72
C TYR B 96 -20.28 -39.36 17.33
N GLY B 97 -20.98 -39.83 16.31
CA GLY B 97 -20.74 -39.44 14.94
C GLY B 97 -21.91 -38.63 14.40
N LEU B 98 -21.60 -37.46 13.87
CA LEU B 98 -22.59 -36.54 13.31
C LEU B 98 -22.36 -36.43 11.81
N LEU B 99 -23.04 -37.30 11.06
CA LEU B 99 -22.92 -37.32 9.61
C LEU B 99 -23.96 -36.41 8.98
N GLY B 100 -23.53 -35.62 8.00
CA GLY B 100 -24.41 -34.69 7.32
C GLY B 100 -24.04 -34.56 5.86
N ALA B 101 -25.03 -34.11 5.08
CA ALA B 101 -24.81 -33.96 3.64
C ALA B 101 -23.79 -32.86 3.35
N SER B 102 -23.99 -31.68 3.93
CA SER B 102 -23.11 -30.54 3.71
C SER B 102 -22.24 -30.32 4.94
N GLY B 103 -21.35 -29.34 4.84
CA GLY B 103 -20.43 -29.04 5.93
C GLY B 103 -20.67 -27.69 6.56
N CYS B 104 -21.93 -27.27 6.63
CA CYS B 104 -22.28 -25.98 7.22
C CYS B 104 -23.17 -26.14 8.45
N GLY B 105 -24.22 -26.96 8.37
CA GLY B 105 -25.07 -27.17 9.52
C GLY B 105 -24.34 -27.83 10.68
N LYS B 106 -23.50 -28.82 10.39
CA LYS B 106 -22.70 -29.45 11.43
C LYS B 106 -21.71 -28.47 12.03
N THR B 107 -21.08 -27.63 11.19
CA THR B 107 -20.17 -26.62 11.70
C THR B 107 -20.91 -25.60 12.58
N THR B 108 -22.12 -25.21 12.17
CA THR B 108 -22.91 -24.29 12.97
C THR B 108 -23.27 -24.91 14.32
N LEU B 109 -23.65 -26.19 14.32
CA LEU B 109 -23.98 -26.86 15.57
C LEU B 109 -22.77 -26.95 16.49
N LEU B 110 -21.59 -27.26 15.93
CA LEU B 110 -20.39 -27.32 16.75
C LEU B 110 -20.03 -25.95 17.31
N SER B 111 -20.19 -24.90 16.50
CA SER B 111 -19.92 -23.55 16.98
C SER B 111 -20.88 -23.14 18.08
N CYS B 112 -22.15 -23.54 17.97
CA CYS B 112 -23.09 -23.29 19.05
C CYS B 112 -22.71 -24.06 20.30
N ILE B 113 -22.24 -25.31 20.14
CA ILE B 113 -21.88 -26.13 21.28
C ILE B 113 -20.70 -25.52 22.04
N VAL B 114 -19.65 -25.10 21.30
CA VAL B 114 -18.48 -24.57 21.97
C VAL B 114 -18.76 -23.20 22.57
N GLY B 115 -19.85 -22.55 22.16
CA GLY B 115 -20.23 -21.27 22.71
C GLY B 115 -19.92 -20.06 21.85
N ARG B 116 -19.36 -20.25 20.65
CA ARG B 116 -19.05 -19.11 19.79
C ARG B 116 -20.33 -18.41 19.32
N ARG B 117 -21.35 -19.17 18.96
CA ARG B 117 -22.60 -18.61 18.47
C ARG B 117 -23.66 -18.68 19.57
N ARG B 118 -24.87 -18.23 19.23
CA ARG B 118 -25.99 -18.25 20.15
C ARG B 118 -27.26 -18.64 19.39
N LEU B 119 -28.10 -19.43 20.04
CA LEU B 119 -29.33 -19.90 19.42
C LEU B 119 -30.42 -18.84 19.55
N ASN B 120 -31.21 -18.69 18.48
CA ASN B 120 -32.37 -17.80 18.53
C ASN B 120 -33.52 -18.39 19.32
N THR B 121 -33.56 -19.71 19.47
CA THR B 121 -34.59 -20.39 20.25
C THR B 121 -34.12 -21.79 20.63
N GLY B 122 -34.20 -22.12 21.92
CA GLY B 122 -33.80 -23.41 22.42
C GLY B 122 -32.79 -23.30 23.54
N GLU B 123 -32.33 -24.46 24.00
CA GLU B 123 -31.38 -24.54 25.10
C GLU B 123 -30.28 -25.54 24.77
N ILE B 124 -29.09 -25.28 25.32
CA ILE B 124 -27.95 -26.18 25.23
C ILE B 124 -27.38 -26.36 26.62
N TRP B 125 -27.15 -27.62 27.00
CA TRP B 125 -26.57 -27.96 28.30
C TRP B 125 -25.41 -28.93 28.05
N VAL B 126 -24.20 -28.40 27.96
CA VAL B 126 -23.01 -29.18 27.64
C VAL B 126 -22.08 -29.18 28.85
N LEU B 127 -21.72 -30.38 29.31
CA LEU B 127 -20.76 -30.60 30.39
C LEU B 127 -21.21 -29.96 31.71
N GLY B 128 -22.48 -29.60 31.83
CA GLY B 128 -22.99 -29.10 33.10
C GLY B 128 -23.88 -27.88 33.02
N GLY B 129 -23.65 -27.01 32.04
CA GLY B 129 -24.43 -25.80 31.95
C GLY B 129 -24.34 -25.16 30.57
N LYS B 130 -24.91 -23.98 30.48
CA LYS B 130 -24.93 -23.26 29.21
C LYS B 130 -23.50 -22.92 28.79
N PRO B 131 -23.19 -23.01 27.50
CA PRO B 131 -21.83 -22.67 27.05
C PRO B 131 -21.48 -21.22 27.35
N GLY B 132 -20.33 -21.02 27.98
CA GLY B 132 -19.83 -19.69 28.28
C GLY B 132 -20.72 -18.88 29.21
N THR B 133 -21.18 -19.50 30.30
CA THR B 133 -22.04 -18.81 31.26
C THR B 133 -21.48 -18.84 32.68
N LYS B 134 -20.22 -19.26 32.85
CA LYS B 134 -19.54 -19.41 34.14
C LYS B 134 -20.13 -20.52 35.00
N GLY B 135 -21.17 -21.20 34.52
CA GLY B 135 -21.67 -22.38 35.21
C GLY B 135 -21.01 -23.63 34.65
N SER B 136 -20.62 -23.56 33.39
CA SER B 136 -19.88 -24.62 32.72
C SER B 136 -18.60 -24.06 32.13
N GLY B 137 -17.58 -24.92 32.07
CA GLY B 137 -16.27 -24.49 31.63
C GLY B 137 -15.92 -24.93 30.22
N VAL B 138 -16.88 -24.82 29.30
CA VAL B 138 -16.66 -25.22 27.92
C VAL B 138 -15.52 -24.43 27.30
N PRO B 139 -15.49 -23.08 27.39
CA PRO B 139 -14.28 -22.39 26.93
C PRO B 139 -13.14 -22.58 27.91
N GLY B 140 -12.19 -23.43 27.57
CA GLY B 140 -11.08 -23.68 28.45
C GLY B 140 -10.57 -25.10 28.33
N LYS B 141 -10.01 -25.58 29.45
CA LYS B 141 -9.29 -26.85 29.46
C LYS B 141 -10.22 -28.03 29.23
N ARG B 142 -11.48 -27.92 29.62
CA ARG B 142 -12.40 -29.05 29.60
C ARG B 142 -12.89 -29.43 28.21
N VAL B 143 -12.33 -28.87 27.14
CA VAL B 143 -12.77 -29.17 25.78
C VAL B 143 -11.55 -29.36 24.90
N GLY B 144 -11.68 -30.23 23.89
CA GLY B 144 -10.66 -30.36 22.87
C GLY B 144 -11.24 -30.06 21.50
N TYR B 145 -10.79 -28.98 20.87
CA TYR B 145 -11.38 -28.50 19.63
C TYR B 145 -10.39 -28.63 18.49
N MET B 146 -10.81 -29.32 17.43
CA MET B 146 -10.02 -29.43 16.20
C MET B 146 -10.82 -28.83 15.05
N PRO B 147 -10.49 -27.62 14.60
CA PRO B 147 -11.30 -26.97 13.57
C PRO B 147 -11.17 -27.66 12.22
N GLN B 148 -12.14 -27.37 11.35
CA GLN B 148 -12.13 -27.97 10.02
C GLN B 148 -10.90 -27.54 9.23
N GLU B 149 -10.55 -26.26 9.31
CA GLU B 149 -9.34 -25.75 8.66
C GLU B 149 -8.14 -25.94 9.58
N ILE B 150 -6.95 -25.86 8.98
CA ILE B 150 -5.71 -25.98 9.74
C ILE B 150 -5.42 -24.64 10.39
N ALA B 151 -5.91 -24.45 11.62
CA ALA B 151 -5.74 -23.18 12.32
C ALA B 151 -4.46 -23.21 13.17
N LEU B 152 -3.34 -23.38 12.48
CA LEU B 152 -2.03 -23.44 13.11
C LEU B 152 -1.22 -22.19 12.76
N TYR B 153 -0.20 -21.94 13.56
CA TYR B 153 0.69 -20.81 13.36
C TYR B 153 1.89 -21.23 12.52
N GLY B 154 2.15 -20.49 11.46
CA GLY B 154 3.34 -20.71 10.67
C GLY B 154 4.58 -20.27 11.42
N GLU B 155 5.74 -20.53 10.80
CA GLU B 155 7.06 -20.20 11.36
C GLU B 155 7.18 -20.61 12.83
N PHE B 156 6.45 -21.65 13.21
CA PHE B 156 6.49 -22.20 14.55
C PHE B 156 6.88 -23.67 14.47
N SER B 157 7.89 -24.07 15.23
CA SER B 157 8.22 -25.49 15.29
C SER B 157 7.13 -26.25 16.04
N ILE B 158 7.13 -27.57 15.87
CA ILE B 158 6.15 -28.39 16.57
C ILE B 158 6.31 -28.25 18.08
N LYS B 159 7.57 -28.25 18.55
CA LYS B 159 7.82 -28.06 19.98
C LYS B 159 7.33 -26.70 20.44
N GLU B 160 7.55 -25.65 19.65
CA GLU B 160 7.07 -24.33 20.03
C GLU B 160 5.56 -24.27 20.09
N THR B 161 4.88 -24.89 19.13
CA THR B 161 3.41 -24.91 19.15
C THR B 161 2.90 -25.66 20.37
N MET B 162 3.50 -26.81 20.69
CA MET B 162 3.09 -27.56 21.87
C MET B 162 3.32 -26.74 23.13
N MET B 163 4.47 -26.07 23.23
CA MET B 163 4.76 -25.26 24.41
C MET B 163 3.76 -24.12 24.55
N TYR B 164 3.45 -23.43 23.45
CA TYR B 164 2.53 -22.30 23.51
C TYR B 164 1.14 -22.75 23.95
N PHE B 165 0.64 -23.83 23.34
CA PHE B 165 -0.71 -24.28 23.70
C PHE B 165 -0.76 -24.87 25.10
N GLY B 166 0.34 -25.49 25.55
CA GLY B 166 0.38 -25.96 26.93
C GLY B 166 0.39 -24.83 27.93
N TRP B 167 1.12 -23.76 27.62
CA TRP B 167 1.10 -22.58 28.50
C TRP B 167 -0.26 -21.91 28.51
N ILE B 168 -0.96 -21.93 27.37
CA ILE B 168 -2.31 -21.34 27.34
C ILE B 168 -3.24 -22.09 28.29
N PHE B 169 -3.17 -23.41 28.28
CA PHE B 169 -4.03 -24.22 29.14
C PHE B 169 -3.56 -24.25 30.60
N GLY B 170 -2.33 -23.81 30.87
CA GLY B 170 -1.82 -23.80 32.22
C GLY B 170 -1.00 -24.99 32.63
N MET B 171 -0.60 -25.84 31.68
CA MET B 171 0.22 -27.00 31.99
C MET B 171 1.64 -26.58 32.35
N GLU B 172 2.31 -27.43 33.11
CA GLU B 172 3.71 -27.22 33.47
C GLU B 172 4.62 -27.70 32.35
N SER B 173 5.75 -27.01 32.17
CA SER B 173 6.66 -27.32 31.08
C SER B 173 7.30 -28.70 31.23
N SER B 174 7.24 -29.29 32.42
CA SER B 174 7.81 -30.63 32.60
C SER B 174 6.94 -31.71 31.96
N GLU B 175 5.62 -31.59 32.11
CA GLU B 175 4.71 -32.60 31.59
C GLU B 175 4.33 -32.38 30.13
N ILE B 176 4.63 -31.20 29.56
CA ILE B 176 4.39 -31.00 28.14
C ILE B 176 5.34 -31.86 27.30
N ASN B 177 6.58 -32.04 27.80
CA ASN B 177 7.55 -32.82 27.05
C ASN B 177 7.11 -34.27 26.91
N GLU B 178 6.56 -34.86 27.98
CA GLU B 178 6.11 -36.25 27.91
C GLU B 178 5.00 -36.41 26.88
N ARG B 179 4.03 -35.49 26.90
CA ARG B 179 2.94 -35.55 25.92
C ARG B 179 3.47 -35.37 24.51
N LEU B 180 4.43 -34.46 24.31
CA LEU B 180 4.98 -34.24 22.98
C LEU B 180 5.70 -35.47 22.47
N GLN B 181 6.52 -36.10 23.30
CA GLN B 181 7.23 -37.31 22.87
C GLN B 181 6.27 -38.47 22.63
N PHE B 182 5.19 -38.56 23.40
CA PHE B 182 4.21 -39.62 23.15
C PHE B 182 3.47 -39.38 21.82
N LEU B 183 3.04 -38.14 21.58
CA LEU B 183 2.26 -37.85 20.38
C LEU B 183 3.10 -37.91 19.13
N LEU B 184 4.39 -37.54 19.21
CA LEU B 184 5.25 -37.62 18.03
C LEU B 184 5.38 -39.05 17.53
N ASN B 185 5.57 -40.00 18.45
CA ASN B 185 5.70 -41.39 18.08
C ASN B 185 4.36 -42.00 17.69
N PHE B 186 3.29 -41.65 18.42
CA PHE B 186 1.99 -42.24 18.14
C PHE B 186 1.46 -41.83 16.77
N LEU B 187 1.60 -40.56 16.42
CA LEU B 187 1.05 -40.04 15.17
C LEU B 187 2.02 -40.12 14.00
N ASP B 188 3.25 -40.60 14.23
CA ASP B 188 4.27 -40.75 13.19
C ASP B 188 4.53 -39.40 12.50
N LEU B 189 5.04 -38.47 13.29
CA LEU B 189 5.40 -37.14 12.86
C LEU B 189 6.92 -36.99 12.77
N PRO B 190 7.42 -36.06 11.95
CA PRO B 190 8.87 -35.87 11.84
C PRO B 190 9.47 -35.20 13.07
N SER B 191 10.76 -34.88 13.01
CA SER B 191 11.44 -34.30 14.16
C SER B 191 10.78 -33.01 14.60
N GLN B 192 10.77 -32.77 15.91
CA GLN B 192 10.08 -31.63 16.49
C GLN B 192 10.69 -30.29 16.10
N ASN B 193 11.90 -30.28 15.56
CA ASN B 193 12.54 -29.02 15.18
C ASN B 193 12.07 -28.52 13.82
N ARG B 194 11.33 -29.32 13.06
CA ARG B 194 10.87 -28.90 11.74
C ARG B 194 9.73 -27.89 11.87
N LEU B 195 9.81 -26.81 11.10
CA LEU B 195 8.78 -25.78 11.14
C LEU B 195 7.46 -26.30 10.57
N VAL B 196 6.36 -25.75 11.08
CA VAL B 196 5.03 -26.18 10.64
C VAL B 196 4.83 -25.85 9.16
N LYS B 197 5.24 -24.65 8.75
CA LYS B 197 5.07 -24.22 7.36
C LYS B 197 5.87 -25.07 6.38
N ASN B 198 6.86 -25.83 6.86
CA ASN B 198 7.64 -26.71 6.00
C ASN B 198 7.04 -28.10 5.87
N LEU B 199 5.92 -28.37 6.54
CA LEU B 199 5.27 -29.66 6.48
C LEU B 199 4.19 -29.68 5.38
N SER B 200 3.80 -30.88 5.00
CA SER B 200 2.77 -31.07 3.99
C SER B 200 1.39 -30.92 4.62
N GLY B 201 0.35 -31.10 3.80
CA GLY B 201 -1.01 -30.97 4.32
C GLY B 201 -1.37 -32.04 5.33
N GLY B 202 -1.00 -33.30 5.04
CA GLY B 202 -1.29 -34.38 5.97
C GLY B 202 -0.56 -34.22 7.29
N GLN B 203 0.72 -33.84 7.24
CA GLN B 203 1.48 -33.64 8.46
C GLN B 203 0.94 -32.44 9.26
N GLN B 204 0.52 -31.38 8.56
CA GLN B 204 -0.08 -30.26 9.26
C GLN B 204 -1.38 -30.65 9.95
N ARG B 205 -2.21 -31.45 9.27
CA ARG B 205 -3.44 -31.93 9.90
C ARG B 205 -3.14 -32.83 11.08
N ARG B 206 -2.09 -33.65 10.98
CA ARG B 206 -1.69 -34.49 12.10
C ARG B 206 -1.26 -33.65 13.29
N VAL B 207 -0.51 -32.57 13.04
CA VAL B 207 -0.10 -31.67 14.12
C VAL B 207 -1.31 -31.01 14.75
N SER B 208 -2.28 -30.59 13.91
CA SER B 208 -3.50 -29.99 14.45
C SER B 208 -4.27 -30.98 15.31
N PHE B 209 -4.31 -32.24 14.90
CA PHE B 209 -4.97 -33.26 15.71
C PHE B 209 -4.24 -33.49 17.03
N ALA B 210 -2.91 -33.48 16.98
CA ALA B 210 -2.14 -33.66 18.21
C ALA B 210 -2.32 -32.49 19.17
N VAL B 211 -2.56 -31.29 18.63
CA VAL B 211 -2.78 -30.12 19.48
C VAL B 211 -3.99 -30.33 20.39
N ALA B 212 -5.04 -30.97 19.87
CA ALA B 212 -6.27 -31.18 20.62
C ALA B 212 -6.19 -32.33 21.61
N LEU B 213 -5.09 -33.08 21.64
CA LEU B 213 -4.95 -34.24 22.50
C LEU B 213 -3.92 -34.06 23.61
N MET B 214 -3.23 -32.92 23.66
CA MET B 214 -2.11 -32.80 24.58
C MET B 214 -2.54 -32.61 26.02
N HIS B 215 -3.63 -31.90 26.28
CA HIS B 215 -4.05 -31.57 27.63
C HIS B 215 -5.07 -32.55 28.20
N ASP B 216 -5.46 -33.57 27.44
CA ASP B 216 -6.38 -34.61 27.89
C ASP B 216 -7.70 -34.03 28.39
N PRO B 217 -8.53 -33.47 27.52
CA PRO B 217 -9.82 -32.95 27.97
C PRO B 217 -10.88 -34.03 28.05
N GLU B 218 -11.92 -33.75 28.82
CA GLU B 218 -13.01 -34.69 29.02
C GLU B 218 -14.10 -34.56 27.97
N LEU B 219 -13.86 -33.81 26.90
CA LEU B 219 -14.81 -33.70 25.80
C LEU B 219 -14.03 -33.32 24.54
N LEU B 220 -13.95 -34.23 23.58
CA LEU B 220 -13.23 -34.01 22.34
C LEU B 220 -14.22 -33.68 21.23
N ILE B 221 -13.97 -32.58 20.53
CA ILE B 221 -14.77 -32.18 19.37
C ILE B 221 -13.83 -32.13 18.18
N LEU B 222 -14.03 -33.04 17.23
CA LEU B 222 -13.17 -33.17 16.06
C LEU B 222 -13.97 -32.92 14.80
N ASP B 223 -13.43 -32.08 13.92
CA ASP B 223 -14.07 -31.73 12.65
C ASP B 223 -13.26 -32.36 11.51
N GLU B 224 -13.71 -33.51 11.02
CA GLU B 224 -13.06 -34.25 9.96
C GLU B 224 -11.62 -34.57 10.34
N PRO B 225 -11.40 -35.46 11.32
CA PRO B 225 -10.02 -35.76 11.73
C PRO B 225 -9.22 -36.53 10.70
N THR B 226 -9.87 -37.29 9.81
CA THR B 226 -9.19 -38.15 8.85
C THR B 226 -9.77 -37.90 7.46
N VAL B 227 -9.13 -37.02 6.70
CA VAL B 227 -9.53 -36.72 5.33
C VAL B 227 -8.56 -37.32 4.32
N GLY B 228 -7.27 -37.37 4.65
CA GLY B 228 -6.29 -37.94 3.76
C GLY B 228 -5.25 -38.75 4.50
N VAL B 229 -5.63 -39.26 5.67
CA VAL B 229 -4.70 -39.99 6.52
C VAL B 229 -4.53 -41.40 5.99
N ASP B 230 -3.31 -41.92 6.08
CA ASP B 230 -3.03 -43.27 5.62
C ASP B 230 -3.91 -44.28 6.37
N PRO B 231 -4.42 -45.32 5.68
CA PRO B 231 -5.35 -46.24 6.34
C PRO B 231 -4.80 -46.90 7.58
N LEU B 232 -3.50 -47.23 7.60
CA LEU B 232 -2.90 -47.77 8.82
C LEU B 232 -2.94 -46.75 9.95
N LEU B 233 -2.59 -45.50 9.65
CA LEU B 233 -2.68 -44.45 10.66
C LEU B 233 -4.12 -44.18 11.06
N ARG B 234 -5.06 -44.31 10.13
CA ARG B 234 -6.47 -44.19 10.48
C ARG B 234 -6.89 -45.27 11.47
N GLN B 235 -6.46 -46.50 11.23
CA GLN B 235 -6.77 -47.59 12.15
C GLN B 235 -6.15 -47.34 13.52
N SER B 236 -4.90 -46.87 13.56
CA SER B 236 -4.27 -46.57 14.84
C SER B 236 -4.99 -45.46 15.58
N ILE B 237 -5.39 -44.41 14.86
CA ILE B 237 -6.09 -43.29 15.48
C ILE B 237 -7.41 -43.75 16.05
N TRP B 238 -8.17 -44.54 15.29
CA TRP B 238 -9.46 -45.00 15.79
C TRP B 238 -9.29 -45.97 16.96
N ASN B 239 -8.26 -46.81 16.94
CA ASN B 239 -7.99 -47.68 18.08
C ASN B 239 -7.69 -46.87 19.33
N HIS B 240 -6.88 -45.82 19.20
CA HIS B 240 -6.59 -44.96 20.34
C HIS B 240 -7.85 -44.26 20.84
N LEU B 241 -8.68 -43.76 19.92
CA LEU B 241 -9.91 -43.08 20.32
C LEU B 241 -10.85 -44.01 21.06
N VAL B 242 -10.97 -45.26 20.60
CA VAL B 242 -11.80 -46.23 21.30
C VAL B 242 -11.19 -46.56 22.66
N GLN B 243 -9.87 -46.63 22.74
CA GLN B 243 -9.21 -46.95 24.00
C GLN B 243 -9.44 -45.88 25.06
N ILE B 244 -9.37 -44.60 24.68
CA ILE B 244 -9.49 -43.53 25.66
C ILE B 244 -10.92 -43.27 26.13
N THR B 245 -11.92 -43.88 25.50
CA THR B 245 -13.31 -43.63 25.84
C THR B 245 -14.00 -44.82 26.51
N LYS B 246 -13.26 -45.87 26.84
CA LYS B 246 -13.84 -47.04 27.50
C LYS B 246 -13.55 -46.97 28.99
N ASP B 247 -14.60 -47.20 29.79
CA ASP B 247 -14.50 -47.16 31.25
C ASP B 247 -13.92 -45.84 31.72
N GLY B 248 -14.40 -44.74 31.13
CA GLY B 248 -13.92 -43.42 31.45
C GLY B 248 -14.99 -42.38 31.21
N ASN B 249 -14.64 -41.13 31.52
CA ASN B 249 -15.54 -40.01 31.35
C ASN B 249 -15.28 -39.21 30.08
N LYS B 250 -14.31 -39.62 29.27
CA LYS B 250 -13.99 -38.89 28.05
C LYS B 250 -15.04 -39.16 26.98
N THR B 251 -15.45 -38.09 26.30
CA THR B 251 -16.44 -38.17 25.23
C THR B 251 -15.87 -37.56 23.96
N VAL B 252 -16.11 -38.23 22.84
CA VAL B 252 -15.59 -37.80 21.54
C VAL B 252 -16.77 -37.57 20.60
N ILE B 253 -16.76 -36.41 19.95
CA ILE B 253 -17.78 -36.06 18.96
C ILE B 253 -17.06 -35.86 17.63
N ILE B 254 -17.22 -36.81 16.71
CA ILE B 254 -16.55 -36.78 15.41
C ILE B 254 -17.53 -36.31 14.36
N THR B 255 -17.17 -35.25 13.64
CA THR B 255 -17.95 -34.73 12.53
C THR B 255 -17.20 -35.01 11.24
N THR B 256 -17.81 -35.75 10.33
CA THR B 256 -17.11 -36.17 9.13
C THR B 256 -18.09 -36.38 7.99
N HIS B 257 -17.56 -36.32 6.77
CA HIS B 257 -18.30 -36.68 5.57
C HIS B 257 -18.22 -38.15 5.23
N TYR B 258 -17.31 -38.88 5.88
CA TYR B 258 -17.19 -40.32 5.69
C TYR B 258 -18.43 -41.02 6.22
N ILE B 259 -19.30 -41.49 5.33
CA ILE B 259 -20.48 -42.23 5.77
C ILE B 259 -20.08 -43.60 6.34
N GLU B 260 -19.08 -44.24 5.72
CA GLU B 260 -18.72 -45.61 6.10
C GLU B 260 -17.63 -45.67 7.14
N GLU B 261 -16.73 -44.69 7.20
CA GLU B 261 -15.66 -44.75 8.19
C GLU B 261 -16.18 -44.56 9.60
N ALA B 262 -17.23 -43.75 9.77
CA ALA B 262 -17.82 -43.50 11.08
C ALA B 262 -18.80 -44.60 11.44
N ARG B 263 -18.28 -45.83 11.56
CA ARG B 263 -19.06 -46.98 11.96
C ARG B 263 -18.77 -47.46 13.37
N GLN B 264 -17.56 -47.21 13.88
CA GLN B 264 -17.22 -47.60 15.24
C GLN B 264 -17.85 -46.69 16.29
N ALA B 265 -18.45 -45.57 15.87
CA ALA B 265 -19.11 -44.69 16.82
C ALA B 265 -20.31 -45.39 17.46
N HIS B 266 -20.48 -45.17 18.75
CA HIS B 266 -21.54 -45.84 19.49
C HIS B 266 -22.93 -45.28 19.21
N THR B 267 -23.02 -44.11 18.56
CA THR B 267 -24.31 -43.50 18.26
C THR B 267 -24.15 -42.60 17.05
N ILE B 268 -24.99 -42.79 16.05
CA ILE B 268 -24.89 -42.06 14.78
C ILE B 268 -26.10 -41.15 14.65
N GLY B 269 -25.85 -39.87 14.40
CA GLY B 269 -26.91 -38.92 14.17
C GLY B 269 -26.89 -38.36 12.77
N LEU B 270 -27.86 -38.75 11.94
CA LEU B 270 -27.93 -38.30 10.55
C LEU B 270 -28.65 -36.98 10.49
N MET B 271 -28.02 -35.98 9.87
CA MET B 271 -28.55 -34.63 9.81
C MET B 271 -29.02 -34.31 8.39
N ARG B 272 -30.17 -33.64 8.30
CA ARG B 272 -30.74 -33.26 7.00
C ARG B 272 -31.80 -32.21 7.23
N SER B 273 -31.73 -31.12 6.45
CA SER B 273 -32.70 -30.03 6.49
C SER B 273 -32.82 -29.43 7.89
N GLY B 274 -31.69 -29.31 8.58
CA GLY B 274 -31.67 -28.68 9.88
C GLY B 274 -32.26 -29.50 11.01
N LYS B 275 -32.33 -30.82 10.85
CA LYS B 275 -32.84 -31.68 11.91
C LYS B 275 -32.22 -33.05 11.76
N LEU B 276 -32.44 -33.90 12.76
CA LEU B 276 -31.86 -35.23 12.80
C LEU B 276 -32.89 -36.24 12.31
N LEU B 277 -32.55 -36.97 11.24
CA LEU B 277 -33.47 -37.99 10.71
C LEU B 277 -33.56 -39.17 11.68
N ALA B 278 -32.42 -39.67 12.14
CA ALA B 278 -32.40 -40.81 13.05
C ALA B 278 -31.13 -40.75 13.88
N GLU B 279 -31.25 -41.11 15.15
CA GLU B 279 -30.14 -41.10 16.09
C GLU B 279 -30.17 -42.40 16.87
N GLU B 280 -29.30 -43.33 16.52
CA GLU B 280 -29.25 -44.64 17.17
C GLU B 280 -27.93 -45.31 16.83
N SER B 281 -27.74 -46.50 17.39
CA SER B 281 -26.53 -47.27 17.16
C SER B 281 -26.45 -47.71 15.69
N PRO B 282 -25.24 -47.86 15.14
CA PRO B 282 -25.13 -48.28 13.73
C PRO B 282 -25.78 -49.62 13.44
N HIS B 283 -25.42 -50.67 14.19
CA HIS B 283 -25.99 -51.98 13.93
C HIS B 283 -27.48 -52.00 14.25
N VAL B 284 -27.93 -51.23 15.24
CA VAL B 284 -29.36 -51.11 15.50
C VAL B 284 -30.07 -50.51 14.31
N LEU B 285 -29.49 -49.45 13.71
CA LEU B 285 -30.11 -48.84 12.53
C LEU B 285 -30.16 -49.84 11.37
N LEU B 286 -29.06 -50.57 11.15
CA LEU B 286 -29.03 -51.55 10.06
C LEU B 286 -30.07 -52.65 10.26
N SER B 287 -30.20 -53.15 11.49
CA SER B 287 -31.16 -54.20 11.76
C SER B 287 -32.60 -53.70 11.64
N MET B 288 -32.85 -52.47 12.12
CA MET B 288 -34.21 -51.95 12.11
C MET B 288 -34.67 -51.61 10.71
N TYR B 289 -33.83 -50.95 9.92
CA TYR B 289 -34.21 -50.55 8.57
C TYR B 289 -33.87 -51.58 7.51
N GLY B 290 -33.25 -52.69 7.89
CA GLY B 290 -33.00 -53.78 6.95
C GLY B 290 -32.13 -53.42 5.77
N CYS B 291 -31.05 -52.68 6.01
CA CYS B 291 -30.13 -52.28 4.96
C CYS B 291 -28.74 -52.82 5.25
N GLN B 292 -28.03 -53.20 4.18
CA GLN B 292 -26.72 -53.82 4.34
C GLN B 292 -25.69 -52.82 4.86
N SER B 293 -25.69 -51.60 4.32
CA SER B 293 -24.68 -50.60 4.65
C SER B 293 -25.35 -49.31 5.11
N LEU B 294 -24.53 -48.39 5.63
CA LEU B 294 -25.07 -47.16 6.22
C LEU B 294 -25.59 -46.19 5.16
N GLU B 295 -24.93 -46.12 3.99
CA GLU B 295 -25.40 -45.23 2.95
C GLU B 295 -26.78 -45.63 2.43
N GLU B 296 -27.10 -46.92 2.47
CA GLU B 296 -28.45 -47.35 2.11
C GLU B 296 -29.48 -46.82 3.10
N VAL B 297 -29.15 -46.83 4.39
CA VAL B 297 -30.04 -46.26 5.39
C VAL B 297 -30.19 -44.76 5.18
N PHE B 298 -29.07 -44.08 4.94
CA PHE B 298 -29.11 -42.64 4.69
C PHE B 298 -29.83 -42.31 3.38
N LEU B 299 -29.93 -43.27 2.46
CA LEU B 299 -30.62 -43.05 1.20
C LEU B 299 -32.12 -43.24 1.39
N LYS B 300 -32.70 -42.54 2.36
CA LYS B 300 -34.12 -42.63 2.65
C LYS B 300 -34.80 -41.32 2.27
N LEU B 301 -36.06 -41.42 1.82
CA LEU B 301 -36.82 -40.27 1.35
C LEU B 301 -37.78 -39.74 2.41
N SER B 302 -37.40 -39.85 3.69
CA SER B 302 -38.22 -39.39 4.80
C SER B 302 -39.61 -40.02 4.80
N SER B 390 -4.08 -15.75 35.82
CA SER B 390 -4.54 -15.25 34.52
C SER B 390 -3.43 -14.50 33.81
N TRP B 391 -2.21 -14.60 34.35
CA TRP B 391 -1.05 -13.94 33.76
C TRP B 391 -0.21 -14.88 32.90
N GLY B 392 -0.45 -16.19 32.97
CA GLY B 392 0.27 -17.11 32.12
C GLY B 392 -0.14 -17.05 30.67
N LYS B 393 -1.37 -16.61 30.39
CA LYS B 393 -1.82 -16.45 29.01
C LYS B 393 -1.24 -15.21 28.36
N ILE B 394 -1.05 -14.13 29.13
CA ILE B 394 -0.46 -12.92 28.58
C ILE B 394 1.01 -13.15 28.24
N LYS B 395 1.73 -13.85 29.11
CA LYS B 395 3.13 -14.16 28.83
C LYS B 395 3.27 -15.11 27.65
N ALA B 396 2.29 -15.99 27.45
CA ALA B 396 2.30 -16.86 26.28
C ALA B 396 1.95 -16.11 25.00
N LEU B 397 1.04 -15.13 25.08
CA LEU B 397 0.67 -14.36 23.91
C LEU B 397 1.74 -13.34 23.54
N LEU B 398 2.44 -12.76 24.52
CA LEU B 398 3.49 -11.80 24.21
C LEU B 398 4.66 -12.47 23.51
N GLN B 399 5.05 -13.66 23.95
CA GLN B 399 6.14 -14.37 23.30
C GLN B 399 5.77 -14.77 21.87
N LYS B 400 4.53 -15.19 21.66
CA LYS B 400 4.09 -15.55 20.32
C LYS B 400 4.14 -14.37 19.38
N ASN B 401 3.68 -13.19 19.85
CA ASN B 401 3.63 -12.02 18.99
C ASN B 401 5.03 -11.57 18.57
N PHE B 402 5.98 -11.56 19.50
CA PHE B 402 7.33 -11.12 19.18
C PHE B 402 8.03 -12.12 18.26
N LEU B 403 7.82 -13.41 18.50
CA LEU B 403 8.47 -14.44 17.69
C LEU B 403 7.85 -14.56 16.30
N ARG B 404 6.61 -14.09 16.13
CA ARG B 404 5.98 -14.12 14.81
C ARG B 404 6.54 -13.06 13.87
N MET B 405 7.23 -12.04 14.40
CA MET B 405 7.89 -11.04 13.58
C MET B 405 9.37 -11.32 13.39
N TRP B 406 10.01 -12.02 14.33
CA TRP B 406 11.42 -12.35 14.20
C TRP B 406 11.66 -13.34 13.07
N ARG B 407 10.71 -14.22 12.81
CA ARG B 407 10.85 -15.24 11.76
C ARG B 407 10.35 -14.78 10.41
N ASN B 408 9.90 -13.52 10.29
CA ASN B 408 9.51 -12.94 9.01
C ASN B 408 10.52 -11.84 8.70
N VAL B 409 11.49 -12.17 7.84
CA VAL B 409 12.56 -11.22 7.51
C VAL B 409 11.99 -10.01 6.79
N GLY B 410 11.05 -10.24 5.87
CA GLY B 410 10.47 -9.13 5.13
C GLY B 410 9.73 -8.15 6.02
N VAL B 411 9.05 -8.65 7.04
CA VAL B 411 8.32 -7.78 7.96
C VAL B 411 9.29 -6.90 8.75
N MET B 412 10.39 -7.48 9.23
CA MET B 412 11.36 -6.71 10.01
C MET B 412 12.00 -5.62 9.17
N LEU B 413 12.34 -5.92 7.91
CA LEU B 413 12.91 -4.90 7.04
C LEU B 413 11.90 -3.81 6.70
N PHE B 414 10.61 -4.15 6.64
CA PHE B 414 9.60 -3.18 6.26
C PHE B 414 9.30 -2.18 7.37
N ILE B 415 9.38 -2.62 8.63
CA ILE B 415 8.99 -1.78 9.77
C ILE B 415 10.18 -1.26 10.57
N PHE B 416 11.39 -1.76 10.33
CA PHE B 416 12.56 -1.31 11.07
C PHE B 416 13.71 -0.85 10.20
N ALA B 417 13.71 -1.18 8.90
CA ALA B 417 14.76 -0.73 8.00
C ALA B 417 14.27 0.28 6.96
N LEU B 418 12.96 0.39 6.76
CA LEU B 418 12.40 1.35 5.82
C LEU B 418 12.38 2.76 6.41
N PRO B 419 11.95 2.95 7.67
CA PRO B 419 12.07 4.30 8.25
C PRO B 419 13.50 4.82 8.30
N VAL B 420 14.47 3.94 8.53
CA VAL B 420 15.86 4.39 8.56
C VAL B 420 16.30 4.86 7.17
N MET B 421 15.93 4.12 6.13
CA MET B 421 16.30 4.51 4.78
C MET B 421 15.49 5.69 4.26
N GLN B 422 14.26 5.88 4.75
CA GLN B 422 13.47 7.02 4.33
C GLN B 422 13.97 8.31 4.97
N VAL B 423 14.38 8.25 6.24
CA VAL B 423 14.90 9.43 6.92
C VAL B 423 16.21 9.88 6.29
N ILE B 424 17.10 8.93 5.98
CA ILE B 424 18.40 9.26 5.41
C ILE B 424 18.24 9.92 4.06
N LEU B 425 17.38 9.36 3.20
CA LEU B 425 17.18 9.92 1.87
C LEU B 425 16.55 11.30 1.93
N PHE B 426 15.58 11.50 2.84
CA PHE B 426 14.92 12.80 2.95
C PHE B 426 15.90 13.88 3.40
N CYS B 427 16.76 13.57 4.36
CA CYS B 427 17.69 14.56 4.89
C CYS B 427 18.83 14.88 3.93
N LEU B 428 19.02 14.10 2.87
CA LEU B 428 20.10 14.31 1.92
C LEU B 428 19.65 14.87 0.59
N ALA B 429 18.34 14.91 0.32
CA ALA B 429 17.84 15.32 -0.98
C ALA B 429 16.85 16.48 -0.91
N ILE B 430 15.99 16.53 0.09
CA ILE B 430 14.92 17.52 0.17
C ILE B 430 15.32 18.63 1.11
N GLY B 431 15.17 19.87 0.66
CA GLY B 431 15.40 21.04 1.47
C GLY B 431 16.74 21.71 1.28
N ARG B 432 17.72 21.02 0.71
CA ARG B 432 19.05 21.59 0.55
C ARG B 432 19.07 22.61 -0.58
N ASP B 433 19.98 23.58 -0.45
CA ASP B 433 20.11 24.65 -1.45
C ASP B 433 20.81 24.13 -2.70
N PRO B 434 20.40 24.57 -3.88
CA PRO B 434 21.13 24.20 -5.11
C PRO B 434 22.57 24.70 -5.07
N THR B 435 23.47 23.89 -5.62
CA THR B 435 24.90 24.20 -5.56
C THR B 435 25.61 23.87 -6.87
N GLY B 436 24.94 24.03 -8.00
CA GLY B 436 25.57 23.75 -9.28
C GLY B 436 25.14 24.68 -10.40
N LEU B 437 24.53 25.80 -10.05
CA LEU B 437 23.99 26.71 -11.04
C LEU B 437 25.13 27.36 -11.83
N LYS B 438 24.92 27.48 -13.15
CA LYS B 438 25.91 28.05 -14.06
C LYS B 438 25.38 29.34 -14.65
N LEU B 439 26.23 30.36 -14.70
CA LEU B 439 25.87 31.67 -15.23
C LEU B 439 26.80 32.01 -16.39
N ALA B 440 26.25 32.61 -17.43
CA ALA B 440 26.99 32.96 -18.64
C ALA B 440 27.37 34.44 -18.56
N ILE B 441 28.62 34.71 -18.22
CA ILE B 441 29.09 36.07 -17.97
C ILE B 441 29.72 36.62 -19.25
N VAL B 442 29.31 37.82 -19.64
CA VAL B 442 29.86 38.51 -20.79
C VAL B 442 30.52 39.79 -20.27
N ASN B 443 31.84 39.78 -20.21
CA ASN B 443 32.61 40.94 -19.75
C ASN B 443 33.36 41.52 -20.94
N HIS B 444 33.02 42.75 -21.30
CA HIS B 444 33.64 43.42 -22.43
C HIS B 444 34.80 44.31 -22.04
N GLU B 445 35.14 44.37 -20.75
CA GLU B 445 36.29 45.14 -20.29
C GLU B 445 37.59 44.33 -20.33
N LYS B 446 37.52 43.03 -20.63
CA LYS B 446 38.69 42.18 -20.69
C LYS B 446 38.63 41.33 -21.96
N ASN B 447 39.81 40.92 -22.43
CA ASN B 447 39.89 40.11 -23.64
C ASN B 447 39.32 38.72 -23.39
N TYR B 448 38.78 38.13 -24.45
CA TYR B 448 38.21 36.78 -24.38
C TYR B 448 39.30 35.76 -24.67
N THR B 449 39.53 34.85 -23.73
CA THR B 449 40.58 33.85 -23.85
C THR B 449 40.03 32.44 -23.98
N ASN B 450 39.11 32.05 -23.10
CA ASN B 450 38.53 30.72 -23.12
C ASN B 450 37.11 30.79 -22.58
N GLN B 451 36.43 29.65 -22.58
CA GLN B 451 35.13 29.56 -21.94
C GLN B 451 35.24 29.39 -20.43
N SER B 452 36.42 29.06 -19.92
CA SER B 452 36.63 28.87 -18.49
C SER B 452 37.65 29.83 -17.89
N TYR B 453 38.21 30.74 -18.69
CA TYR B 453 39.20 31.70 -18.21
C TYR B 453 38.87 33.09 -18.70
N GLN B 454 39.05 34.08 -17.83
CA GLN B 454 38.85 35.48 -18.16
C GLN B 454 39.99 36.39 -17.71
N GLU B 455 40.80 35.96 -16.74
CA GLU B 455 41.87 36.78 -16.16
C GLU B 455 41.28 38.05 -15.54
N CYS B 456 40.53 37.82 -14.46
CA CYS B 456 39.89 38.89 -13.69
C CYS B 456 40.91 39.41 -12.68
N SER B 457 41.46 40.58 -12.95
CA SER B 457 42.44 41.21 -12.07
C SER B 457 42.06 42.67 -11.86
N PHE B 458 42.28 43.16 -10.64
CA PHE B 458 41.93 44.52 -10.29
C PHE B 458 42.71 44.92 -9.04
N ASP B 459 42.77 46.22 -8.77
CA ASP B 459 43.41 46.72 -7.58
C ASP B 459 42.44 46.71 -6.41
N TYR B 460 42.94 46.34 -5.23
CA TYR B 460 42.07 46.18 -4.07
C TYR B 460 41.94 47.45 -3.25
N GLY B 461 42.92 48.35 -3.32
CA GLY B 461 42.90 49.53 -2.50
C GLY B 461 41.87 50.57 -2.88
N CYS B 462 42.07 51.24 -4.01
CA CYS B 462 41.23 52.37 -4.38
C CYS B 462 41.38 52.62 -5.87
N LYS B 463 40.98 53.82 -6.32
CA LYS B 463 41.10 54.31 -7.69
C LYS B 463 40.13 53.65 -8.65
N PHE B 464 39.41 52.62 -8.19
CA PHE B 464 38.32 51.98 -8.93
C PHE B 464 38.76 51.65 -10.36
N SER B 465 39.70 50.71 -10.45
CA SER B 465 40.28 50.37 -11.75
C SER B 465 39.25 49.79 -12.69
N TYR B 466 38.63 48.67 -12.31
CA TYR B 466 37.75 47.95 -13.22
C TYR B 466 36.31 47.88 -12.73
N LEU B 467 36.07 47.50 -11.48
CA LEU B 467 34.77 47.45 -10.84
C LEU B 467 33.83 46.43 -11.47
N SER B 468 34.24 45.70 -12.50
CA SER B 468 33.47 44.59 -13.05
C SER B 468 34.02 43.25 -12.59
N CYS B 469 35.35 43.08 -12.61
CA CYS B 469 35.96 41.93 -11.98
C CYS B 469 35.95 42.04 -10.45
N ARG B 470 35.78 43.26 -9.93
CA ARG B 470 35.66 43.44 -8.48
C ARG B 470 34.29 42.98 -7.99
N TYR B 471 33.23 43.28 -8.74
CA TYR B 471 31.90 42.82 -8.35
C TYR B 471 31.81 41.31 -8.41
N LEU B 472 32.38 40.68 -9.44
CA LEU B 472 32.36 39.24 -9.56
C LEU B 472 33.15 38.55 -8.46
N ASN B 473 34.11 39.26 -7.85
CA ASN B 473 34.89 38.67 -6.76
C ASN B 473 34.03 38.38 -5.54
N ASN B 474 33.00 39.21 -5.30
CA ASN B 474 32.13 39.02 -4.16
C ASN B 474 31.03 38.01 -4.41
N LEU B 475 30.88 37.52 -5.64
CA LEU B 475 29.86 36.53 -5.94
C LEU B 475 30.16 35.23 -5.19
N ARG B 476 29.11 34.59 -4.68
CA ARG B 476 29.28 33.39 -3.88
C ARG B 476 29.79 32.25 -4.75
N ASN B 477 30.84 31.57 -4.27
CA ASN B 477 31.45 30.48 -5.01
C ASN B 477 30.71 29.15 -4.84
N SER B 478 29.83 29.05 -3.85
CA SER B 478 29.19 27.77 -3.56
C SER B 478 28.11 27.42 -4.59
N THR B 479 27.31 28.40 -5.01
CA THR B 479 26.12 28.12 -5.80
C THR B 479 26.24 28.50 -7.26
N ILE B 480 27.17 29.38 -7.63
CA ILE B 480 27.24 29.94 -8.97
C ILE B 480 28.58 29.57 -9.59
N LEU B 481 28.54 28.96 -10.78
CA LEU B 481 29.71 28.70 -11.59
C LEU B 481 29.77 29.71 -12.73
N LYS B 482 30.98 30.09 -13.11
CA LYS B 482 31.21 31.18 -14.05
C LYS B 482 31.61 30.63 -15.41
N GLU B 483 30.90 31.06 -16.45
CA GLU B 483 31.23 30.78 -17.84
C GLU B 483 31.30 32.09 -18.59
N TYR B 484 32.15 32.13 -19.62
CA TYR B 484 32.43 33.37 -20.34
C TYR B 484 32.11 33.21 -21.81
N TYR B 485 31.40 34.19 -22.36
CA TYR B 485 31.00 34.23 -23.76
C TYR B 485 31.37 35.59 -24.34
N PRO B 486 31.66 35.65 -25.64
CA PRO B 486 32.15 36.92 -26.22
C PRO B 486 31.07 37.91 -26.59
N ASP B 487 29.83 37.48 -26.76
CA ASP B 487 28.78 38.35 -27.27
C ASP B 487 27.53 38.19 -26.40
N PRO B 488 26.80 39.27 -26.14
CA PRO B 488 25.50 39.13 -25.46
C PRO B 488 24.52 38.27 -26.23
N GLU B 489 24.56 38.31 -27.56
CA GLU B 489 23.70 37.44 -28.36
C GLU B 489 24.12 35.98 -28.26
N SER B 490 25.41 35.73 -28.03
CA SER B 490 25.89 34.36 -27.86
C SER B 490 25.67 33.83 -26.46
N ALA B 491 25.34 34.68 -25.49
CA ALA B 491 25.06 34.26 -24.13
C ALA B 491 23.60 33.85 -23.95
N VAL B 492 22.68 34.59 -24.56
CA VAL B 492 21.26 34.24 -24.49
C VAL B 492 21.00 32.92 -25.19
N ASP B 493 21.72 32.65 -26.28
CA ASP B 493 21.56 31.38 -26.97
C ASP B 493 21.96 30.20 -26.09
N ALA B 494 22.90 30.41 -25.17
CA ALA B 494 23.24 29.36 -24.21
C ALA B 494 22.17 29.21 -23.14
N VAL B 495 21.56 30.32 -22.71
CA VAL B 495 20.46 30.24 -21.74
C VAL B 495 19.23 29.62 -22.37
N LYS B 496 18.99 29.88 -23.67
CA LYS B 496 17.83 29.30 -24.33
C LYS B 496 17.92 27.78 -24.40
N GLN B 497 19.13 27.24 -24.42
CA GLN B 497 19.34 25.80 -24.28
C GLN B 497 19.59 25.48 -22.81
N GLY B 498 19.99 24.25 -22.53
CA GLY B 498 20.26 23.86 -21.16
C GLY B 498 21.71 24.03 -20.75
N HIS B 499 22.32 25.16 -21.12
CA HIS B 499 23.74 25.39 -20.86
C HIS B 499 24.01 26.45 -19.81
N ALA B 500 23.03 27.26 -19.44
CA ALA B 500 23.24 28.30 -18.44
C ALA B 500 21.89 28.67 -17.83
N TRP B 501 21.96 29.36 -16.69
CA TRP B 501 20.76 29.83 -16.00
C TRP B 501 20.58 31.34 -16.08
N GLY B 502 21.52 32.05 -16.69
CA GLY B 502 21.38 33.49 -16.79
C GLY B 502 22.56 34.10 -17.53
N ALA B 503 22.51 35.42 -17.67
CA ALA B 503 23.57 36.20 -18.29
C ALA B 503 23.76 37.49 -17.52
N LEU B 504 24.95 38.09 -17.66
CA LEU B 504 25.26 39.30 -16.92
C LEU B 504 25.58 40.49 -17.81
N TYR B 505 26.49 40.33 -18.78
CA TYR B 505 26.75 41.36 -19.80
C TYR B 505 27.15 42.71 -19.18
N PHE B 506 28.35 42.76 -18.60
CA PHE B 506 28.93 44.04 -18.23
C PHE B 506 29.33 44.82 -19.48
N THR B 507 28.94 46.09 -19.54
CA THR B 507 29.21 46.91 -20.71
C THR B 507 30.70 47.28 -20.76
N GLU B 508 31.15 47.69 -21.94
CA GLU B 508 32.57 48.01 -22.13
C GLU B 508 33.00 49.25 -21.36
N ASN B 509 32.07 50.12 -20.99
CA ASN B 509 32.36 51.31 -20.21
C ASN B 509 31.63 51.27 -18.87
N PHE B 510 31.64 50.11 -18.22
CA PHE B 510 30.93 49.95 -16.96
C PHE B 510 31.63 50.69 -15.83
N THR B 511 32.95 50.72 -15.84
CA THR B 511 33.70 51.34 -14.75
C THR B 511 33.47 52.84 -14.69
N ASP B 512 33.64 53.52 -15.82
CA ASP B 512 33.51 54.98 -15.82
C ASP B 512 32.06 55.42 -15.66
N ALA B 513 31.11 54.63 -16.17
CA ALA B 513 29.70 54.98 -16.00
C ALA B 513 29.27 54.78 -14.55
N LEU B 514 29.79 53.75 -13.88
CA LEU B 514 29.42 53.51 -12.48
C LEU B 514 30.10 54.51 -11.56
N VAL B 515 31.39 54.80 -11.81
CA VAL B 515 32.11 55.75 -10.96
C VAL B 515 31.48 57.14 -11.04
N ALA B 516 31.11 57.56 -12.26
CA ALA B 516 30.46 58.85 -12.44
C ALA B 516 29.03 58.85 -11.91
N ARG B 517 28.47 57.70 -11.55
CA ARG B 517 27.11 57.62 -11.03
C ARG B 517 27.07 57.79 -9.52
N MET B 518 27.98 57.13 -8.79
CA MET B 518 28.02 57.30 -7.33
C MET B 518 28.44 58.72 -6.96
N ALA B 519 29.48 59.24 -7.62
CA ALA B 519 29.95 60.58 -7.31
C ALA B 519 28.92 61.64 -7.66
N LEU B 520 28.24 61.48 -8.80
CA LEU B 520 27.23 62.42 -9.27
C LEU B 520 25.87 61.74 -9.13
N GLY B 521 25.22 61.98 -7.99
CA GLY B 521 23.94 61.36 -7.71
C GLY B 521 22.78 62.33 -7.71
N LYS B 522 21.57 61.81 -7.90
CA LYS B 522 20.32 62.56 -7.84
C LYS B 522 20.17 63.47 -9.06
N ASP B 523 21.22 63.57 -9.87
CA ASP B 523 21.16 64.39 -11.08
C ASP B 523 21.88 63.72 -12.25
N ALA B 524 22.10 62.42 -12.20
CA ALA B 524 22.80 61.73 -13.27
C ALA B 524 21.97 61.71 -14.55
N ASP B 525 22.64 61.92 -15.68
CA ASP B 525 21.96 61.91 -16.96
C ASP B 525 21.49 60.50 -17.31
N PRO B 526 20.46 60.39 -18.16
CA PRO B 526 19.99 59.05 -18.54
C PRO B 526 21.05 58.20 -19.24
N GLU B 527 22.05 58.82 -19.87
CA GLU B 527 23.12 58.05 -20.49
C GLU B 527 23.93 57.29 -19.45
N THR B 528 24.29 57.96 -18.35
CA THR B 528 25.05 57.31 -17.30
C THR B 528 24.22 56.24 -16.60
N LEU B 529 22.96 56.53 -16.31
CA LEU B 529 22.09 55.55 -15.65
C LEU B 529 21.86 54.32 -16.51
N ASP B 530 21.97 54.44 -17.83
CA ASP B 530 21.77 53.31 -18.72
C ASP B 530 23.04 52.52 -18.98
N GLN B 531 24.21 53.14 -18.86
CA GLN B 531 25.44 52.38 -19.20
C GLN B 531 26.17 51.99 -17.93
N SER B 532 25.54 52.17 -16.77
CA SER B 532 26.15 51.75 -15.51
C SER B 532 25.32 50.67 -14.82
N GLU B 533 24.48 49.95 -15.56
CA GLU B 533 23.63 48.92 -14.99
C GLU B 533 23.98 47.57 -15.59
N VAL B 534 23.78 46.52 -14.80
CA VAL B 534 24.02 45.16 -15.22
C VAL B 534 22.71 44.57 -15.73
N ARG B 535 22.75 43.97 -16.91
CA ARG B 535 21.56 43.42 -17.55
C ARG B 535 21.53 41.91 -17.35
N VAL B 536 20.54 41.43 -16.60
CA VAL B 536 20.43 40.02 -16.24
C VAL B 536 19.20 39.45 -16.92
N TRP B 537 19.39 38.41 -17.72
CA TRP B 537 18.30 37.63 -18.31
C TRP B 537 18.29 36.27 -17.62
N LEU B 538 17.22 36.01 -16.87
CA LEU B 538 17.16 34.82 -16.02
C LEU B 538 16.13 33.82 -16.54
N ASP B 539 16.47 32.55 -16.38
CA ASP B 539 15.54 31.45 -16.66
C ASP B 539 14.72 31.22 -15.40
N MET B 540 13.48 31.71 -15.40
CA MET B 540 12.63 31.69 -14.22
C MET B 540 11.56 30.61 -14.26
N SER B 541 11.79 29.55 -15.04
CA SER B 541 10.84 28.44 -15.05
C SER B 541 10.84 27.66 -13.75
N ASN B 542 11.97 27.67 -13.02
CA ASN B 542 12.08 27.01 -11.73
C ASN B 542 11.99 28.07 -10.64
N GLN B 543 11.04 27.90 -9.71
CA GLN B 543 10.84 28.92 -8.68
C GLN B 543 11.97 28.91 -7.66
N GLN B 544 12.37 27.73 -7.19
CA GLN B 544 13.38 27.67 -6.13
C GLN B 544 14.74 28.09 -6.65
N ILE B 545 15.10 27.71 -7.87
CA ILE B 545 16.37 28.14 -8.45
C ILE B 545 16.34 29.62 -8.77
N GLY B 546 15.21 30.10 -9.30
CA GLY B 546 15.09 31.52 -9.61
C GLY B 546 15.19 32.41 -8.39
N ILE B 547 14.68 31.94 -7.25
CA ILE B 547 14.80 32.70 -6.01
C ILE B 547 16.27 32.79 -5.58
N ILE B 548 17.00 31.68 -5.68
CA ILE B 548 18.40 31.67 -5.26
C ILE B 548 19.23 32.62 -6.12
N LEU B 549 19.02 32.57 -7.44
CA LEU B 549 19.81 33.40 -8.34
C LEU B 549 19.55 34.88 -8.12
N GLN B 550 18.28 35.26 -7.94
CA GLN B 550 17.95 36.66 -7.67
C GLN B 550 18.50 37.11 -6.33
N ARG B 551 18.39 36.26 -5.30
CA ARG B 551 18.87 36.62 -3.98
C ARG B 551 20.39 36.76 -3.95
N ASP B 552 21.09 35.85 -4.61
CA ASP B 552 22.56 35.90 -4.59
C ASP B 552 23.10 37.04 -5.42
N LEU B 553 22.39 37.46 -6.47
CA LEU B 553 22.88 38.55 -7.30
C LEU B 553 22.72 39.91 -6.61
N GLN B 554 21.70 40.05 -5.76
CA GLN B 554 21.48 41.30 -5.04
C GLN B 554 22.23 41.34 -3.71
N LEU B 555 22.41 40.19 -3.06
CA LEU B 555 23.20 40.17 -1.83
C LEU B 555 24.68 40.41 -2.11
N SER B 556 25.15 39.97 -3.28
CA SER B 556 26.55 40.20 -3.63
C SER B 556 26.82 41.67 -3.93
N TYR B 557 25.82 42.39 -4.43
CA TYR B 557 26.00 43.82 -4.68
C TYR B 557 26.11 44.60 -3.38
N GLN B 558 25.43 44.15 -2.31
CA GLN B 558 25.54 44.82 -1.02
C GLN B 558 26.97 44.74 -0.49
N ASP B 559 27.59 43.56 -0.58
CA ASP B 559 28.98 43.43 -0.15
C ASP B 559 29.90 44.28 -1.02
N PHE B 560 29.65 44.30 -2.33
CA PHE B 560 30.45 45.14 -3.22
C PHE B 560 30.26 46.62 -2.90
N ALA B 561 29.02 47.03 -2.62
CA ALA B 561 28.78 48.43 -2.27
C ALA B 561 29.37 48.78 -0.91
N LYS B 562 29.29 47.86 0.06
CA LYS B 562 29.88 48.09 1.37
C LYS B 562 31.39 48.00 1.35
N ASP B 563 31.99 47.50 0.27
CA ASP B 563 33.43 47.46 0.13
C ASP B 563 33.96 48.67 -0.63
N LEU B 564 33.20 49.16 -1.61
CA LEU B 564 33.63 50.35 -2.36
C LEU B 564 33.73 51.56 -1.45
N LEU B 565 32.75 51.76 -0.58
CA LEU B 565 32.83 52.76 0.47
C LEU B 565 33.14 52.08 1.79
N GLY B 566 34.20 52.53 2.44
CA GLY B 566 34.77 51.81 3.56
C GLY B 566 36.24 51.53 3.31
N ALA B 567 36.56 51.22 2.05
CA ALA B 567 37.94 51.20 1.61
C ALA B 567 38.44 52.60 1.27
N CYS B 568 37.53 53.57 1.12
CA CYS B 568 37.86 54.97 0.93
C CYS B 568 37.50 55.80 2.16
N GLU B 569 37.52 55.18 3.33
CA GLU B 569 37.28 55.84 4.62
C GLU B 569 35.88 56.47 4.67
N GLN B 570 34.88 55.61 4.54
CA GLN B 570 33.49 56.01 4.69
C GLN B 570 32.75 54.95 5.50
N ASN B 571 31.68 55.37 6.17
CA ASN B 571 30.91 54.44 6.98
C ASN B 571 30.07 53.54 6.09
N PRO B 572 30.12 52.22 6.26
CA PRO B 572 29.33 51.31 5.42
C PRO B 572 27.83 51.42 5.64
N ASP B 573 27.36 52.22 6.60
CA ASP B 573 25.94 52.35 6.86
C ASP B 573 25.22 53.21 5.83
N LEU B 574 25.95 53.86 4.92
CA LEU B 574 25.32 54.67 3.88
C LEU B 574 24.84 53.84 2.70
N ALA B 575 25.16 52.56 2.66
CA ALA B 575 24.82 51.69 1.53
C ALA B 575 23.76 50.66 1.92
N GLU B 576 22.77 51.07 2.72
CA GLU B 576 21.69 50.19 3.14
C GLU B 576 20.35 50.85 2.89
N ILE B 577 19.38 50.02 2.51
CA ILE B 577 18.00 50.46 2.27
C ILE B 577 17.37 50.82 3.61
N PRO B 578 16.48 51.82 3.66
CA PRO B 578 15.88 52.19 4.95
C PRO B 578 15.18 51.06 5.67
N ILE B 579 14.71 50.04 4.96
CA ILE B 579 14.10 48.88 5.60
C ILE B 579 15.21 48.06 6.23
N SER B 580 15.41 48.22 7.53
CA SER B 580 16.49 47.56 8.25
C SER B 580 15.93 46.36 9.00
N PHE B 581 16.49 45.19 8.73
CA PHE B 581 16.04 43.96 9.36
C PHE B 581 16.91 43.67 10.58
N LYS B 582 16.30 43.68 11.76
CA LYS B 582 17.01 43.40 13.00
C LYS B 582 17.24 41.89 13.14
N GLU B 583 17.79 41.50 14.28
CA GLU B 583 18.05 40.09 14.53
C GLU B 583 16.74 39.33 14.63
N PRO B 584 16.58 38.21 13.92
CA PRO B 584 15.31 37.48 13.96
C PRO B 584 14.99 36.99 15.36
N ILE B 585 13.70 37.03 15.70
CA ILE B 585 13.26 36.54 17.00
C ILE B 585 13.41 35.03 17.08
N TYR B 586 12.97 34.32 16.05
CA TYR B 586 13.08 32.87 15.99
C TYR B 586 13.83 32.47 14.72
N GLY B 587 14.61 31.40 14.82
CA GLY B 587 15.40 30.98 13.69
C GLY B 587 16.58 31.91 13.44
N SER B 588 17.02 31.94 12.18
CA SER B 588 18.13 32.78 11.77
C SER B 588 17.78 33.45 10.44
N ASN B 589 18.70 34.24 9.93
CA ASN B 589 18.48 34.93 8.67
C ASN B 589 18.59 34.01 7.46
N LYS B 590 19.06 32.77 7.64
CA LYS B 590 19.18 31.80 6.57
C LYS B 590 18.51 30.51 7.00
N PRO B 591 17.18 30.43 6.87
CA PRO B 591 16.46 29.21 7.24
C PRO B 591 16.62 28.14 6.18
N SER B 592 16.18 26.94 6.53
CA SER B 592 16.27 25.78 5.64
C SER B 592 14.90 25.14 5.49
N PHE B 593 14.63 24.63 4.29
CA PHE B 593 13.34 24.00 4.04
C PHE B 593 13.22 22.63 4.67
N THR B 594 14.34 21.91 4.82
CA THR B 594 14.29 20.58 5.43
C THR B 594 13.92 20.63 6.91
N ASP B 595 14.05 21.80 7.55
CA ASP B 595 13.58 21.95 8.93
C ASP B 595 12.08 22.15 9.01
N PHE B 596 11.46 22.64 7.94
CA PHE B 596 10.01 22.80 7.91
C PHE B 596 9.29 21.47 7.69
N VAL B 597 9.88 20.57 6.92
CA VAL B 597 9.24 19.30 6.61
C VAL B 597 9.60 18.18 7.59
N ALA B 598 10.68 18.35 8.35
CA ALA B 598 11.09 17.32 9.30
C ALA B 598 10.02 17.01 10.36
N PRO B 599 9.35 17.98 10.99
CA PRO B 599 8.29 17.61 11.94
C PRO B 599 7.16 16.81 11.32
N GLY B 600 6.81 17.07 10.06
CA GLY B 600 5.74 16.32 9.43
C GLY B 600 6.15 14.92 9.00
N VAL B 601 7.44 14.72 8.72
CA VAL B 601 7.91 13.39 8.33
C VAL B 601 7.87 12.43 9.51
N ILE B 602 8.23 12.92 10.70
CA ILE B 602 8.26 12.06 11.89
C ILE B 602 6.87 11.52 12.19
N LEU B 603 5.87 12.39 12.17
CA LEU B 603 4.51 11.96 12.51
C LEU B 603 3.92 11.07 11.44
N THR B 604 4.20 11.37 10.17
CA THR B 604 3.63 10.58 9.07
C THR B 604 4.16 9.15 9.08
N ILE B 605 5.44 8.97 9.35
CA ILE B 605 6.03 7.63 9.34
C ILE B 605 5.45 6.78 10.47
N VAL B 606 5.39 7.35 11.68
CA VAL B 606 4.93 6.58 12.83
C VAL B 606 3.43 6.30 12.74
N PHE B 607 2.65 7.31 12.37
CA PHE B 607 1.20 7.14 12.31
C PHE B 607 0.79 6.10 11.27
N PHE B 608 1.39 6.16 10.08
CA PHE B 608 0.95 5.35 8.96
C PHE B 608 1.63 4.00 8.89
N LEU B 609 2.66 3.75 9.69
CA LEU B 609 3.24 2.41 9.79
C LEU B 609 2.61 1.59 10.90
N ALA B 610 1.76 2.19 11.73
CA ALA B 610 0.98 1.44 12.71
C ALA B 610 -0.36 1.00 12.15
N VAL B 611 -0.93 1.76 11.21
CA VAL B 611 -2.16 1.35 10.54
C VAL B 611 -1.91 0.07 9.74
N ALA B 612 -0.79 0.02 9.01
CA ALA B 612 -0.49 -1.16 8.21
C ALA B 612 -0.23 -2.38 9.08
N LEU B 613 0.50 -2.20 10.18
CA LEU B 613 0.84 -3.34 11.03
C LEU B 613 -0.37 -3.84 11.81
N THR B 614 -1.18 -2.94 12.35
CA THR B 614 -2.32 -3.36 13.17
C THR B 614 -3.41 -4.00 12.32
N SER B 615 -3.74 -3.39 11.18
CA SER B 615 -4.80 -3.93 10.34
C SER B 615 -4.44 -5.30 9.79
N SER B 616 -3.20 -5.46 9.33
CA SER B 616 -2.78 -6.74 8.77
C SER B 616 -2.73 -7.82 9.84
N ALA B 617 -2.22 -7.49 11.02
CA ALA B 617 -2.10 -8.50 12.08
C ALA B 617 -3.47 -9.02 12.51
N LEU B 618 -4.48 -8.15 12.55
CA LEU B 618 -5.81 -8.56 12.98
C LEU B 618 -6.65 -9.14 11.86
N ILE B 619 -6.20 -9.05 10.61
CA ILE B 619 -6.99 -9.57 9.50
C ILE B 619 -6.51 -10.95 9.07
N ILE B 620 -5.21 -11.13 8.83
CA ILE B 620 -4.69 -12.44 8.46
C ILE B 620 -4.90 -13.44 9.58
N GLU B 621 -4.67 -13.02 10.83
CA GLU B 621 -4.83 -13.93 11.96
C GLU B 621 -6.29 -14.34 12.13
N ARG B 622 -7.22 -13.41 11.92
CA ARG B 622 -8.64 -13.73 12.07
C ARG B 622 -9.17 -14.57 10.92
N MET B 623 -8.65 -14.37 9.71
CA MET B 623 -9.19 -15.05 8.54
C MET B 623 -9.02 -16.57 8.64
N GLU B 624 -7.86 -17.02 9.10
CA GLU B 624 -7.58 -18.45 9.18
C GLU B 624 -8.02 -19.06 10.51
N GLY B 625 -8.92 -18.41 11.22
CA GLY B 625 -9.50 -18.99 12.42
C GLY B 625 -8.57 -19.11 13.61
N LEU B 626 -7.52 -18.28 13.69
CA LEU B 626 -6.61 -18.35 14.82
C LEU B 626 -7.24 -17.76 16.08
N LEU B 627 -8.02 -16.68 15.93
CA LEU B 627 -8.76 -16.15 17.08
C LEU B 627 -9.80 -17.14 17.58
N ASP B 628 -10.47 -17.84 16.67
CA ASP B 628 -11.49 -18.80 17.08
C ASP B 628 -10.88 -19.98 17.83
N ARG B 629 -9.66 -20.37 17.48
CA ARG B 629 -9.02 -21.51 18.15
C ARG B 629 -8.52 -21.13 19.55
N SER B 630 -8.07 -19.90 19.74
CA SER B 630 -7.54 -19.41 21.04
C SER B 630 -8.67 -18.97 21.94
N TRP B 631 -9.82 -18.63 21.39
CA TRP B 631 -10.98 -18.28 22.21
C TRP B 631 -11.57 -19.52 22.87
N VAL B 632 -11.63 -20.64 22.15
CA VAL B 632 -12.10 -21.88 22.72
C VAL B 632 -11.15 -22.36 23.81
N ALA B 633 -9.85 -22.10 23.65
CA ALA B 633 -8.85 -22.51 24.64
C ALA B 633 -8.99 -21.76 25.96
N GLY B 634 -9.79 -20.69 26.00
CA GLY B 634 -10.00 -19.94 27.22
C GLY B 634 -9.42 -18.55 27.25
N VAL B 635 -8.89 -18.06 26.13
CA VAL B 635 -8.29 -16.73 26.07
C VAL B 635 -9.41 -15.72 25.83
N THR B 636 -9.66 -14.88 26.82
CA THR B 636 -10.72 -13.88 26.72
C THR B 636 -10.34 -12.82 25.70
N PRO B 637 -11.34 -12.15 25.10
CA PRO B 637 -11.03 -11.08 24.14
C PRO B 637 -10.23 -9.94 24.75
N GLY B 638 -10.34 -9.71 26.05
CA GLY B 638 -9.56 -8.67 26.69
C GLY B 638 -8.06 -8.96 26.68
N GLU B 639 -7.69 -10.23 26.85
CA GLU B 639 -6.28 -10.59 26.86
C GLU B 639 -5.68 -10.53 25.46
N ILE B 640 -6.49 -10.75 24.42
CA ILE B 640 -5.99 -10.62 23.05
C ILE B 640 -5.70 -9.16 22.73
N LEU B 641 -6.61 -8.26 23.11
CA LEU B 641 -6.42 -6.84 22.82
C LEU B 641 -5.27 -6.26 23.63
N PHE B 642 -5.16 -6.64 24.91
CA PHE B 642 -4.10 -6.11 25.75
C PHE B 642 -2.73 -6.55 25.26
N SER B 643 -2.60 -7.81 24.84
CA SER B 643 -1.30 -8.30 24.37
C SER B 643 -0.88 -7.63 23.07
N HIS B 644 -1.83 -7.31 22.19
CA HIS B 644 -1.49 -6.65 20.94
C HIS B 644 -1.07 -5.21 21.16
N VAL B 645 -1.72 -4.52 22.10
CA VAL B 645 -1.36 -3.13 22.41
C VAL B 645 0.05 -3.07 22.97
N VAL B 646 0.40 -3.99 23.87
CA VAL B 646 1.74 -4.00 24.44
C VAL B 646 2.78 -4.28 23.37
N THR B 647 2.50 -5.24 22.48
CA THR B 647 3.43 -5.55 21.41
C THR B 647 3.61 -4.38 20.46
N GLN B 648 2.52 -3.72 20.09
CA GLN B 648 2.60 -2.58 19.18
C GLN B 648 3.30 -1.39 19.84
N PHE B 649 3.05 -1.19 21.13
CA PHE B 649 3.69 -0.08 21.85
C PHE B 649 5.21 -0.24 21.86
N VAL B 650 5.70 -1.46 22.08
CA VAL B 650 7.14 -1.70 22.07
C VAL B 650 7.70 -1.53 20.67
N VAL B 651 6.95 -1.95 19.65
CA VAL B 651 7.40 -1.80 18.26
C VAL B 651 7.52 -0.32 17.92
N MET B 652 6.51 0.48 18.27
CA MET B 652 6.54 1.90 17.97
C MET B 652 7.54 2.66 18.83
N CYS B 653 8.01 2.08 19.92
CA CYS B 653 9.05 2.73 20.71
C CYS B 653 10.41 2.62 20.02
N GLY B 654 10.68 1.48 19.37
CA GLY B 654 11.91 1.36 18.62
C GLY B 654 11.94 2.24 17.39
N GLN B 655 10.81 2.37 16.70
CA GLN B 655 10.75 3.23 15.51
C GLN B 655 10.99 4.68 15.87
N THR B 656 10.44 5.15 16.99
CA THR B 656 10.65 6.53 17.41
C THR B 656 12.12 6.80 17.72
N ALA B 657 12.80 5.85 18.35
CA ALA B 657 14.20 6.04 18.68
C ALA B 657 15.07 6.15 17.43
N LEU B 658 14.82 5.29 16.45
CA LEU B 658 15.63 5.31 15.22
C LEU B 658 15.39 6.59 14.42
N VAL B 659 14.14 7.01 14.29
CA VAL B 659 13.82 8.22 13.53
C VAL B 659 14.42 9.44 14.21
N LEU B 660 14.28 9.54 15.54
CA LEU B 660 14.77 10.72 16.24
C LEU B 660 16.29 10.77 16.29
N ILE B 661 16.96 9.62 16.40
CA ILE B 661 18.41 9.61 16.48
C ILE B 661 19.03 10.08 15.18
N PHE B 662 18.56 9.53 14.05
CA PHE B 662 19.16 9.87 12.77
C PHE B 662 18.86 11.31 12.36
N MET B 663 17.64 11.78 12.64
CA MET B 663 17.26 13.11 12.21
C MET B 663 17.91 14.21 13.06
N ILE B 664 18.16 13.94 14.34
CA ILE B 664 18.67 14.95 15.26
C ILE B 664 20.17 14.78 15.51
N LEU B 665 20.59 13.58 15.93
CA LEU B 665 21.98 13.37 16.32
C LEU B 665 22.91 13.30 15.12
N VAL B 666 22.45 12.78 13.99
CA VAL B 666 23.30 12.54 12.82
C VAL B 666 23.21 13.68 11.83
N PHE B 667 22.01 14.02 11.38
CA PHE B 667 21.83 15.03 10.34
C PHE B 667 21.64 16.43 10.89
N GLY B 668 21.71 16.61 12.21
CA GLY B 668 21.77 17.95 12.79
C GLY B 668 20.53 18.80 12.60
N VAL B 669 19.35 18.23 12.81
CA VAL B 669 18.11 19.01 12.86
C VAL B 669 17.95 19.52 14.28
N GLN B 670 17.92 20.83 14.45
CA GLN B 670 17.92 21.43 15.78
C GLN B 670 16.62 21.12 16.51
N CYS B 671 16.74 20.87 17.81
CA CYS B 671 15.60 20.65 18.71
C CYS B 671 15.71 21.68 19.83
N LYS B 672 15.15 22.86 19.59
CA LYS B 672 15.26 23.96 20.54
C LYS B 672 14.33 23.81 21.74
N GLY B 673 13.30 22.96 21.64
CA GLY B 673 12.35 22.77 22.71
C GLY B 673 12.71 21.59 23.60
N ASP B 674 11.75 21.22 24.44
CA ASP B 674 11.93 20.09 25.34
C ASP B 674 11.95 18.78 24.56
N ILE B 675 12.95 17.94 24.84
CA ILE B 675 13.04 16.65 24.16
C ILE B 675 12.13 15.61 24.79
N GLY B 676 11.76 15.77 26.07
CA GLY B 676 10.87 14.81 26.69
C GLY B 676 9.48 14.82 26.10
N TRP B 677 8.93 16.01 25.85
CA TRP B 677 7.58 16.13 25.31
C TRP B 677 7.49 15.75 23.85
N VAL B 678 8.60 15.84 23.10
CA VAL B 678 8.59 15.41 21.70
C VAL B 678 8.39 13.91 21.61
N ILE B 679 9.05 13.14 22.48
CA ILE B 679 8.91 11.70 22.47
C ILE B 679 7.50 11.30 22.86
N VAL B 680 6.90 12.02 23.81
CA VAL B 680 5.54 11.71 24.25
C VAL B 680 4.55 11.95 23.12
N LEU B 681 4.69 13.07 22.40
CA LEU B 681 3.77 13.36 21.30
C LEU B 681 3.92 12.35 20.17
N THR B 682 5.15 11.95 19.86
CA THR B 682 5.37 10.98 18.79
C THR B 682 4.73 9.64 19.13
N ILE B 683 4.84 9.21 20.39
CA ILE B 683 4.23 7.96 20.81
C ILE B 683 2.70 8.07 20.77
N LEU B 684 2.15 9.22 21.18
CA LEU B 684 0.70 9.40 21.14
C LEU B 684 0.15 9.31 19.72
N GLN B 685 0.95 9.69 18.73
CA GLN B 685 0.51 9.54 17.35
C GLN B 685 0.52 8.09 16.91
N GLY B 686 1.43 7.28 17.47
CA GLY B 686 1.43 5.86 17.17
C GLY B 686 0.19 5.15 17.69
N LEU B 687 -0.24 5.50 18.90
CA LEU B 687 -1.47 4.93 19.44
C LEU B 687 -2.69 5.37 18.63
N CYS B 688 -2.72 6.62 18.20
CA CYS B 688 -3.82 7.10 17.37
C CYS B 688 -3.87 6.36 16.04
N GLY B 689 -2.71 6.09 15.45
CA GLY B 689 -2.67 5.32 14.23
C GLY B 689 -3.12 3.88 14.43
N MET B 690 -2.74 3.28 15.56
CA MET B 690 -3.15 1.91 15.84
C MET B 690 -4.66 1.81 16.00
N CYS B 691 -5.28 2.79 16.66
CA CYS B 691 -6.73 2.78 16.81
C CYS B 691 -7.44 2.91 15.47
N PHE B 692 -6.83 3.59 14.50
CA PHE B 692 -7.39 3.60 13.16
C PHE B 692 -7.29 2.23 12.50
N GLY B 693 -6.25 1.46 12.83
CA GLY B 693 -6.18 0.09 12.34
C GLY B 693 -7.30 -0.78 12.86
N PHE B 694 -7.76 -0.51 14.08
CA PHE B 694 -8.90 -1.25 14.62
C PHE B 694 -10.15 -1.03 13.78
N VAL B 695 -10.38 0.22 13.34
CA VAL B 695 -11.54 0.51 12.51
C VAL B 695 -11.45 -0.20 11.18
N ILE B 696 -10.27 -0.18 10.55
CA ILE B 696 -10.10 -0.82 9.25
C ILE B 696 -10.29 -2.32 9.36
N SER B 697 -9.70 -2.95 10.38
CA SER B 697 -9.81 -4.39 10.53
C SER B 697 -11.23 -4.82 10.89
N ALA B 698 -11.99 -3.96 11.56
CA ALA B 698 -13.37 -4.28 11.92
C ALA B 698 -14.34 -4.07 10.78
N ILE B 699 -13.94 -3.35 9.73
CA ILE B 699 -14.80 -3.08 8.58
C ILE B 699 -14.51 -4.04 7.43
N CYS B 700 -13.24 -4.18 7.07
CA CYS B 700 -12.85 -5.03 5.95
C CYS B 700 -12.56 -6.45 6.42
N GLU B 701 -12.78 -7.40 5.51
CA GLU B 701 -12.51 -8.81 5.78
C GLU B 701 -11.44 -9.41 4.89
N LEU B 702 -11.05 -8.74 3.80
CA LEU B 702 -10.03 -9.21 2.88
C LEU B 702 -8.86 -8.26 2.89
N GLU B 703 -7.67 -8.80 2.63
CA GLU B 703 -6.46 -7.97 2.63
C GLU B 703 -6.50 -6.90 1.55
N ARG B 704 -6.95 -7.27 0.34
CA ARG B 704 -6.95 -6.33 -0.77
C ARG B 704 -7.93 -5.17 -0.57
N ASN B 705 -8.91 -5.33 0.31
CA ASN B 705 -9.86 -4.26 0.58
C ASN B 705 -9.39 -3.31 1.67
N ALA B 706 -8.68 -3.82 2.68
CA ALA B 706 -8.22 -2.96 3.77
C ALA B 706 -7.19 -1.95 3.29
N ILE B 707 -6.26 -2.39 2.44
CA ILE B 707 -5.20 -1.51 1.97
C ILE B 707 -5.74 -0.43 1.04
N GLN B 708 -6.74 -0.77 0.22
CA GLN B 708 -7.40 0.25 -0.59
C GLN B 708 -8.06 1.30 0.31
N LEU B 709 -8.67 0.87 1.41
CA LEU B 709 -9.22 1.81 2.38
C LEU B 709 -8.10 2.54 3.13
N ALA B 710 -7.01 1.83 3.44
CA ALA B 710 -5.89 2.46 4.14
C ALA B 710 -5.17 3.46 3.25
N LEU B 711 -4.88 3.06 2.00
CA LEU B 711 -4.23 3.99 1.07
C LEU B 711 -5.20 5.07 0.58
N GLY B 712 -6.51 4.81 0.63
CA GLY B 712 -7.47 5.81 0.23
C GLY B 712 -7.56 6.99 1.16
N SER B 713 -7.08 6.85 2.39
CA SER B 713 -7.04 7.94 3.35
C SER B 713 -5.62 8.45 3.62
N PHE B 714 -4.59 7.70 3.21
CA PHE B 714 -3.22 8.15 3.42
C PHE B 714 -2.88 9.30 2.47
N TYR B 715 -3.28 9.18 1.20
CA TYR B 715 -2.98 10.25 0.23
C TYR B 715 -3.66 11.57 0.58
N PRO B 716 -4.98 11.63 0.84
CA PRO B 716 -5.59 12.95 1.11
C PRO B 716 -5.06 13.64 2.36
N THR B 717 -4.69 12.88 3.39
CA THR B 717 -4.22 13.51 4.62
C THR B 717 -2.86 14.17 4.43
N LEU B 718 -2.01 13.62 3.58
CA LEU B 718 -0.71 14.22 3.32
C LEU B 718 -0.84 15.59 2.66
N LEU B 719 -1.82 15.76 1.79
CA LEU B 719 -2.03 17.01 1.07
C LEU B 719 -2.91 17.99 1.82
N LEU B 720 -3.45 17.60 2.98
CA LEU B 720 -4.35 18.45 3.74
C LEU B 720 -3.85 18.82 5.13
N SER B 721 -2.84 18.14 5.65
CA SER B 721 -2.32 18.39 6.99
C SER B 721 -1.16 19.38 6.99
N GLY B 722 -0.80 19.94 5.85
CA GLY B 722 0.25 20.94 5.79
C GLY B 722 1.62 20.44 6.17
N VAL B 723 2.01 19.28 5.63
CA VAL B 723 3.33 18.73 5.88
C VAL B 723 4.36 19.27 4.90
N ILE B 724 4.05 19.24 3.60
CA ILE B 724 4.99 19.66 2.57
C ILE B 724 4.77 21.10 2.12
N TRP B 725 3.84 21.81 2.73
CA TRP B 725 3.59 23.20 2.40
C TRP B 725 2.87 23.87 3.56
N PRO B 726 3.10 25.16 3.80
CA PRO B 726 2.40 25.83 4.90
C PRO B 726 0.89 25.77 4.74
N ILE B 727 0.19 25.65 5.86
CA ILE B 727 -1.26 25.56 5.84
C ILE B 727 -1.90 26.89 5.43
N GLU B 728 -1.13 27.97 5.39
CA GLU B 728 -1.67 29.26 4.99
C GLU B 728 -1.96 29.35 3.50
N GLY B 729 -1.49 28.39 2.70
CA GLY B 729 -1.72 28.46 1.27
C GLY B 729 -3.12 28.07 0.84
N MET B 730 -3.78 27.18 1.59
CA MET B 730 -5.10 26.72 1.20
C MET B 730 -6.14 27.82 1.40
N PRO B 731 -7.26 27.74 0.69
CA PRO B 731 -8.34 28.71 0.92
C PRO B 731 -8.93 28.56 2.31
N THR B 732 -9.62 29.63 2.75
CA THR B 732 -10.14 29.67 4.11
C THR B 732 -11.14 28.54 4.36
N VAL B 733 -11.99 28.23 3.38
CA VAL B 733 -12.98 27.18 3.56
C VAL B 733 -12.30 25.83 3.76
N LEU B 734 -11.29 25.54 2.94
CA LEU B 734 -10.56 24.28 3.10
C LEU B 734 -9.70 24.29 4.35
N ARG B 735 -9.27 25.47 4.80
CA ARG B 735 -8.44 25.55 5.99
C ARG B 735 -9.20 25.11 7.23
N TYR B 736 -10.48 25.48 7.34
CA TYR B 736 -11.27 25.08 8.49
C TYR B 736 -11.47 23.57 8.53
N VAL B 737 -11.75 22.95 7.38
CA VAL B 737 -11.96 21.51 7.34
C VAL B 737 -10.66 20.77 7.66
N SER B 738 -9.54 21.23 7.09
CA SER B 738 -8.28 20.54 7.27
C SER B 738 -7.77 20.59 8.70
N THR B 739 -8.22 21.55 9.50
CA THR B 739 -7.77 21.64 10.89
C THR B 739 -8.20 20.42 11.69
N PHE B 740 -9.42 19.93 11.46
CA PHE B 740 -9.96 18.81 12.23
C PHE B 740 -9.36 17.47 11.83
N LEU B 741 -8.48 17.43 10.84
CA LEU B 741 -7.85 16.18 10.45
C LEU B 741 -6.89 15.70 11.54
N PRO B 742 -6.65 14.39 11.63
CA PRO B 742 -5.84 13.87 12.74
C PRO B 742 -4.43 14.44 12.83
N LEU B 743 -3.77 14.66 11.70
CA LEU B 743 -2.36 15.02 11.68
C LEU B 743 -2.11 16.50 11.51
N THR B 744 -3.16 17.32 11.45
CA THR B 744 -2.97 18.75 11.19
C THR B 744 -2.49 19.49 12.44
N LEU B 745 -3.25 19.39 13.53
CA LEU B 745 -2.87 20.09 14.75
C LEU B 745 -1.66 19.46 15.43
N ALA B 746 -1.41 18.17 15.20
CA ALA B 746 -0.24 17.53 15.78
C ALA B 746 1.05 17.98 15.10
N THR B 747 1.01 18.14 13.77
CA THR B 747 2.18 18.62 13.05
C THR B 747 2.54 20.04 13.46
N THR B 748 1.54 20.90 13.63
CA THR B 748 1.79 22.27 14.06
C THR B 748 2.39 22.31 15.46
N SER B 749 1.89 21.47 16.36
CA SER B 749 2.40 21.44 17.72
C SER B 749 3.86 20.99 17.75
N LEU B 750 4.20 19.96 16.98
CA LEU B 750 5.57 19.47 16.96
C LEU B 750 6.51 20.45 16.25
N ARG B 751 6.01 21.17 15.24
CA ARG B 751 6.85 22.14 14.54
C ARG B 751 7.24 23.29 15.46
N ALA B 752 6.32 23.76 16.30
CA ALA B 752 6.63 24.83 17.22
C ALA B 752 7.58 24.40 18.33
N MET B 753 7.62 23.10 18.65
CA MET B 753 8.55 22.61 19.66
C MET B 753 9.97 22.56 19.14
N LEU B 754 10.15 22.19 17.87
CA LEU B 754 11.48 22.02 17.29
C LEU B 754 12.06 23.32 16.75
N THR B 755 11.24 24.16 16.13
CA THR B 755 11.73 25.36 15.46
C THR B 755 11.73 26.60 16.34
N ARG B 756 10.83 26.67 17.33
CA ARG B 756 10.72 27.85 18.19
C ARG B 756 11.11 27.58 19.63
N GLY B 757 11.01 26.34 20.11
CA GLY B 757 11.32 26.03 21.48
C GLY B 757 10.20 26.27 22.47
N TRP B 758 8.96 26.32 22.01
CA TRP B 758 7.83 26.56 22.91
C TRP B 758 7.61 25.36 23.83
N SER B 759 7.00 25.64 24.98
CA SER B 759 6.73 24.63 25.98
C SER B 759 5.26 24.21 25.93
N ILE B 760 4.88 23.32 26.85
CA ILE B 760 3.52 22.79 26.87
C ILE B 760 2.49 23.82 27.31
N ALA B 761 2.92 24.95 27.88
CA ALA B 761 1.98 25.96 28.36
C ALA B 761 1.43 26.84 27.25
N GLU B 762 2.00 26.77 26.04
CA GLU B 762 1.52 27.60 24.94
C GLU B 762 0.30 26.97 24.28
N PRO B 763 -0.72 27.76 23.96
CA PRO B 763 -1.92 27.19 23.33
C PRO B 763 -1.66 26.47 22.03
N ALA B 764 -0.70 26.96 21.23
CA ALA B 764 -0.41 26.32 19.95
C ALA B 764 0.33 25.00 20.11
N VAL B 765 0.78 24.65 21.31
CA VAL B 765 1.53 23.43 21.54
C VAL B 765 0.64 22.32 22.10
N TYR B 766 -0.17 22.63 23.12
CA TYR B 766 -1.01 21.60 23.71
C TYR B 766 -2.32 21.40 22.95
N TYR B 767 -2.61 22.21 21.94
CA TYR B 767 -3.75 21.92 21.08
C TYR B 767 -3.54 20.68 20.23
N GLY B 768 -2.29 20.34 19.94
CA GLY B 768 -1.99 19.10 19.25
C GLY B 768 -1.99 17.88 20.14
N PHE B 769 -1.95 18.07 21.46
CA PHE B 769 -2.11 16.95 22.38
C PHE B 769 -3.58 16.61 22.58
N LEU B 770 -4.44 17.62 22.64
CA LEU B 770 -5.88 17.37 22.78
C LEU B 770 -6.47 16.78 21.50
N ALA B 771 -5.95 17.18 20.33
CA ALA B 771 -6.47 16.64 19.08
C ALA B 771 -6.21 15.14 18.97
N THR B 772 -5.04 14.68 19.41
CA THR B 772 -4.74 13.26 19.36
C THR B 772 -5.58 12.48 20.37
N ILE B 773 -5.80 13.05 21.55
CA ILE B 773 -6.57 12.35 22.58
C ILE B 773 -8.02 12.16 22.12
N ILE B 774 -8.62 13.20 21.54
CA ILE B 774 -9.99 13.10 21.06
C ILE B 774 -10.08 12.09 19.92
N TRP B 775 -9.10 12.10 19.00
CA TRP B 775 -9.13 11.18 17.88
C TRP B 775 -8.89 9.74 18.32
N ILE B 776 -8.16 9.53 19.41
CA ILE B 776 -8.01 8.18 19.95
C ILE B 776 -9.35 7.67 20.45
N VAL B 777 -10.10 8.51 21.17
CA VAL B 777 -11.41 8.11 21.68
C VAL B 777 -12.39 7.89 20.53
N ALA B 778 -12.40 8.79 19.54
CA ALA B 778 -13.34 8.67 18.43
C ALA B 778 -13.10 7.40 17.63
N PHE B 779 -11.83 7.05 17.40
CA PHE B 779 -11.52 5.83 16.66
C PHE B 779 -11.93 4.59 17.43
N LEU B 780 -11.83 4.62 18.77
CA LEU B 780 -12.25 3.47 19.57
C LEU B 780 -13.77 3.35 19.58
N THR B 781 -14.48 4.48 19.66
CA THR B 781 -15.94 4.44 19.65
C THR B 781 -16.48 3.90 18.33
N ILE B 782 -15.89 4.33 17.22
CA ILE B 782 -16.34 3.87 15.91
C ILE B 782 -16.13 2.37 15.77
N SER B 783 -14.99 1.87 16.24
CA SER B 783 -14.73 0.43 16.15
C SER B 783 -15.72 -0.39 16.95
N MET B 784 -16.19 0.14 18.09
CA MET B 784 -17.19 -0.58 18.87
C MET B 784 -18.57 -0.52 18.21
N LEU B 785 -18.91 0.63 17.60
CA LEU B 785 -20.18 0.74 16.91
C LEU B 785 -20.22 -0.14 15.67
N VAL B 786 -19.08 -0.26 14.98
CA VAL B 786 -19.02 -1.12 13.79
C VAL B 786 -19.29 -2.56 14.15
N LEU B 787 -18.68 -3.04 15.24
CA LEU B 787 -18.89 -4.41 15.69
C LEU B 787 -20.27 -4.63 16.32
N ARG B 788 -20.99 -3.55 16.64
CA ARG B 788 -22.31 -3.70 17.25
C ARG B 788 -23.31 -4.30 16.26
N PHE B 789 -23.37 -3.77 15.05
CA PHE B 789 -24.29 -4.26 14.03
C PHE B 789 -23.64 -5.21 13.04
N LYS B 790 -22.35 -5.52 13.20
CA LYS B 790 -21.66 -6.43 12.30
C LYS B 790 -20.87 -7.48 13.08
#